data_6A2U
#
_entry.id   6A2U
#
_cell.length_a   110.521
_cell.length_b   110.521
_cell.length_c   524.877
_cell.angle_alpha   90.000
_cell.angle_beta   90.000
_cell.angle_gamma   120.000
#
_symmetry.space_group_name_H-M   'P 65 2 2'
#
loop_
_entity.id
_entity.type
_entity.pdbx_description
1 polymer 'Twin-arginine translocation pathway signal'
2 polymer 'Glucose dehydrogenase'
3 non-polymer 'FLAVIN-ADENINE DINUCLEOTIDE'
4 non-polymer 'FE3-S4 CLUSTER'
5 water water
#
loop_
_entity_poly.entity_id
_entity_poly.type
_entity_poly.pdbx_seq_one_letter_code
_entity_poly.pdbx_strand_id
1 'polypeptide(L)'
;DNPGTAPLDTFMTLSESLTGKKGLSRVIGERLLQALQKGSFKTADSLPQLAGALASGSLTPEQESLALTILEAWYLGIVD
NVVITYEEALMFGVVSDTLVIRSYCPNKPGFWADKPIERQA
;
A,C
2 'polypeptide(L)'
;MADTDTQKADVVVVGSGVAGAIVAHQLAMAGKAVILLEAGPRMPRWEIVERFRNQPDKMDFMAPYPSSPWAPHPEYGPPN
DYLILKGEHKFNSQYIRAVGGTTWHWAASAWRFIPNDFKMKSVYGVGRDWPIQYDDLEPYYQRAEEELGVWGPGPEEDLY
SPRKQPYPMPPLPLSFNEQTIKTALNNYDPKFHVVTEPVARNSRPYDGRPTCCGNNNCMPICPIGAMYNGIVHVEKAERA
GAKLIENAVVYKLETGPDKRIVAALYKDKTGAEHRVEGKYFVLAANGIETPKILLMSANRDFPNGVANSSDMVGRNLMDH
PGTGVSFYASEKLWPGRGPQEMTSLIGFRDGPFRATEAAKKIHLSNLSRIDQETQKIFKAGKLMKPDELDAQIRDRSARY
VQFDCFHEILPQPENRIVPSKTATDAIGIPRPEITYAIDDYVKRGAAHTREVYATAAKVLGGTDVVFNDEFAPNNHITGS
TIMGADARDSVVDKDCRTFDHPNLFISSSATMPTVGTVNVTLTIAALALRMSDTLKKEVHHHHHH
;
B,D
#
loop_
_chem_comp.id
_chem_comp.type
_chem_comp.name
_chem_comp.formula
F3S non-polymer 'FE3-S4 CLUSTER' 'Fe3 S4'
FAD non-polymer 'FLAVIN-ADENINE DINUCLEOTIDE' 'C27 H33 N9 O15 P2'
#
# COMPACT_ATOMS: atom_id res chain seq x y z
N THR A 5 4.65 1.43 57.27
CA THR A 5 4.27 1.63 55.85
C THR A 5 4.67 3.03 55.37
N ALA A 6 5.83 3.12 54.72
CA ALA A 6 6.41 4.41 54.34
C ALA A 6 5.63 5.03 53.18
N PRO A 7 6.10 6.19 52.69
CA PRO A 7 5.37 6.90 51.64
C PRO A 7 5.40 6.12 50.33
N LEU A 8 6.55 5.51 50.04
CA LEU A 8 6.70 4.70 48.83
C LEU A 8 5.63 3.60 48.77
N ASP A 9 5.55 2.80 49.83
CA ASP A 9 4.56 1.73 49.91
C ASP A 9 3.18 2.23 49.48
N THR A 10 2.72 3.28 50.12
CA THR A 10 1.39 3.82 49.84
C THR A 10 1.32 4.32 48.40
N PHE A 11 2.33 5.09 47.99
CA PHE A 11 2.38 5.58 46.62
C PHE A 11 2.17 4.41 45.67
N MET A 12 2.92 3.33 45.90
CA MET A 12 2.99 2.25 44.94
C MET A 12 1.64 1.53 44.85
N THR A 13 1.01 1.28 45.99
CA THR A 13 -0.30 0.63 46.01
C THR A 13 -1.36 1.57 45.43
N LEU A 14 -1.28 2.84 45.78
CA LEU A 14 -2.11 3.87 45.15
C LEU A 14 -2.01 3.78 43.63
N SER A 15 -0.80 3.88 43.12
CA SER A 15 -0.59 3.93 41.69
C SER A 15 -1.15 2.68 41.01
N GLU A 16 -1.00 1.54 41.68
CA GLU A 16 -1.57 0.29 41.18
C GLU A 16 -3.07 0.39 41.00
N SER A 17 -3.74 0.97 42.00
CA SER A 17 -5.19 1.15 41.94
C SER A 17 -5.55 2.12 40.80
N LEU A 18 -4.78 3.19 40.70
CA LEU A 18 -5.08 4.25 39.76
C LEU A 18 -4.76 3.83 38.33
N THR A 19 -3.64 3.14 38.14
CA THR A 19 -3.20 2.75 36.80
C THR A 19 -3.83 1.43 36.38
N GLY A 20 -4.21 0.62 37.36
CA GLY A 20 -4.75 -0.70 37.09
C GLY A 20 -3.68 -1.69 36.65
N LYS A 21 -2.44 -1.24 36.59
CA LYS A 21 -1.33 -2.09 36.15
C LYS A 21 -0.68 -2.79 37.34
N LYS A 22 -0.53 -4.10 37.24
CA LYS A 22 0.23 -4.86 38.22
C LYS A 22 1.70 -4.87 37.85
N GLY A 23 2.57 -4.79 38.86
CA GLY A 23 4.01 -4.96 38.65
C GLY A 23 4.68 -3.69 38.19
N LEU A 24 4.11 -2.55 38.56
CA LEU A 24 4.78 -1.27 38.38
C LEU A 24 6.13 -1.28 39.08
N SER A 25 7.10 -0.62 38.48
CA SER A 25 8.47 -0.66 38.96
C SER A 25 8.64 0.30 40.13
N ARG A 26 9.20 -0.21 41.23
CA ARG A 26 9.41 0.58 42.42
C ARG A 26 10.63 1.50 42.23
N VAL A 27 11.57 1.08 41.40
CA VAL A 27 12.73 1.92 41.09
C VAL A 27 12.29 3.22 40.43
N ILE A 28 11.47 3.10 39.40
CA ILE A 28 10.89 4.27 38.75
C ILE A 28 9.90 4.97 39.67
N GLY A 29 9.06 4.18 40.34
CA GLY A 29 8.13 4.72 41.32
C GLY A 29 8.79 5.63 42.34
N GLU A 30 9.91 5.19 42.89
CA GLU A 30 10.68 6.02 43.81
C GLU A 30 10.98 7.38 43.18
N ARG A 31 11.47 7.37 41.95
CA ARG A 31 11.91 8.60 41.29
C ARG A 31 10.73 9.53 41.05
N LEU A 32 9.61 8.98 40.62
CA LEU A 32 8.41 9.77 40.39
C LEU A 32 7.92 10.38 41.70
N LEU A 33 7.86 9.56 42.75
CA LEU A 33 7.56 10.03 44.09
C LEU A 33 8.38 11.27 44.40
N GLN A 34 9.70 11.15 44.29
CA GLN A 34 10.62 12.18 44.79
C GLN A 34 10.50 13.46 43.97
N ALA A 35 10.20 13.33 42.68
CA ALA A 35 9.96 14.48 41.83
C ALA A 35 8.62 15.12 42.16
N LEU A 36 7.62 14.28 42.40
CA LEU A 36 6.29 14.76 42.76
C LEU A 36 6.31 15.47 44.12
N GLN A 37 7.32 15.15 44.94
CA GLN A 37 7.42 15.70 46.28
C GLN A 37 7.97 17.13 46.25
N LYS A 38 8.74 17.44 45.21
CA LYS A 38 9.20 18.81 44.99
C LYS A 38 8.06 19.78 45.30
N GLY A 39 6.88 19.50 44.76
CA GLY A 39 5.80 20.46 44.78
C GLY A 39 4.43 19.82 44.60
N SER A 40 4.26 18.64 45.19
CA SER A 40 2.93 18.13 45.50
C SER A 40 2.99 17.29 46.76
N PHE A 41 1.82 16.85 47.23
CA PHE A 41 1.69 16.27 48.57
C PHE A 41 2.11 17.27 49.64
N LYS A 42 1.27 18.29 49.85
CA LYS A 42 1.50 19.26 50.91
C LYS A 42 1.93 18.55 52.19
N THR A 43 1.04 17.72 52.72
CA THR A 43 1.20 17.21 54.08
C THR A 43 2.08 15.96 54.09
N ALA A 44 1.90 15.12 55.10
CA ALA A 44 2.21 13.69 54.98
C ALA A 44 0.92 12.86 55.13
N ASP A 45 -0.20 13.56 55.24
CA ASP A 45 -1.50 12.90 55.38
C ASP A 45 -2.13 12.67 54.00
N SER A 46 -1.58 13.33 52.99
CA SER A 46 -2.21 13.39 51.69
C SER A 46 -2.30 12.00 51.07
N LEU A 47 -1.17 11.30 51.01
CA LEU A 47 -1.09 10.01 50.34
C LEU A 47 -2.04 9.01 50.97
N PRO A 48 -1.90 8.76 52.27
CA PRO A 48 -2.82 7.87 52.99
C PRO A 48 -4.27 8.26 52.81
N GLN A 49 -4.60 9.52 53.08
CA GLN A 49 -5.96 10.01 52.92
C GLN A 49 -6.48 9.73 51.52
N LEU A 50 -5.64 9.97 50.51
CA LEU A 50 -6.00 9.69 49.13
C LEU A 50 -6.31 8.19 48.92
N ALA A 51 -5.52 7.32 49.55
CA ALA A 51 -5.73 5.89 49.42
C ALA A 51 -7.11 5.50 49.94
N GLY A 52 -7.41 5.90 51.18
CA GLY A 52 -8.67 5.55 51.82
C GLY A 52 -9.87 6.07 51.06
N ALA A 53 -9.86 7.37 50.75
CA ALA A 53 -10.95 7.97 49.99
C ALA A 53 -11.15 7.24 48.68
N LEU A 54 -10.07 7.11 47.90
CA LEU A 54 -10.07 6.28 46.71
C LEU A 54 -10.63 4.89 47.04
N ALA A 55 -9.84 4.08 47.74
CA ALA A 55 -10.15 2.67 47.93
C ALA A 55 -11.66 2.48 48.08
N SER A 56 -12.25 3.20 49.03
CA SER A 56 -13.68 3.13 49.26
C SER A 56 -14.39 4.27 48.54
N GLY A 57 -14.46 5.42 49.20
CA GLY A 57 -15.62 6.30 49.09
C GLY A 57 -15.58 7.13 47.81
N SER A 58 -15.14 8.37 47.95
CA SER A 58 -15.16 9.32 46.83
C SER A 58 -14.45 10.61 47.22
N LEU A 59 -14.13 11.42 46.21
CA LEU A 59 -12.98 12.32 46.29
C LEU A 59 -13.43 13.77 46.17
N THR A 60 -12.79 14.65 46.92
CA THR A 60 -12.82 16.07 46.60
C THR A 60 -12.20 16.30 45.22
N PRO A 61 -12.72 17.29 44.48
CA PRO A 61 -12.03 17.84 43.32
C PRO A 61 -10.52 17.95 43.54
N GLU A 62 -10.14 18.44 44.70
CA GLU A 62 -8.73 18.52 45.08
C GLU A 62 -8.10 17.13 45.17
N GLN A 63 -8.83 16.19 45.76
CA GLN A 63 -8.36 14.82 45.88
C GLN A 63 -8.33 14.11 44.53
N GLU A 64 -9.44 14.21 43.80
CA GLU A 64 -9.46 13.80 42.40
C GLU A 64 -8.25 14.34 41.64
N SER A 65 -7.91 15.60 41.88
CA SER A 65 -6.89 16.28 41.09
C SER A 65 -5.49 15.82 41.48
N LEU A 66 -5.33 15.38 42.72
CA LEU A 66 -4.10 14.73 43.13
C LEU A 66 -3.94 13.38 42.43
N ALA A 67 -5.00 12.58 42.44
CA ALA A 67 -5.00 11.29 41.78
C ALA A 67 -4.59 11.44 40.31
N LEU A 68 -5.21 12.41 39.64
CA LEU A 68 -4.84 12.74 38.27
C LEU A 68 -3.35 13.03 38.15
N THR A 69 -2.83 13.83 39.07
CA THR A 69 -1.42 14.23 39.05
C THR A 69 -0.52 13.00 39.12
N ILE A 70 -0.86 12.08 40.01
CA ILE A 70 -0.11 10.82 40.12
C ILE A 70 -0.18 10.07 38.79
N LEU A 71 -1.40 9.84 38.30
CA LEU A 71 -1.62 9.23 37.01
C LEU A 71 -0.83 9.91 35.90
N GLU A 72 -0.98 11.23 35.80
CA GLU A 72 -0.23 12.01 34.84
C GLU A 72 1.25 11.57 34.81
N ALA A 73 1.84 11.42 35.98
CA ALA A 73 3.27 11.19 36.09
C ALA A 73 3.65 9.81 35.55
N TRP A 74 2.86 8.79 35.89
CA TRP A 74 3.14 7.44 35.44
C TRP A 74 2.96 7.32 33.93
N TYR A 75 1.92 7.96 33.40
CA TYR A 75 1.58 7.80 32.00
C TYR A 75 2.51 8.58 31.08
N LEU A 76 2.89 9.79 31.50
CA LEU A 76 3.75 10.65 30.69
C LEU A 76 5.23 10.40 30.96
N GLY A 77 5.55 9.97 32.18
CA GLY A 77 6.94 9.76 32.58
C GLY A 77 7.68 11.06 32.83
N ILE A 78 6.94 12.16 32.89
CA ILE A 78 7.52 13.48 33.09
C ILE A 78 6.85 14.21 34.25
N VAL A 79 7.65 14.93 35.02
CA VAL A 79 7.13 15.74 36.11
C VAL A 79 7.83 17.10 36.13
N ASP A 80 7.03 18.17 36.15
CA ASP A 80 7.57 19.52 35.99
C ASP A 80 8.64 19.59 34.90
N ASN A 81 8.27 19.25 33.68
CA ASN A 81 9.18 19.37 32.53
C ASN A 81 10.55 18.74 32.80
N VAL A 82 10.58 17.68 33.60
CA VAL A 82 11.72 16.78 33.61
C VAL A 82 11.29 15.36 33.28
N VAL A 83 12.06 14.70 32.42
CA VAL A 83 11.85 13.29 32.13
C VAL A 83 12.35 12.45 33.29
N ILE A 84 11.42 11.75 33.94
CA ILE A 84 11.77 10.71 34.91
C ILE A 84 12.06 9.40 34.20
N THR A 85 11.24 9.07 33.21
CA THR A 85 11.57 7.98 32.29
C THR A 85 10.91 8.21 30.94
N TYR A 86 11.37 7.48 29.93
CA TYR A 86 10.79 7.56 28.60
C TYR A 86 10.22 6.22 28.17
N GLU A 87 11.04 5.17 28.26
CA GLU A 87 10.61 3.84 27.83
C GLU A 87 9.43 3.33 28.65
N GLU A 88 9.47 3.57 29.96
CA GLU A 88 8.59 2.88 30.89
C GLU A 88 7.34 3.71 31.16
N ALA A 89 7.28 4.89 30.55
CA ALA A 89 6.07 5.70 30.55
C ALA A 89 4.88 4.91 30.00
N LEU A 90 3.79 4.92 30.74
CA LEU A 90 2.78 3.87 30.61
C LEU A 90 1.91 4.04 29.37
N MET A 91 1.83 5.27 28.86
CA MET A 91 0.99 5.54 27.70
C MET A 91 1.45 4.73 26.50
N PHE A 92 2.74 4.41 26.47
CA PHE A 92 3.30 3.66 25.37
C PHE A 92 2.92 2.19 25.43
N GLY A 93 2.82 1.64 26.63
CA GLY A 93 2.40 0.26 26.82
C GLY A 93 0.94 0.05 26.44
N VAL A 94 0.18 1.13 26.42
CA VAL A 94 -1.24 1.06 26.11
C VAL A 94 -1.47 0.87 24.61
N VAL A 95 -0.45 1.18 23.83
CA VAL A 95 -0.55 1.10 22.37
C VAL A 95 0.66 0.37 21.78
N SER A 96 1.31 -0.46 22.59
CA SER A 96 2.57 -1.09 22.19
C SER A 96 2.35 -2.09 21.06
N ASP A 97 1.11 -2.56 20.92
CA ASP A 97 0.77 -3.53 19.88
C ASP A 97 0.91 -2.94 18.48
N THR A 98 0.71 -1.63 18.37
CA THR A 98 0.57 -0.99 17.07
C THR A 98 1.59 0.14 16.87
N LEU A 99 1.79 0.95 17.90
CA LEU A 99 2.64 2.14 17.80
C LEU A 99 3.97 1.94 18.51
N VAL A 100 5.03 2.45 17.90
CA VAL A 100 6.35 2.36 18.50
C VAL A 100 6.60 3.55 19.42
N ILE A 101 7.63 3.41 20.26
CA ILE A 101 8.16 4.54 21.00
C ILE A 101 9.23 5.22 20.16
N ARG A 102 9.02 6.50 19.88
CA ARG A 102 9.86 7.20 18.91
C ARG A 102 11.32 7.03 19.26
N SER A 103 12.11 6.64 18.28
CA SER A 103 13.55 6.43 18.42
C SER A 103 13.87 4.98 18.82
N TYR A 104 12.84 4.16 18.93
CA TYR A 104 13.03 2.72 19.10
C TYR A 104 12.41 1.92 17.95
N CYS A 105 13.24 1.17 17.24
CA CYS A 105 12.77 0.29 16.15
C CYS A 105 11.83 -0.77 16.71
N PRO A 106 10.84 -1.19 15.92
CA PRO A 106 10.21 -2.50 16.12
C PRO A 106 11.17 -3.64 15.79
N ASN A 107 11.07 -4.74 16.51
CA ASN A 107 12.10 -5.78 16.47
C ASN A 107 12.10 -6.53 15.15
N LYS A 108 10.97 -6.50 14.45
CA LYS A 108 10.94 -6.79 13.02
C LYS A 108 10.20 -5.69 12.27
N PRO A 109 10.70 -5.33 11.08
CA PRO A 109 10.73 -3.94 10.61
C PRO A 109 9.40 -3.48 10.02
N GLY A 110 9.27 -3.57 8.70
CA GLY A 110 8.49 -2.62 7.93
C GLY A 110 7.01 -2.95 7.93
N PHE A 111 6.34 -2.70 9.05
CA PHE A 111 5.17 -3.48 9.44
C PHE A 111 3.88 -2.76 9.06
N TRP A 112 4.00 -1.53 8.55
CA TRP A 112 3.06 -0.47 8.89
C TRP A 112 1.97 -0.27 7.84
N ALA A 113 2.03 -1.04 6.76
CA ALA A 113 1.01 -1.00 5.73
C ALA A 113 -0.30 -1.58 6.25
N ASP A 114 -0.20 -2.60 7.10
CA ASP A 114 -1.37 -3.24 7.70
C ASP A 114 -2.25 -2.20 8.38
N LYS A 115 -3.56 -2.38 8.30
CA LYS A 115 -4.45 -1.79 9.30
C LYS A 115 -4.32 -2.55 10.61
N PRO A 116 -4.12 -1.81 11.71
CA PRO A 116 -4.03 -2.38 13.05
C PRO A 116 -5.32 -3.12 13.45
N ILE A 117 -5.16 -4.17 14.24
CA ILE A 117 -6.30 -4.95 14.71
C ILE A 117 -6.70 -4.51 16.11
N GLU A 118 -7.98 -4.18 16.29
CA GLU A 118 -8.44 -3.48 17.49
C GLU A 118 -8.24 -4.33 18.75
N ASP B 10 44.36 25.88 -0.39
CA ASP B 10 43.78 25.53 -1.73
C ASP B 10 42.32 25.98 -1.81
N VAL B 11 41.45 25.34 -1.05
CA VAL B 11 40.09 25.81 -0.88
C VAL B 11 39.68 25.85 0.59
N VAL B 12 39.22 27.01 1.03
CA VAL B 12 38.57 27.13 2.33
C VAL B 12 37.06 27.09 2.17
N VAL B 13 36.43 26.07 2.74
CA VAL B 13 34.98 26.00 2.80
C VAL B 13 34.48 26.33 4.19
N VAL B 14 33.47 27.19 4.27
CA VAL B 14 32.93 27.66 5.53
C VAL B 14 31.50 27.16 5.71
N GLY B 15 31.32 26.22 6.64
CA GLY B 15 30.03 25.55 6.82
C GLY B 15 30.09 24.07 6.53
N SER B 16 29.87 23.26 7.57
CA SER B 16 30.00 21.81 7.44
C SER B 16 28.63 21.12 7.43
N GLY B 17 27.61 21.84 6.98
CA GLY B 17 26.36 21.22 6.57
C GLY B 17 26.52 20.53 5.23
N VAL B 18 25.40 20.25 4.58
CA VAL B 18 25.42 19.48 3.33
C VAL B 18 25.90 20.35 2.18
N ALA B 19 25.43 21.60 2.15
CA ALA B 19 25.80 22.53 1.08
C ALA B 19 27.31 22.57 0.92
N GLY B 20 28.03 22.48 2.03
CA GLY B 20 29.45 22.77 2.05
C GLY B 20 30.30 21.52 2.17
N ALA B 21 29.70 20.46 2.70
CA ALA B 21 30.41 19.19 2.85
C ALA B 21 30.49 18.45 1.52
N ILE B 22 29.44 18.55 0.71
CA ILE B 22 29.47 18.04 -0.65
C ILE B 22 30.62 18.68 -1.43
N VAL B 23 30.60 20.00 -1.49
CA VAL B 23 31.67 20.76 -2.14
C VAL B 23 33.04 20.30 -1.66
N ALA B 24 33.22 20.26 -0.34
CA ALA B 24 34.50 19.87 0.24
C ALA B 24 34.91 18.47 -0.20
N HIS B 25 33.92 17.58 -0.30
CA HIS B 25 34.18 16.17 -0.59
C HIS B 25 34.56 16.00 -2.05
N GLN B 26 33.79 16.63 -2.93
CA GLN B 26 34.10 16.64 -4.35
C GLN B 26 35.57 17.00 -4.58
N LEU B 27 36.00 18.12 -4.00
CA LEU B 27 37.27 18.73 -4.37
C LEU B 27 38.44 17.97 -3.78
N ALA B 28 38.29 17.53 -2.53
CA ALA B 28 39.33 16.76 -1.88
C ALA B 28 39.44 15.37 -2.50
N MET B 29 38.42 14.98 -3.26
CA MET B 29 38.49 13.77 -4.07
C MET B 29 39.37 14.00 -5.30
N ALA B 30 39.08 15.10 -6.01
CA ALA B 30 39.94 15.52 -7.12
C ALA B 30 41.27 16.07 -6.62
N GLY B 31 41.65 15.69 -5.41
CA GLY B 31 43.06 15.73 -5.00
C GLY B 31 43.48 17.08 -4.45
N LYS B 32 42.63 18.09 -4.63
CA LYS B 32 43.03 19.47 -4.40
C LYS B 32 42.62 19.94 -3.01
N ALA B 33 43.60 20.37 -2.21
CA ALA B 33 43.57 20.17 -0.76
C ALA B 33 42.74 21.24 -0.06
N VAL B 34 42.00 20.83 0.97
CA VAL B 34 40.77 21.51 1.35
C VAL B 34 40.76 21.77 2.85
N ILE B 35 40.16 22.88 3.25
CA ILE B 35 39.95 23.16 4.67
C ILE B 35 38.49 23.52 4.94
N LEU B 36 37.88 22.78 5.85
CA LEU B 36 36.47 22.95 6.17
C LEU B 36 36.32 23.50 7.58
N LEU B 37 35.73 24.68 7.69
CA LEU B 37 35.59 25.36 8.98
C LEU B 37 34.15 25.27 9.47
N GLU B 38 33.97 24.65 10.64
CA GLU B 38 32.66 24.55 11.26
C GLU B 38 32.63 25.34 12.56
N ALA B 39 31.72 26.29 12.65
CA ALA B 39 31.56 27.11 13.85
C ALA B 39 31.30 26.26 15.09
N GLY B 40 30.39 25.29 14.97
CA GLY B 40 29.93 24.52 16.12
C GLY B 40 30.84 23.35 16.42
N PRO B 41 30.53 22.61 17.48
CA PRO B 41 31.34 21.46 17.91
C PRO B 41 30.96 20.19 17.18
N ARG B 42 31.80 19.18 17.30
CA ARG B 42 31.49 17.85 16.80
C ARG B 42 30.68 17.09 17.85
N MET B 43 29.40 16.84 17.56
CA MET B 43 28.59 16.00 18.42
C MET B 43 28.04 14.80 17.67
N PRO B 44 28.34 13.59 18.17
CA PRO B 44 27.98 12.33 17.52
C PRO B 44 26.51 11.97 17.67
N ARG B 45 26.08 10.93 16.95
CA ARG B 45 24.66 10.64 16.82
C ARG B 45 24.09 10.13 18.14
N TRP B 46 24.84 9.25 18.81
CA TRP B 46 24.35 8.60 20.01
C TRP B 46 24.04 9.63 21.09
N GLU B 47 24.71 10.78 21.03
CA GLU B 47 24.53 11.84 22.02
C GLU B 47 23.25 12.63 21.74
N ILE B 48 23.08 13.03 20.48
CA ILE B 48 21.87 13.70 20.06
C ILE B 48 20.65 12.85 20.44
N VAL B 49 20.76 11.55 20.19
CA VAL B 49 19.68 10.61 20.49
C VAL B 49 19.33 10.62 21.98
N GLU B 50 20.36 10.50 22.82
CA GLU B 50 20.16 10.46 24.26
C GLU B 50 19.62 11.78 24.76
N ARG B 51 20.07 12.88 24.16
CA ARG B 51 19.54 14.20 24.51
C ARG B 51 18.07 14.29 24.17
N PHE B 52 17.67 13.63 23.09
CA PHE B 52 16.28 13.62 22.69
C PHE B 52 15.45 12.82 23.68
N ARG B 53 15.91 11.61 23.98
CA ARG B 53 15.19 10.75 24.90
C ARG B 53 14.95 11.46 26.23
N ASN B 54 15.83 12.41 26.56
CA ASN B 54 15.79 13.07 27.85
C ASN B 54 15.17 14.46 27.80
N GLN B 55 14.58 14.83 26.67
CA GLN B 55 13.87 16.10 26.55
C GLN B 55 12.37 15.93 26.81
N PRO B 56 11.78 16.89 27.54
CA PRO B 56 10.42 16.81 28.06
C PRO B 56 9.35 17.19 27.03
N ASP B 57 9.71 18.01 26.06
CA ASP B 57 8.85 18.25 24.91
C ASP B 57 9.45 17.66 23.63
N LYS B 58 8.98 16.47 23.26
CA LYS B 58 9.55 15.76 22.11
C LYS B 58 9.02 16.33 20.79
N MET B 59 8.29 17.44 20.87
CA MET B 59 7.84 18.16 19.68
C MET B 59 8.75 19.34 19.36
N ASP B 60 9.76 19.56 20.20
CA ASP B 60 10.72 20.64 19.99
C ASP B 60 11.94 20.10 19.28
N PHE B 61 12.12 20.49 18.02
CA PHE B 61 13.05 19.80 17.16
C PHE B 61 14.44 20.42 17.26
N MET B 62 14.55 21.50 18.03
CA MET B 62 15.84 22.11 18.34
C MET B 62 16.41 21.64 19.69
N ALA B 63 15.59 20.98 20.49
CA ALA B 63 15.84 20.86 21.92
C ALA B 63 17.07 20.00 22.24
N PRO B 64 17.29 18.94 21.44
CA PRO B 64 18.47 18.10 21.63
C PRO B 64 19.71 18.66 20.96
N TYR B 65 19.64 19.89 20.48
CA TYR B 65 20.81 20.58 19.94
C TYR B 65 21.06 21.88 20.70
N PRO B 66 21.94 21.83 21.71
CA PRO B 66 22.31 23.01 22.49
C PRO B 66 23.06 24.05 21.65
N SER B 67 22.69 25.32 21.81
CA SER B 67 23.52 26.43 21.34
C SER B 67 24.80 26.52 22.17
N SER B 68 25.92 26.11 21.57
CA SER B 68 27.22 26.55 22.04
C SER B 68 27.27 28.07 22.24
N PRO B 69 27.92 28.51 23.32
CA PRO B 69 28.11 29.93 23.63
C PRO B 69 28.75 30.69 22.48
N TRP B 70 29.70 30.05 21.79
CA TRP B 70 30.55 30.72 20.81
C TRP B 70 29.94 30.66 19.41
N ALA B 71 29.05 29.69 19.20
CA ALA B 71 28.39 29.52 17.90
C ALA B 71 26.91 29.23 18.10
N PRO B 72 26.18 30.18 18.70
CA PRO B 72 24.80 29.97 19.12
C PRO B 72 23.86 29.80 17.93
N HIS B 73 22.74 29.14 18.15
CA HIS B 73 21.66 29.11 17.16
C HIS B 73 20.31 29.31 17.85
N PRO B 74 19.28 29.65 17.07
CA PRO B 74 17.97 29.99 17.61
C PRO B 74 17.42 28.87 18.49
N GLU B 75 16.78 29.26 19.60
CA GLU B 75 15.93 28.34 20.36
C GLU B 75 14.64 29.03 20.76
N TYR B 76 13.62 28.24 21.07
CA TYR B 76 12.28 28.79 21.32
C TYR B 76 11.55 28.01 22.42
N GLY B 77 12.15 26.93 22.89
CA GLY B 77 11.67 26.24 24.08
C GLY B 77 12.62 26.41 25.26
N PRO B 78 12.46 27.51 26.00
CA PRO B 78 11.89 28.77 25.54
C PRO B 78 12.94 29.68 24.89
N PRO B 79 12.50 30.81 24.33
CA PRO B 79 13.34 31.74 23.58
C PRO B 79 14.73 31.94 24.19
N ASN B 80 15.75 31.96 23.35
CA ASN B 80 17.09 32.42 23.74
C ASN B 80 17.48 33.74 23.09
N ASP B 81 16.67 34.21 22.14
CA ASP B 81 16.72 35.60 21.71
C ASP B 81 17.87 35.87 20.75
N TYR B 82 18.58 34.81 20.36
CA TYR B 82 19.72 34.94 19.46
C TYR B 82 19.40 35.83 18.26
N LEU B 83 18.29 35.51 17.58
CA LEU B 83 17.82 36.35 16.47
C LEU B 83 17.07 37.57 16.99
N ILE B 84 17.34 38.72 16.38
CA ILE B 84 16.53 39.90 16.63
C ILE B 84 15.44 40.04 15.56
N LEU B 85 14.20 39.85 15.96
CA LEU B 85 13.08 39.77 15.03
C LEU B 85 12.26 41.06 15.09
N LYS B 86 12.35 41.87 14.05
CA LYS B 86 11.41 42.96 13.85
C LYS B 86 10.73 42.83 12.50
N GLY B 87 9.99 43.86 12.11
CA GLY B 87 9.08 43.77 10.99
C GLY B 87 7.66 43.50 11.44
N GLU B 88 6.89 42.81 10.62
CA GLU B 88 5.49 42.57 10.91
C GLU B 88 5.25 41.10 11.24
N HIS B 89 6.24 40.26 10.99
CA HIS B 89 6.14 38.83 11.27
C HIS B 89 7.48 38.30 11.77
N LYS B 90 7.43 37.25 12.58
CA LYS B 90 8.64 36.63 13.10
C LYS B 90 9.25 35.71 12.05
N PHE B 91 10.54 35.87 11.82
CA PHE B 91 11.32 34.88 11.09
C PHE B 91 11.93 33.86 12.05
N ASN B 92 11.07 33.07 12.70
CA ASN B 92 11.52 32.16 13.75
C ASN B 92 11.87 30.79 13.19
N SER B 93 12.58 30.77 12.08
CA SER B 93 13.12 29.53 11.51
C SER B 93 14.18 28.95 12.44
N GLN B 94 14.45 27.66 12.28
CA GLN B 94 15.46 26.98 13.08
C GLN B 94 16.66 26.65 12.22
N TYR B 95 17.82 26.56 12.85
CA TYR B 95 18.95 25.83 12.28
C TYR B 95 19.96 25.44 13.36
N ILE B 96 20.83 24.48 13.02
CA ILE B 96 21.77 23.94 13.97
C ILE B 96 23.18 24.35 13.60
N ARG B 97 23.98 24.74 14.59
CA ARG B 97 25.38 25.04 14.36
C ARG B 97 26.26 23.98 14.98
N ALA B 98 26.69 23.03 14.15
CA ALA B 98 27.50 21.91 14.60
C ALA B 98 27.95 21.12 13.38
N VAL B 99 29.11 20.47 13.49
CA VAL B 99 29.55 19.60 12.41
C VAL B 99 28.37 18.82 11.88
N GLY B 100 28.05 19.02 10.61
CA GLY B 100 26.97 18.28 9.96
C GLY B 100 25.79 19.16 9.64
N GLY B 101 25.64 20.23 10.43
CA GLY B 101 24.66 21.25 10.13
C GLY B 101 23.25 20.80 10.40
N THR B 102 22.28 21.48 9.78
CA THR B 102 20.91 21.52 10.26
C THR B 102 20.15 20.27 9.82
N THR B 103 20.73 19.51 8.89
CA THR B 103 20.10 18.28 8.40
C THR B 103 20.38 17.09 9.33
N TRP B 104 20.81 17.37 10.55
CA TRP B 104 20.69 16.40 11.63
C TRP B 104 19.21 16.17 11.96
N HIS B 105 18.39 17.18 11.73
CA HIS B 105 17.10 17.27 12.40
C HIS B 105 15.95 17.43 11.41
N TRP B 106 16.26 17.30 10.13
CA TRP B 106 15.28 17.55 9.07
C TRP B 106 14.45 16.30 8.77
N ALA B 107 13.44 16.47 7.91
CA ALA B 107 12.54 15.37 7.56
C ALA B 107 13.06 14.59 6.36
N ALA B 108 14.07 15.12 5.68
CA ALA B 108 14.69 14.45 4.55
C ALA B 108 13.76 14.43 3.33
N SER B 109 12.72 15.26 3.36
CA SER B 109 11.95 15.53 2.16
C SER B 109 12.90 16.07 1.11
N ALA B 110 12.84 15.50 -0.09
CA ALA B 110 13.87 15.73 -1.09
C ALA B 110 13.25 15.98 -2.45
N TRP B 111 12.68 17.16 -2.64
CA TRP B 111 11.92 17.47 -3.85
C TRP B 111 12.81 18.15 -4.89
N ARG B 112 12.38 18.12 -6.14
CA ARG B 112 12.85 19.05 -7.14
C ARG B 112 11.86 20.19 -7.30
N PHE B 113 12.36 21.39 -7.57
CA PHE B 113 11.53 22.46 -8.11
C PHE B 113 10.99 22.07 -9.49
N ILE B 114 9.86 22.65 -9.86
CA ILE B 114 9.28 22.41 -11.18
C ILE B 114 9.67 23.53 -12.17
N PRO B 115 9.36 23.33 -13.46
CA PRO B 115 10.02 24.11 -14.48
C PRO B 115 9.68 25.59 -14.35
N ASN B 116 8.40 25.88 -14.14
CA ASN B 116 7.94 27.26 -14.05
C ASN B 116 8.50 28.00 -12.85
N ASP B 117 9.01 27.26 -11.87
CA ASP B 117 9.54 27.87 -10.65
C ASP B 117 10.73 28.76 -10.99
N PHE B 118 11.29 28.58 -12.18
CA PHE B 118 12.56 29.22 -12.53
C PHE B 118 12.32 30.45 -13.39
N LYS B 119 11.06 30.71 -13.71
CA LYS B 119 10.71 31.72 -14.71
C LYS B 119 9.48 32.50 -14.27
N MET B 120 9.48 32.96 -13.02
CA MET B 120 8.24 33.30 -12.33
C MET B 120 7.70 34.65 -12.81
N LYS B 121 8.60 35.56 -13.15
CA LYS B 121 8.20 36.88 -13.62
C LYS B 121 7.77 36.83 -15.09
N SER B 122 8.61 36.25 -15.93
CA SER B 122 8.24 35.95 -17.31
C SER B 122 6.87 35.28 -17.38
N VAL B 123 6.73 34.13 -16.73
CA VAL B 123 5.53 33.31 -16.86
C VAL B 123 4.35 33.94 -16.15
N TYR B 124 4.58 34.43 -14.94
CA TYR B 124 3.48 34.79 -14.05
C TYR B 124 3.53 36.27 -13.70
N GLY B 125 4.65 36.92 -14.04
CA GLY B 125 4.74 38.37 -13.97
C GLY B 125 4.90 38.86 -12.54
N VAL B 126 5.30 37.95 -11.66
CA VAL B 126 5.62 38.30 -10.28
C VAL B 126 7.03 37.84 -9.95
N GLY B 127 7.43 38.05 -8.70
CA GLY B 127 8.76 37.65 -8.27
C GLY B 127 9.79 37.99 -9.31
N ARG B 128 10.47 36.97 -9.82
CA ARG B 128 11.81 37.17 -10.36
C ARG B 128 12.43 35.86 -10.86
N ASP B 129 12.74 35.81 -12.15
CA ASP B 129 13.31 34.62 -12.77
C ASP B 129 14.62 34.24 -12.10
N TRP B 130 14.90 32.95 -12.05
CA TRP B 130 16.28 32.45 -12.10
C TRP B 130 16.91 32.82 -13.45
N PRO B 131 18.25 32.80 -13.52
CA PRO B 131 18.96 32.86 -14.80
C PRO B 131 18.98 31.51 -15.52
N ILE B 132 19.51 30.48 -14.87
CA ILE B 132 19.39 29.11 -15.35
C ILE B 132 17.93 28.62 -15.27
N GLN B 133 17.67 27.44 -15.81
CA GLN B 133 16.33 26.85 -15.77
C GLN B 133 16.40 25.35 -15.49
N TYR B 134 15.25 24.69 -15.39
CA TYR B 134 15.19 23.32 -14.91
C TYR B 134 16.11 22.41 -15.72
N ASP B 135 15.90 22.41 -17.04
CA ASP B 135 16.81 21.76 -17.97
C ASP B 135 18.25 21.72 -17.45
N ASP B 136 18.76 22.85 -16.99
CA ASP B 136 20.19 22.98 -16.66
C ASP B 136 20.52 22.24 -15.37
N LEU B 137 19.48 21.97 -14.57
CA LEU B 137 19.66 21.50 -13.19
C LEU B 137 19.39 20.00 -13.10
N GLU B 138 18.42 19.53 -13.89
CA GLU B 138 18.04 18.12 -13.92
C GLU B 138 19.18 17.18 -13.57
N PRO B 139 20.22 17.10 -14.41
CA PRO B 139 21.20 16.04 -14.24
C PRO B 139 21.94 16.17 -12.91
N TYR B 140 21.78 17.31 -12.26
CA TYR B 140 22.42 17.57 -10.98
C TYR B 140 21.48 17.17 -9.83
N TYR B 141 20.21 17.48 -9.99
CA TYR B 141 19.17 16.85 -9.19
C TYR B 141 19.38 15.34 -9.08
N GLN B 142 19.54 14.68 -10.21
CA GLN B 142 19.66 13.22 -10.24
C GLN B 142 20.90 12.75 -9.50
N ARG B 143 22.00 13.50 -9.65
CA ARG B 143 23.23 13.19 -8.95
C ARG B 143 23.07 13.43 -7.45
N ALA B 144 22.33 14.48 -7.10
CA ALA B 144 22.07 14.78 -5.70
C ALA B 144 21.25 13.66 -5.08
N GLU B 145 20.26 13.18 -5.84
CA GLU B 145 19.39 12.13 -5.37
C GLU B 145 20.22 10.87 -5.09
N GLU B 146 21.22 10.64 -5.93
CA GLU B 146 22.02 9.43 -5.81
C GLU B 146 23.04 9.56 -4.69
N GLU B 147 23.50 10.79 -4.45
CA GLU B 147 24.47 11.03 -3.40
C GLU B 147 23.80 11.03 -2.02
N LEU B 148 22.59 11.56 -1.95
CA LEU B 148 21.86 11.64 -0.69
C LEU B 148 21.19 10.30 -0.37
N GLY B 149 20.87 9.56 -1.42
CA GLY B 149 20.11 8.31 -1.27
C GLY B 149 18.63 8.59 -1.16
N VAL B 150 18.02 8.96 -2.28
CA VAL B 150 16.64 9.40 -2.26
C VAL B 150 15.74 8.34 -2.87
N TRP B 151 14.64 8.05 -2.19
CA TRP B 151 13.62 7.18 -2.75
C TRP B 151 12.42 8.00 -3.22
N GLY B 152 11.69 7.45 -4.18
CA GLY B 152 10.55 8.16 -4.74
C GLY B 152 9.76 7.25 -5.67
N PRO B 153 8.56 7.69 -6.04
CA PRO B 153 7.66 6.90 -6.87
C PRO B 153 8.10 6.86 -8.32
N GLY B 154 7.63 5.86 -9.06
CA GLY B 154 7.87 5.79 -10.49
C GLY B 154 6.70 6.37 -11.27
N PRO B 155 6.60 6.03 -12.56
CA PRO B 155 5.76 6.74 -13.50
C PRO B 155 4.28 6.70 -13.16
N GLU B 156 3.90 5.92 -12.16
CA GLU B 156 2.49 5.82 -11.77
C GLU B 156 2.02 7.12 -11.12
N GLU B 157 2.98 7.96 -10.73
CA GLU B 157 2.68 9.26 -10.16
C GLU B 157 3.56 10.32 -10.80
N ASP B 158 2.95 11.42 -11.25
CA ASP B 158 3.70 12.50 -11.88
C ASP B 158 3.98 13.61 -10.89
N LEU B 159 5.25 13.81 -10.56
CA LEU B 159 5.65 14.83 -9.61
C LEU B 159 5.94 16.17 -10.31
N TYR B 160 5.70 16.21 -11.62
CA TYR B 160 5.63 17.48 -12.34
C TYR B 160 7.03 18.02 -12.63
N SER B 161 8.05 17.35 -12.11
CA SER B 161 9.42 17.60 -12.55
C SER B 161 9.96 16.42 -13.35
N PRO B 162 9.93 16.55 -14.69
CA PRO B 162 10.29 15.46 -15.60
C PRO B 162 11.68 14.91 -15.33
N ARG B 163 11.83 13.60 -15.46
CA ARG B 163 13.04 12.92 -15.01
C ARG B 163 13.72 12.21 -16.18
N LYS B 164 15.04 12.12 -16.12
CA LYS B 164 15.78 11.29 -17.07
C LYS B 164 15.93 9.85 -16.55
N GLN B 165 16.26 9.72 -15.28
CA GLN B 165 16.34 8.40 -14.64
C GLN B 165 15.19 8.21 -13.66
N PRO B 166 14.92 6.96 -13.29
CA PRO B 166 14.13 6.63 -12.11
C PRO B 166 14.84 6.97 -10.80
N TYR B 167 14.08 7.05 -9.72
CA TYR B 167 14.65 7.21 -8.38
C TYR B 167 15.61 6.08 -8.05
N PRO B 168 16.72 6.41 -7.37
CA PRO B 168 17.70 5.40 -6.97
C PRO B 168 17.06 4.30 -6.14
N MET B 169 16.06 4.66 -5.34
CA MET B 169 15.31 3.69 -4.57
C MET B 169 13.82 3.93 -4.76
N PRO B 170 13.01 2.86 -4.62
CA PRO B 170 11.57 2.95 -4.50
C PRO B 170 11.14 3.20 -3.06
N PRO B 171 9.92 3.75 -2.87
CA PRO B 171 9.37 3.91 -1.53
C PRO B 171 9.19 2.57 -0.83
N LEU B 172 9.38 2.54 0.48
CA LEU B 172 8.71 1.57 1.33
C LEU B 172 7.21 1.80 1.23
N PRO B 173 6.42 0.77 1.54
CA PRO B 173 4.97 0.91 1.42
C PRO B 173 4.46 2.05 2.30
N LEU B 174 3.45 2.75 1.83
CA LEU B 174 2.78 3.76 2.65
C LEU B 174 2.23 3.12 3.91
N SER B 175 2.21 3.89 4.99
CA SER B 175 1.47 3.50 6.19
C SER B 175 0.00 3.43 5.84
N PHE B 176 -0.76 2.68 6.64
CA PHE B 176 -2.19 2.63 6.45
C PHE B 176 -2.76 4.05 6.46
N ASN B 177 -2.40 4.80 7.50
CA ASN B 177 -2.85 6.18 7.64
C ASN B 177 -2.79 6.93 6.31
N GLU B 178 -1.64 6.89 5.66
CA GLU B 178 -1.34 7.81 4.57
C GLU B 178 -1.88 7.29 3.23
N GLN B 179 -1.94 5.97 3.08
CA GLN B 179 -2.47 5.37 1.86
C GLN B 179 -3.98 5.55 1.79
N THR B 180 -4.66 5.24 2.88
CA THR B 180 -6.11 5.40 2.96
C THR B 180 -6.50 6.84 2.59
N ILE B 181 -5.73 7.80 3.09
CA ILE B 181 -6.07 9.20 2.91
C ILE B 181 -5.72 9.68 1.50
N LYS B 182 -4.62 9.19 0.95
CA LYS B 182 -4.35 9.36 -0.46
C LYS B 182 -5.53 8.90 -1.30
N THR B 183 -6.00 7.69 -1.02
CA THR B 183 -7.05 7.08 -1.83
C THR B 183 -8.35 7.86 -1.72
N ALA B 184 -8.65 8.35 -0.51
CA ALA B 184 -9.90 9.05 -0.25
C ALA B 184 -9.88 10.45 -0.85
N LEU B 185 -8.75 11.13 -0.71
CA LEU B 185 -8.64 12.52 -1.16
C LEU B 185 -8.58 12.59 -2.68
N ASN B 186 -7.84 11.67 -3.30
CA ASN B 186 -7.75 11.63 -4.76
C ASN B 186 -9.07 11.16 -5.38
N ASN B 187 -9.94 10.59 -4.57
CA ASN B 187 -11.23 10.13 -5.05
C ASN B 187 -12.30 11.21 -4.92
N TYR B 188 -12.14 12.12 -3.97
CA TYR B 188 -13.00 13.28 -3.91
C TYR B 188 -12.67 14.25 -5.02
N ASP B 189 -11.38 14.43 -5.27
CA ASP B 189 -10.92 15.42 -6.24
C ASP B 189 -9.53 15.07 -6.72
N PRO B 190 -9.43 14.44 -7.89
CA PRO B 190 -8.14 14.05 -8.48
C PRO B 190 -7.27 15.25 -8.82
N LYS B 191 -7.87 16.44 -8.75
CA LYS B 191 -7.12 17.68 -8.83
C LYS B 191 -6.03 17.75 -7.75
N PHE B 192 -6.34 17.25 -6.56
CA PHE B 192 -5.43 17.35 -5.43
C PHE B 192 -4.11 16.68 -5.74
N HIS B 193 -4.17 15.60 -6.52
CA HIS B 193 -3.00 14.80 -6.84
C HIS B 193 -2.12 14.59 -5.60
N VAL B 194 -2.66 13.90 -4.60
CA VAL B 194 -1.86 13.37 -3.52
C VAL B 194 -0.94 12.28 -4.04
N VAL B 195 0.35 12.41 -3.76
CA VAL B 195 1.34 11.46 -4.24
C VAL B 195 2.29 11.07 -3.11
N THR B 196 3.02 9.98 -3.32
CA THR B 196 4.07 9.60 -2.41
C THR B 196 5.26 10.55 -2.55
N GLU B 197 5.82 10.94 -1.40
CA GLU B 197 6.77 12.03 -1.33
C GLU B 197 8.18 11.47 -1.45
N PRO B 198 9.04 12.17 -2.23
CA PRO B 198 10.43 11.79 -2.37
C PRO B 198 11.26 12.27 -1.19
N VAL B 199 12.17 11.42 -0.72
CA VAL B 199 12.76 11.59 0.60
C VAL B 199 14.13 10.92 0.64
N ALA B 200 15.06 11.55 1.36
CA ALA B 200 16.43 11.04 1.44
C ALA B 200 16.54 9.94 2.47
N ARG B 201 15.94 8.80 2.18
CA ARG B 201 15.67 7.78 3.17
C ARG B 201 15.68 6.40 2.51
N ASN B 202 16.17 5.40 3.23
CA ASN B 202 16.54 4.13 2.62
C ASN B 202 15.42 3.09 2.71
N SER B 203 14.95 2.63 1.56
CA SER B 203 14.09 1.45 1.50
C SER B 203 14.92 0.17 1.41
N ARG B 204 16.24 0.33 1.43
CA ARG B 204 17.16 -0.79 1.48
C ARG B 204 18.54 -0.29 1.88
N PRO B 205 19.43 -1.21 2.30
CA PRO B 205 20.81 -0.82 2.57
C PRO B 205 21.43 -0.05 1.41
N TYR B 206 22.05 1.10 1.70
CA TYR B 206 22.43 2.05 0.67
C TYR B 206 23.60 2.89 1.15
N ASP B 207 24.61 3.05 0.30
CA ASP B 207 25.83 3.77 0.65
C ASP B 207 26.17 3.51 2.11
N GLY B 208 26.05 2.26 2.52
CA GLY B 208 26.57 1.82 3.81
C GLY B 208 25.64 2.10 4.97
N ARG B 209 24.52 2.75 4.68
CA ARG B 209 23.52 3.08 5.70
C ARG B 209 22.39 2.05 5.71
N PRO B 210 21.82 1.77 6.88
CA PRO B 210 20.80 0.74 7.01
C PRO B 210 19.45 1.18 6.45
N THR B 211 18.57 0.22 6.21
CA THR B 211 17.23 0.53 5.73
C THR B 211 16.35 1.05 6.87
N CYS B 212 15.32 1.81 6.51
CA CYS B 212 14.52 2.52 7.49
C CYS B 212 13.62 1.57 8.30
N CYS B 213 13.55 1.78 9.61
CA CYS B 213 12.97 0.81 10.52
C CYS B 213 11.66 1.33 11.13
N GLY B 214 11.39 2.62 10.96
CA GLY B 214 10.17 3.24 11.47
C GLY B 214 10.28 3.74 12.91
N ASN B 215 11.43 4.32 13.25
CA ASN B 215 11.58 5.07 14.51
C ASN B 215 10.59 6.23 14.61
N ASN B 216 9.97 6.59 13.49
CA ASN B 216 9.04 7.71 13.46
C ASN B 216 9.61 8.92 14.19
N ASN B 217 10.91 9.16 14.04
CA ASN B 217 11.55 10.24 14.78
C ASN B 217 12.43 11.14 13.91
N CYS B 218 12.13 11.18 12.62
CA CYS B 218 13.07 11.67 11.62
C CYS B 218 13.56 13.07 11.98
N MET B 219 12.60 13.95 12.26
CA MET B 219 12.83 15.06 13.17
C MET B 219 12.64 14.58 14.60
N PRO B 220 13.63 14.81 15.48
CA PRO B 220 14.86 15.53 15.23
C PRO B 220 16.11 14.66 15.11
N ILE B 221 15.99 13.35 15.33
CA ILE B 221 17.08 12.43 14.98
C ILE B 221 16.58 11.03 14.64
N CYS B 222 16.95 10.55 13.47
CA CYS B 222 17.12 9.13 13.23
C CYS B 222 18.33 8.61 13.98
N PRO B 223 18.11 7.63 14.88
CA PRO B 223 19.16 6.94 15.64
C PRO B 223 20.09 6.02 14.85
N ILE B 224 19.73 5.68 13.62
CA ILE B 224 20.48 4.66 12.88
C ILE B 224 20.99 5.18 11.54
N GLY B 225 20.55 6.36 11.14
CA GLY B 225 21.02 6.99 9.92
C GLY B 225 20.48 6.27 8.69
N ALA B 226 19.25 5.80 8.80
CA ALA B 226 18.54 5.22 7.66
C ALA B 226 18.03 6.32 6.74
N MET B 227 18.01 7.55 7.25
CA MET B 227 17.83 8.72 6.39
C MET B 227 19.13 9.50 6.29
N TYR B 228 19.23 10.36 5.30
CA TYR B 228 20.46 11.12 5.07
C TYR B 228 20.62 12.21 6.11
N ASN B 229 21.85 12.40 6.58
CA ASN B 229 22.22 13.59 7.34
C ASN B 229 23.51 14.21 6.80
N GLY B 230 23.65 15.52 6.95
CA GLY B 230 24.84 16.23 6.49
C GLY B 230 26.14 15.55 6.88
N ILE B 231 26.16 14.92 8.05
CA ILE B 231 27.39 14.34 8.59
C ILE B 231 27.99 13.33 7.62
N VAL B 232 27.15 12.76 6.76
CA VAL B 232 27.59 11.68 5.89
C VAL B 232 28.71 12.15 4.96
N HIS B 233 28.58 13.39 4.49
CA HIS B 233 29.53 13.92 3.52
C HIS B 233 30.68 14.65 4.18
N VAL B 234 30.48 15.07 5.43
CA VAL B 234 31.60 15.51 6.26
C VAL B 234 32.59 14.38 6.42
N GLU B 235 32.08 13.23 6.84
CA GLU B 235 32.92 12.05 7.04
C GLU B 235 33.54 11.59 5.73
N LYS B 236 32.77 11.68 4.65
CA LYS B 236 33.28 11.42 3.31
C LYS B 236 34.43 12.37 2.97
N ALA B 237 34.21 13.66 3.20
CA ALA B 237 35.22 14.67 2.89
C ALA B 237 36.51 14.41 3.66
N GLU B 238 36.37 13.86 4.86
CA GLU B 238 37.49 13.73 5.78
C GLU B 238 38.36 12.54 5.39
N ARG B 239 37.71 11.44 5.02
CA ARG B 239 38.42 10.29 4.48
C ARG B 239 39.11 10.65 3.16
N ALA B 240 38.54 11.59 2.43
CA ALA B 240 39.13 12.07 1.18
C ALA B 240 40.10 13.22 1.40
N GLY B 241 40.34 13.57 2.66
CA GLY B 241 41.55 14.25 3.05
C GLY B 241 41.37 15.74 3.28
N ALA B 242 40.12 16.18 3.31
CA ALA B 242 39.80 17.53 3.75
C ALA B 242 40.04 17.66 5.25
N LYS B 243 40.46 18.83 5.68
CA LYS B 243 40.74 19.07 7.10
C LYS B 243 39.56 19.76 7.76
N LEU B 244 38.90 19.03 8.66
CA LEU B 244 37.81 19.59 9.45
C LEU B 244 38.37 20.32 10.68
N ILE B 245 38.01 21.58 10.84
CA ILE B 245 38.26 22.30 12.08
C ILE B 245 36.96 22.77 12.70
N GLU B 246 36.48 22.03 13.70
CA GLU B 246 35.30 22.41 14.46
C GLU B 246 35.55 23.67 15.28
N ASN B 247 34.49 24.25 15.82
CA ASN B 247 34.62 25.38 16.73
C ASN B 247 35.51 26.46 16.12
N ALA B 248 35.31 26.71 14.82
CA ALA B 248 36.00 27.78 14.13
C ALA B 248 34.98 28.69 13.47
N VAL B 249 34.58 29.74 14.17
CA VAL B 249 33.44 30.54 13.74
C VAL B 249 33.90 31.79 13.02
N VAL B 250 33.51 31.92 11.77
CA VAL B 250 34.10 32.89 10.86
C VAL B 250 33.31 34.20 10.95
N TYR B 251 34.02 35.32 10.94
CA TYR B 251 33.40 36.62 11.13
C TYR B 251 33.89 37.66 10.14
N LYS B 252 34.92 37.31 9.36
CA LYS B 252 35.44 38.21 8.34
C LYS B 252 36.13 37.45 7.20
N LEU B 253 35.83 37.86 5.97
CA LEU B 253 36.70 37.60 4.84
C LEU B 253 37.46 38.86 4.43
N GLU B 254 38.77 38.73 4.26
CA GLU B 254 39.62 39.83 3.79
C GLU B 254 39.65 39.87 2.27
N THR B 255 39.55 41.07 1.72
CA THR B 255 39.71 41.27 0.28
C THR B 255 41.12 41.74 -0.05
N GLY B 256 41.78 41.03 -0.96
CA GLY B 256 43.16 41.34 -1.34
C GLY B 256 43.22 42.40 -2.43
N PRO B 257 44.44 42.85 -2.77
CA PRO B 257 44.64 43.92 -3.73
C PRO B 257 43.95 43.63 -5.08
N ASP B 258 44.04 42.38 -5.52
CA ASP B 258 43.57 42.00 -6.86
C ASP B 258 42.09 41.66 -6.82
N LYS B 259 41.34 42.29 -5.92
CA LYS B 259 39.89 42.32 -5.98
C LYS B 259 39.29 40.98 -5.54
N ARG B 260 40.15 39.98 -5.38
CA ARG B 260 39.71 38.64 -5.01
C ARG B 260 39.61 38.54 -3.49
N ILE B 261 39.41 37.32 -3.00
CA ILE B 261 39.37 37.07 -1.56
C ILE B 261 40.66 36.40 -1.10
N VAL B 262 41.24 36.91 -0.02
CA VAL B 262 42.60 36.56 0.35
C VAL B 262 42.66 35.68 1.60
N ALA B 263 41.66 35.81 2.47
CA ALA B 263 41.66 35.07 3.74
C ALA B 263 40.28 35.10 4.42
N ALA B 264 40.07 34.13 5.30
CA ALA B 264 38.93 34.17 6.21
C ALA B 264 39.42 34.23 7.65
N LEU B 265 38.84 35.13 8.43
CA LEU B 265 39.18 35.26 9.84
C LEU B 265 38.11 34.62 10.72
N TYR B 266 38.55 33.89 11.74
CA TYR B 266 37.62 33.14 12.57
C TYR B 266 38.08 33.10 14.03
N LYS B 267 37.11 33.23 14.94
CA LYS B 267 37.36 33.11 16.37
C LYS B 267 37.04 31.70 16.85
N ASP B 268 37.92 31.14 17.66
CA ASP B 268 37.63 29.90 18.36
C ASP B 268 36.68 30.15 19.52
N LYS B 269 36.50 29.14 20.37
CA LYS B 269 35.49 29.20 21.43
C LYS B 269 35.89 30.16 22.54
N THR B 270 37.13 30.65 22.47
CA THR B 270 37.66 31.54 23.49
C THR B 270 37.40 33.00 23.14
N GLY B 271 37.05 33.25 21.88
CA GLY B 271 37.02 34.60 21.33
C GLY B 271 38.34 34.97 20.68
N ALA B 272 39.34 34.11 20.85
CA ALA B 272 40.64 34.28 20.20
C ALA B 272 40.50 34.23 18.68
N GLU B 273 41.31 35.01 17.99
CA GLU B 273 41.15 35.21 16.56
C GLU B 273 42.16 34.36 15.79
N HIS B 274 41.77 33.92 14.59
CA HIS B 274 42.63 33.08 13.77
C HIS B 274 42.49 33.47 12.31
N ARG B 275 43.42 33.01 11.48
CA ARG B 275 43.49 33.43 10.09
C ARG B 275 43.75 32.23 9.18
N VAL B 276 42.92 32.09 8.15
CA VAL B 276 43.07 31.00 7.20
C VAL B 276 43.20 31.51 5.78
N GLU B 277 44.23 31.05 5.08
CA GLU B 277 44.44 31.41 3.68
C GLU B 277 44.23 30.20 2.79
N GLY B 278 43.62 30.42 1.64
CA GLY B 278 43.81 29.54 0.49
C GLY B 278 43.45 30.24 -0.81
N LYS B 279 43.29 29.46 -1.87
CA LYS B 279 43.16 30.02 -3.22
C LYS B 279 41.70 30.35 -3.53
N TYR B 280 40.78 29.53 -3.03
CA TYR B 280 39.36 29.69 -3.34
C TYR B 280 38.50 29.60 -2.08
N PHE B 281 37.35 30.27 -2.10
CA PHE B 281 36.55 30.45 -0.89
C PHE B 281 35.06 30.17 -1.15
N VAL B 282 34.52 29.23 -0.38
CA VAL B 282 33.09 28.90 -0.48
C VAL B 282 32.40 29.11 0.87
N LEU B 283 31.42 30.00 0.87
CA LEU B 283 30.56 30.17 2.03
C LEU B 283 29.38 29.21 1.96
N ALA B 284 29.36 28.24 2.86
CA ALA B 284 28.19 27.41 3.07
C ALA B 284 27.84 27.32 4.56
N ALA B 285 28.07 28.40 5.30
CA ALA B 285 27.13 28.83 6.32
C ALA B 285 25.74 28.79 5.72
N ASN B 286 24.72 29.01 6.54
CA ASN B 286 23.35 28.91 6.07
C ASN B 286 22.84 30.26 5.57
N GLY B 287 21.55 30.33 5.26
CA GLY B 287 20.98 31.50 4.61
C GLY B 287 20.86 32.71 5.52
N ILE B 288 21.26 32.55 6.78
CA ILE B 288 21.36 33.67 7.69
C ILE B 288 22.82 34.01 7.97
N GLU B 289 23.58 33.01 8.40
CA GLU B 289 24.93 33.24 8.91
C GLU B 289 25.87 33.63 7.78
N THR B 290 25.44 33.43 6.55
CA THR B 290 26.30 33.65 5.39
C THR B 290 26.28 35.13 4.99
N PRO B 291 25.07 35.72 4.89
CA PRO B 291 24.96 37.17 4.76
C PRO B 291 25.66 37.89 5.90
N LYS B 292 25.53 37.34 7.11
CA LYS B 292 26.09 37.96 8.29
C LYS B 292 27.61 38.07 8.15
N ILE B 293 28.26 36.98 7.78
CA ILE B 293 29.69 36.98 7.55
C ILE B 293 30.07 38.02 6.49
N LEU B 294 29.26 38.11 5.45
CA LEU B 294 29.56 39.00 4.33
C LEU B 294 29.67 40.44 4.82
N LEU B 295 28.68 40.89 5.57
CA LEU B 295 28.55 42.29 5.91
C LEU B 295 29.45 42.66 7.10
N MET B 296 29.74 41.68 7.94
CA MET B 296 30.79 41.80 8.94
C MET B 296 32.13 42.17 8.31
N SER B 297 32.19 42.16 6.99
CA SER B 297 33.47 42.10 6.28
C SER B 297 33.70 43.38 5.46
N ALA B 298 32.77 44.33 5.58
CA ALA B 298 32.99 45.67 5.03
C ALA B 298 34.38 46.18 5.35
N ASN B 299 35.02 46.83 4.37
CA ASN B 299 36.39 47.29 4.51
C ASN B 299 36.74 48.32 3.44
N ARG B 300 38.03 48.66 3.36
CA ARG B 300 38.46 49.84 2.62
C ARG B 300 37.87 49.85 1.21
N ASP B 301 38.12 48.79 0.45
CA ASP B 301 37.76 48.73 -0.96
C ASP B 301 36.28 48.38 -1.14
N PHE B 302 35.63 47.92 -0.07
CA PHE B 302 34.25 47.47 -0.15
C PHE B 302 33.45 47.97 1.04
N PRO B 303 33.03 49.24 0.99
CA PRO B 303 32.43 49.95 2.12
C PRO B 303 31.05 49.43 2.49
N ASN B 304 30.47 48.58 1.63
CA ASN B 304 29.11 48.10 1.85
C ASN B 304 29.09 46.64 2.26
N GLY B 305 30.26 46.10 2.57
CA GLY B 305 30.40 44.68 2.86
C GLY B 305 30.61 43.85 1.60
N VAL B 306 31.50 42.86 1.69
CA VAL B 306 31.94 42.10 0.52
C VAL B 306 30.74 41.59 -0.28
N ALA B 307 30.87 41.61 -1.60
CA ALA B 307 29.92 40.96 -2.49
C ALA B 307 28.61 41.73 -2.57
N ASN B 308 28.59 42.93 -1.98
CA ASN B 308 27.34 43.66 -1.83
C ASN B 308 27.29 44.97 -2.64
N SER B 309 28.10 45.05 -3.68
CA SER B 309 27.90 46.05 -4.74
C SER B 309 26.44 46.07 -5.18
N SER B 310 25.73 44.99 -4.85
CA SER B 310 24.31 44.86 -5.20
C SER B 310 23.45 45.70 -4.25
N ASP B 311 23.90 45.80 -3.00
CA ASP B 311 23.04 46.14 -1.87
C ASP B 311 21.98 45.08 -1.58
N MET B 312 22.20 43.86 -2.07
CA MET B 312 21.17 42.84 -2.06
C MET B 312 21.50 41.73 -1.06
N VAL B 313 22.66 41.82 -0.43
CA VAL B 313 23.08 40.81 0.54
C VAL B 313 22.26 40.91 1.81
N GLY B 314 21.91 39.77 2.39
CA GLY B 314 20.95 39.71 3.47
C GLY B 314 19.53 39.99 3.02
N ARG B 315 19.40 40.37 1.75
CA ARG B 315 18.14 40.88 1.24
C ARG B 315 17.41 39.79 0.47
N ASN B 316 16.10 39.98 0.26
CA ASN B 316 15.31 39.05 -0.53
C ASN B 316 14.91 37.81 0.26
N LEU B 317 14.90 37.94 1.58
CA LEU B 317 14.92 36.78 2.47
C LEU B 317 13.59 36.06 2.41
N MET B 318 13.64 34.73 2.40
CA MET B 318 12.47 33.92 2.06
C MET B 318 12.38 32.67 2.93
N ASP B 319 11.14 32.23 3.17
CA ASP B 319 10.86 30.90 3.72
C ASP B 319 9.38 30.59 3.45
N HIS B 320 8.95 29.36 3.74
CA HIS B 320 7.60 28.94 3.39
C HIS B 320 6.62 29.18 4.53
N PRO B 321 5.95 30.34 4.52
CA PRO B 321 4.87 30.60 5.47
C PRO B 321 3.88 29.45 5.56
N GLY B 322 3.75 28.88 6.76
CA GLY B 322 3.03 27.62 6.94
C GLY B 322 1.63 27.80 7.52
N THR B 323 0.77 26.82 7.25
CA THR B 323 -0.62 26.87 7.68
C THR B 323 -1.20 25.46 7.75
N GLY B 324 -2.15 25.26 8.67
CA GLY B 324 -2.42 23.92 9.18
C GLY B 324 -3.90 23.69 9.47
N VAL B 325 -4.31 22.44 9.45
CA VAL B 325 -5.54 22.01 10.11
C VAL B 325 -5.32 20.70 10.88
N SER B 326 -6.17 20.45 11.86
CA SER B 326 -6.17 19.18 12.57
C SER B 326 -7.59 18.83 12.98
N PHE B 327 -7.84 17.55 13.19
CA PHE B 327 -9.15 17.08 13.65
C PHE B 327 -9.07 15.59 13.98
N TYR B 328 -10.13 15.05 14.57
CA TYR B 328 -10.31 13.61 14.65
C TYR B 328 -11.12 13.14 13.45
N ALA B 329 -10.52 12.29 12.63
CA ALA B 329 -11.27 11.56 11.60
C ALA B 329 -12.29 10.64 12.25
N SER B 330 -13.29 10.24 11.47
CA SER B 330 -14.27 9.27 11.95
C SER B 330 -13.74 7.85 11.84
N GLU B 331 -12.83 7.62 10.89
CA GLU B 331 -12.18 6.32 10.74
C GLU B 331 -10.85 6.28 11.49
N LYS B 332 -10.49 5.09 11.97
CA LYS B 332 -9.19 4.88 12.59
C LYS B 332 -8.09 4.87 11.53
N LEU B 333 -6.92 5.39 11.88
CA LEU B 333 -5.86 5.61 10.91
C LEU B 333 -4.48 5.33 11.52
N TRP B 334 -4.31 5.71 12.78
CA TRP B 334 -3.14 5.32 13.56
C TRP B 334 -1.85 5.93 13.01
N PRO B 335 -1.76 7.28 13.03
CA PRO B 335 -0.52 7.94 12.67
C PRO B 335 0.60 7.56 13.63
N GLY B 336 1.84 7.55 13.15
CA GLY B 336 2.99 7.23 13.99
C GLY B 336 3.69 5.94 13.59
N ARG B 337 3.24 5.35 12.49
CA ARG B 337 3.83 4.10 12.02
C ARG B 337 4.66 4.33 10.75
N GLY B 338 5.94 3.99 10.81
CA GLY B 338 6.88 4.38 9.75
C GLY B 338 7.33 5.81 9.90
N PRO B 339 7.84 6.41 8.81
CA PRO B 339 8.35 7.78 8.84
C PRO B 339 7.28 8.83 9.13
N GLN B 340 7.73 10.01 9.51
CA GLN B 340 6.83 11.07 9.95
C GLN B 340 6.11 11.70 8.76
N GLU B 341 6.69 11.55 7.57
CA GLU B 341 6.04 12.03 6.35
C GLU B 341 6.42 11.17 5.15
N MET B 342 5.40 10.62 4.49
CA MET B 342 5.63 9.74 3.35
C MET B 342 4.90 10.25 2.11
N THR B 343 4.19 11.36 2.25
CA THR B 343 3.13 11.73 1.32
C THR B 343 3.06 13.24 1.17
N SER B 344 2.47 13.70 0.07
CA SER B 344 2.20 15.13 -0.11
C SER B 344 1.11 15.36 -1.14
N LEU B 345 0.49 16.53 -1.07
CA LEU B 345 -0.63 16.87 -1.94
C LEU B 345 -0.23 18.04 -2.84
N ILE B 346 0.16 17.73 -4.07
CA ILE B 346 1.04 18.60 -4.82
C ILE B 346 0.29 19.32 -5.94
N GLY B 347 -1.03 19.23 -5.91
CA GLY B 347 -1.85 19.65 -7.06
C GLY B 347 -2.11 21.15 -7.08
N PHE B 348 -1.35 21.90 -6.27
CA PHE B 348 -1.48 23.35 -6.25
C PHE B 348 -0.11 23.99 -6.22
N ARG B 349 0.90 23.29 -6.72
CA ARG B 349 2.23 23.86 -6.90
C ARG B 349 2.29 24.77 -8.12
N ASP B 350 1.37 24.57 -9.06
CA ASP B 350 1.39 25.33 -10.31
C ASP B 350 -0.02 25.52 -10.87
N GLY B 351 -0.15 26.48 -11.78
CA GLY B 351 -1.43 27.08 -12.08
C GLY B 351 -1.27 28.52 -12.54
N PRO B 352 -2.21 29.01 -13.37
CA PRO B 352 -2.22 30.42 -13.72
C PRO B 352 -2.36 31.29 -12.47
N PHE B 353 -3.06 30.78 -11.47
CA PHE B 353 -3.35 31.56 -10.26
C PHE B 353 -2.07 32.17 -9.69
N ARG B 354 -0.92 31.60 -10.03
CA ARG B 354 0.35 31.98 -9.42
C ARG B 354 0.73 33.41 -9.79
N ALA B 355 -0.07 34.05 -10.63
CA ALA B 355 0.10 35.47 -10.90
C ALA B 355 -0.63 36.30 -9.84
N THR B 356 -1.69 35.73 -9.30
CA THR B 356 -2.53 36.43 -8.33
C THR B 356 -2.11 36.11 -6.91
N GLU B 357 -1.72 34.85 -6.67
CA GLU B 357 -1.68 34.31 -5.31
C GLU B 357 -0.70 33.15 -5.21
N ALA B 358 -0.45 32.71 -3.98
CA ALA B 358 0.68 31.83 -3.71
C ALA B 358 0.31 30.38 -4.02
N ALA B 359 1.28 29.62 -4.54
CA ALA B 359 1.17 28.18 -4.62
C ALA B 359 1.58 27.52 -3.31
N LYS B 360 1.03 26.35 -3.03
CA LYS B 360 1.47 25.53 -1.91
C LYS B 360 1.65 24.07 -2.30
N LYS B 361 2.57 23.38 -1.63
CA LYS B 361 2.40 21.98 -1.32
C LYS B 361 1.70 21.80 0.03
N ILE B 362 0.81 20.82 0.09
CA ILE B 362 0.18 20.40 1.35
C ILE B 362 0.65 18.99 1.72
N HIS B 363 0.84 18.76 3.03
CA HIS B 363 1.29 17.45 3.48
C HIS B 363 0.57 16.99 4.74
N LEU B 364 0.13 15.73 4.71
CA LEU B 364 -0.43 15.08 5.88
C LEU B 364 0.69 14.58 6.78
N SER B 365 0.56 14.80 8.08
CA SER B 365 1.54 14.30 9.05
C SER B 365 1.31 12.82 9.34
N ASN B 366 2.40 12.08 9.47
CA ASN B 366 2.34 10.72 9.98
C ASN B 366 3.10 10.60 11.29
N LEU B 367 2.99 11.64 12.11
CA LEU B 367 3.68 11.67 13.39
C LEU B 367 2.82 11.00 14.47
N SER B 368 3.49 10.24 15.34
CA SER B 368 2.84 9.65 16.52
C SER B 368 2.24 10.70 17.44
N ARG B 369 1.03 10.46 17.93
CA ARG B 369 0.28 11.45 18.69
C ARG B 369 -0.12 10.93 20.07
N ILE B 370 0.55 9.89 20.55
CA ILE B 370 0.20 9.30 21.84
C ILE B 370 0.39 10.35 22.94
N ASP B 371 1.63 10.78 23.11
CA ASP B 371 1.95 11.86 24.05
C ASP B 371 0.90 12.96 23.97
N GLN B 372 0.80 13.59 22.81
CA GLN B 372 -0.10 14.73 22.63
C GLN B 372 -1.48 14.42 23.18
N GLU B 373 -2.01 13.26 22.82
CA GLU B 373 -3.41 12.96 23.07
C GLU B 373 -3.62 12.44 24.48
N THR B 374 -2.61 11.79 25.03
CA THR B 374 -2.59 11.46 26.45
C THR B 374 -2.53 12.73 27.30
N GLN B 375 -1.64 13.65 26.93
CA GLN B 375 -1.55 14.93 27.61
C GLN B 375 -2.90 15.63 27.60
N LYS B 376 -3.50 15.73 26.42
CA LYS B 376 -4.79 16.34 26.27
C LYS B 376 -5.77 15.80 27.31
N ILE B 377 -5.88 14.48 27.38
CA ILE B 377 -6.92 13.85 28.19
C ILE B 377 -6.77 14.23 29.67
N PHE B 378 -5.53 14.32 30.14
CA PHE B 378 -5.26 14.66 31.52
C PHE B 378 -5.56 16.13 31.81
N LYS B 379 -5.63 16.94 30.75
CA LYS B 379 -5.99 18.36 30.89
C LYS B 379 -7.47 18.53 31.20
N ALA B 380 -8.29 17.61 30.72
CA ALA B 380 -9.74 17.69 30.94
C ALA B 380 -10.06 17.60 32.42
N GLY B 381 -9.07 17.19 33.22
CA GLY B 381 -9.20 17.24 34.67
C GLY B 381 -10.28 16.31 35.19
N LYS B 382 -10.31 15.09 34.68
CA LYS B 382 -11.36 14.14 35.00
C LYS B 382 -10.77 12.76 35.21
N LEU B 383 -10.79 12.29 36.45
CA LEU B 383 -10.27 10.97 36.78
C LEU B 383 -11.10 9.89 36.10
N MET B 384 -10.43 8.95 35.43
CA MET B 384 -11.09 7.82 34.79
C MET B 384 -10.55 6.50 35.37
N LYS B 385 -11.39 5.47 35.38
CA LYS B 385 -10.91 4.10 35.48
C LYS B 385 -9.88 3.83 34.38
N PRO B 386 -8.78 3.16 34.73
CA PRO B 386 -7.68 2.86 33.82
C PRO B 386 -8.16 2.37 32.45
N ASP B 387 -9.35 1.78 32.40
CA ASP B 387 -9.82 1.11 31.19
C ASP B 387 -10.43 2.09 30.20
N GLU B 388 -11.25 3.01 30.72
CA GLU B 388 -11.67 4.18 29.95
C GLU B 388 -10.48 4.99 29.47
N LEU B 389 -9.53 5.23 30.36
CA LEU B 389 -8.38 6.06 30.03
C LEU B 389 -7.61 5.45 28.86
N ASP B 390 -7.33 4.16 28.95
CA ASP B 390 -6.66 3.46 27.88
C ASP B 390 -7.49 3.45 26.60
N ALA B 391 -8.76 3.11 26.73
CA ALA B 391 -9.66 3.10 25.58
C ALA B 391 -9.56 4.43 24.83
N GLN B 392 -9.65 5.53 25.56
CA GLN B 392 -9.65 6.85 24.96
C GLN B 392 -8.31 7.22 24.36
N ILE B 393 -7.22 6.98 25.10
CA ILE B 393 -5.89 7.21 24.57
C ILE B 393 -5.76 6.55 23.20
N ARG B 394 -6.23 5.31 23.11
CA ARG B 394 -6.08 4.53 21.87
C ARG B 394 -6.91 5.17 20.77
N ASP B 395 -8.15 5.50 21.09
CA ASP B 395 -9.08 6.05 20.10
C ASP B 395 -8.61 7.41 19.59
N ARG B 396 -8.27 8.31 20.51
CA ARG B 396 -7.85 9.65 20.13
C ARG B 396 -6.54 9.61 19.34
N SER B 397 -5.59 8.80 19.80
CA SER B 397 -4.31 8.66 19.13
C SER B 397 -4.51 8.07 17.75
N ALA B 398 -5.63 7.39 17.55
CA ALA B 398 -5.86 6.60 16.36
C ALA B 398 -6.46 7.48 15.27
N ARG B 399 -7.19 8.50 15.68
CA ARG B 399 -8.11 9.21 14.80
C ARG B 399 -7.61 10.62 14.48
N TYR B 400 -6.62 11.08 15.23
CA TYR B 400 -6.03 12.39 14.96
C TYR B 400 -5.48 12.43 13.54
N VAL B 401 -5.81 13.49 12.82
CA VAL B 401 -5.10 13.82 11.59
C VAL B 401 -4.76 15.29 11.53
N GLN B 402 -3.63 15.60 10.92
CA GLN B 402 -3.15 16.97 10.78
C GLN B 402 -2.60 17.15 9.38
N PHE B 403 -3.01 18.22 8.72
CA PHE B 403 -2.35 18.67 7.50
C PHE B 403 -1.62 19.98 7.77
N ASP B 404 -0.43 20.12 7.19
CA ASP B 404 0.24 21.41 7.10
C ASP B 404 0.52 21.75 5.64
N CYS B 405 1.13 22.90 5.39
CA CYS B 405 1.47 23.30 4.03
C CYS B 405 2.61 24.32 3.96
N PHE B 406 3.39 24.25 2.87
CA PHE B 406 4.25 25.37 2.46
C PHE B 406 3.54 26.28 1.46
N HIS B 407 3.40 27.55 1.80
CA HIS B 407 3.16 28.60 0.82
C HIS B 407 4.48 29.18 0.30
N GLU B 408 4.49 29.54 -0.98
CA GLU B 408 5.55 30.39 -1.52
C GLU B 408 5.44 31.81 -0.97
N ILE B 409 6.59 32.40 -0.65
CA ILE B 409 6.68 33.84 -0.51
C ILE B 409 7.63 34.42 -1.54
N LEU B 410 7.24 35.56 -2.12
CA LEU B 410 8.00 36.15 -3.20
C LEU B 410 9.19 36.94 -2.68
N PRO B 411 10.33 36.85 -3.38
CA PRO B 411 11.55 37.56 -2.99
C PRO B 411 11.33 39.06 -2.92
N GLN B 412 11.60 39.64 -1.75
CA GLN B 412 11.31 41.04 -1.51
C GLN B 412 12.46 41.67 -0.72
N PRO B 413 12.91 42.85 -1.16
CA PRO B 413 14.19 43.38 -0.73
C PRO B 413 14.11 44.06 0.64
N GLU B 414 12.89 44.33 1.12
CA GLU B 414 12.70 44.86 2.46
C GLU B 414 12.64 43.75 3.52
N ASN B 415 12.23 42.56 3.11
CA ASN B 415 12.55 41.34 3.85
C ASN B 415 14.04 41.04 3.80
N ARG B 416 14.75 41.26 4.90
CA ARG B 416 16.20 41.14 4.90
C ARG B 416 16.78 40.82 6.26
N ILE B 417 18.01 40.32 6.26
CA ILE B 417 18.78 40.13 7.48
C ILE B 417 20.02 41.02 7.44
N VAL B 418 20.27 41.73 8.53
CA VAL B 418 21.49 42.50 8.70
C VAL B 418 22.15 42.15 10.03
N PRO B 419 23.47 42.34 10.13
CA PRO B 419 24.13 42.22 11.43
C PRO B 419 23.82 43.38 12.36
N SER B 420 23.35 43.09 13.57
CA SER B 420 22.94 44.12 14.51
C SER B 420 24.08 45.10 14.76
N LYS B 421 23.77 46.39 14.73
CA LYS B 421 24.70 47.41 15.21
C LYS B 421 24.86 47.31 16.73
N THR B 422 23.78 47.01 17.42
CA THR B 422 23.76 47.06 18.88
C THR B 422 24.14 45.70 19.49
N ALA B 423 23.42 44.66 19.09
CA ALA B 423 23.43 43.40 19.84
C ALA B 423 24.59 42.52 19.40
N THR B 424 25.08 41.70 20.33
CA THR B 424 26.28 40.92 20.11
C THR B 424 26.16 39.61 20.90
N ASP B 425 27.05 38.65 20.62
CA ASP B 425 27.03 37.38 21.33
C ASP B 425 28.25 37.26 22.24
N ALA B 426 28.47 36.06 22.76
CA ALA B 426 29.38 35.88 23.89
C ALA B 426 30.83 36.11 23.49
N ILE B 427 31.12 36.01 22.20
CA ILE B 427 32.49 36.13 21.71
C ILE B 427 32.64 37.36 20.83
N GLY B 428 31.60 38.20 20.83
CA GLY B 428 31.74 39.59 20.39
C GLY B 428 31.40 39.76 18.92
N ILE B 429 30.92 38.69 18.30
CA ILE B 429 30.28 38.79 16.99
C ILE B 429 28.88 39.38 17.13
N PRO B 430 28.58 40.43 16.34
CA PRO B 430 27.22 40.91 16.16
C PRO B 430 26.22 39.80 15.88
N ARG B 431 24.94 40.14 15.85
CA ARG B 431 23.88 39.16 15.88
C ARG B 431 22.91 39.43 14.74
N PRO B 432 22.29 38.37 14.21
CA PRO B 432 21.31 38.54 13.14
C PRO B 432 20.17 39.45 13.56
N GLU B 433 19.83 40.42 12.72
CA GLU B 433 18.63 41.22 12.89
C GLU B 433 17.73 41.08 11.67
N ILE B 434 16.68 40.27 11.78
CA ILE B 434 15.82 39.98 10.65
C ILE B 434 14.58 40.86 10.70
N THR B 435 14.43 41.72 9.69
CA THR B 435 13.14 42.30 9.35
C THR B 435 12.44 41.45 8.30
N TYR B 436 11.10 41.37 8.42
CA TYR B 436 10.34 40.35 7.71
C TYR B 436 8.85 40.67 7.77
N ALA B 437 8.18 40.62 6.63
CA ALA B 437 6.74 40.73 6.58
C ALA B 437 6.17 39.74 5.58
N ILE B 438 4.88 39.43 5.73
CA ILE B 438 4.21 38.46 4.88
C ILE B 438 3.00 39.11 4.25
N ASP B 439 3.03 39.28 2.93
CA ASP B 439 2.09 40.17 2.23
C ASP B 439 0.90 39.39 1.70
N ASP B 440 0.05 40.06 0.93
CA ASP B 440 -1.27 39.52 0.61
C ASP B 440 -1.19 38.44 -0.46
N TYR B 441 -0.07 38.37 -1.17
CA TYR B 441 0.19 37.29 -2.12
C TYR B 441 0.11 35.94 -1.42
N VAL B 442 0.82 35.81 -0.31
CA VAL B 442 0.75 34.62 0.52
C VAL B 442 -0.65 34.45 1.11
N LYS B 443 -1.24 35.55 1.56
CA LYS B 443 -2.42 35.50 2.43
C LYS B 443 -3.64 35.09 1.63
N ARG B 444 -3.61 35.34 0.32
CA ARG B 444 -4.72 34.99 -0.55
C ARG B 444 -4.59 33.52 -0.95
N GLY B 445 -3.35 33.08 -1.14
CA GLY B 445 -3.04 31.66 -1.24
C GLY B 445 -3.56 30.88 -0.05
N ALA B 446 -3.38 31.45 1.14
CA ALA B 446 -3.73 30.76 2.38
C ALA B 446 -5.23 30.62 2.53
N ALA B 447 -5.98 31.57 1.98
CA ALA B 447 -7.44 31.54 2.07
C ALA B 447 -8.00 30.35 1.29
N HIS B 448 -7.37 30.04 0.16
CA HIS B 448 -7.73 28.86 -0.62
C HIS B 448 -7.35 27.59 0.13
N THR B 449 -6.16 27.57 0.70
CA THR B 449 -5.71 26.43 1.50
C THR B 449 -6.73 26.12 2.59
N ARG B 450 -7.19 27.15 3.28
CA ARG B 450 -8.11 26.95 4.39
C ARG B 450 -9.39 26.29 3.89
N GLU B 451 -9.57 26.25 2.57
CA GLU B 451 -10.76 25.66 1.98
C GLU B 451 -10.53 24.20 1.62
N VAL B 452 -9.39 23.92 1.02
CA VAL B 452 -8.91 22.56 0.88
C VAL B 452 -8.99 21.83 2.22
N TYR B 453 -8.48 22.48 3.27
CA TYR B 453 -8.47 21.91 4.61
C TYR B 453 -9.90 21.55 5.04
N ALA B 454 -10.81 22.50 4.89
CA ALA B 454 -12.19 22.29 5.31
C ALA B 454 -12.81 21.15 4.52
N THR B 455 -12.37 20.98 3.29
CA THR B 455 -12.87 19.93 2.44
C THR B 455 -12.26 18.58 2.84
N ALA B 456 -10.97 18.57 3.13
CA ALA B 456 -10.33 17.38 3.67
C ALA B 456 -11.05 16.92 4.94
N ALA B 457 -11.42 17.87 5.79
CA ALA B 457 -12.13 17.55 7.01
C ALA B 457 -13.47 16.90 6.69
N LYS B 458 -14.22 17.50 5.78
CA LYS B 458 -15.53 16.99 5.41
C LYS B 458 -15.41 15.56 4.89
N VAL B 459 -14.45 15.34 4.00
CA VAL B 459 -14.28 14.03 3.36
C VAL B 459 -14.04 12.95 4.40
N LEU B 460 -13.27 13.28 5.43
CA LEU B 460 -12.69 12.27 6.32
C LEU B 460 -13.48 12.18 7.61
N GLY B 461 -14.69 12.72 7.61
CA GLY B 461 -15.57 12.65 8.78
C GLY B 461 -15.03 13.47 9.92
N GLY B 462 -14.42 14.60 9.59
CA GLY B 462 -13.59 15.33 10.54
C GLY B 462 -14.39 15.90 11.69
N THR B 463 -13.83 15.80 12.89
CA THR B 463 -14.53 16.24 14.08
C THR B 463 -13.55 16.95 15.01
N ASP B 464 -14.03 17.94 15.73
CA ASP B 464 -13.16 18.84 16.49
C ASP B 464 -12.14 19.49 15.57
N VAL B 465 -12.63 20.06 14.48
CA VAL B 465 -11.76 20.66 13.48
C VAL B 465 -11.18 21.97 14.04
N VAL B 466 -9.87 22.11 13.96
CA VAL B 466 -9.19 23.32 14.39
C VAL B 466 -8.28 23.83 13.27
N PHE B 467 -8.51 25.08 12.88
CA PHE B 467 -7.74 25.69 11.81
C PHE B 467 -6.57 26.47 12.40
N ASN B 468 -5.37 26.22 11.88
CA ASN B 468 -4.18 26.89 12.36
C ASN B 468 -3.70 27.96 11.38
N ASP B 469 -4.12 29.20 11.59
CA ASP B 469 -4.08 30.23 10.55
C ASP B 469 -2.92 31.20 10.76
N GLU B 470 -2.21 31.03 11.87
CA GLU B 470 -0.96 31.75 12.09
C GLU B 470 0.15 31.14 11.25
N PHE B 471 0.90 31.98 10.56
CA PHE B 471 1.96 31.50 9.69
C PHE B 471 3.11 30.96 10.53
N ALA B 472 3.45 29.69 10.30
CA ALA B 472 4.59 29.09 10.97
C ALA B 472 5.84 29.25 10.11
N PRO B 473 7.01 29.10 10.73
CA PRO B 473 8.26 28.97 10.00
C PRO B 473 8.38 27.57 9.40
N ASN B 474 9.35 27.39 8.51
CA ASN B 474 9.62 26.06 7.96
C ASN B 474 11.08 25.88 7.57
N ASN B 475 11.92 26.81 8.01
CA ASN B 475 13.35 26.55 8.10
C ASN B 475 13.99 26.44 6.73
N HIS B 476 13.32 27.01 5.74
CA HIS B 476 13.83 27.01 4.37
C HIS B 476 14.35 28.40 4.02
N ILE B 477 15.62 28.62 4.34
CA ILE B 477 16.14 29.96 4.48
C ILE B 477 16.85 30.36 3.19
N THR B 478 16.16 31.12 2.36
CA THR B 478 16.57 31.29 0.98
C THR B 478 16.42 32.75 0.55
N GLY B 479 17.37 33.23 -0.26
CA GLY B 479 17.24 34.53 -0.90
C GLY B 479 18.48 35.39 -0.76
N SER B 480 19.19 35.23 0.36
CA SER B 480 19.88 36.34 1.01
C SER B 480 21.15 36.73 0.25
N THR B 481 21.57 35.87 -0.68
CA THR B 481 22.62 36.21 -1.62
C THR B 481 22.19 35.91 -3.05
N ILE B 482 21.19 36.65 -3.53
CA ILE B 482 20.30 36.14 -4.56
C ILE B 482 21.05 35.95 -5.88
N MET B 483 20.49 35.12 -6.76
CA MET B 483 21.17 34.72 -8.00
C MET B 483 20.62 35.51 -9.18
N GLY B 484 21.52 35.97 -10.04
CA GLY B 484 21.21 37.07 -10.95
C GLY B 484 21.85 36.91 -12.31
N ALA B 485 21.24 37.53 -13.31
CA ALA B 485 21.90 37.78 -14.59
C ALA B 485 23.01 38.82 -14.43
N ASP B 486 22.63 40.01 -14.00
CA ASP B 486 23.56 41.14 -13.92
C ASP B 486 23.72 41.63 -12.48
N ALA B 487 24.89 42.18 -12.19
CA ALA B 487 25.51 42.03 -10.88
C ALA B 487 25.09 43.14 -9.92
N ARG B 488 24.03 43.84 -10.27
CA ARG B 488 23.48 44.89 -9.41
C ARG B 488 21.97 44.99 -9.58
N ASP B 489 21.31 43.84 -9.55
CA ASP B 489 20.31 43.55 -8.54
C ASP B 489 20.51 42.15 -7.96
N SER B 490 21.77 41.73 -7.86
CA SER B 490 22.10 40.32 -7.63
C SER B 490 23.50 40.18 -7.05
N VAL B 491 23.73 39.09 -6.33
CA VAL B 491 24.98 38.90 -5.61
C VAL B 491 25.88 37.91 -6.32
N VAL B 492 25.28 36.87 -6.89
CA VAL B 492 26.03 35.82 -7.58
C VAL B 492 25.54 35.66 -9.02
N ASP B 493 26.47 35.34 -9.92
CA ASP B 493 26.12 34.90 -11.26
C ASP B 493 25.44 33.54 -11.21
N LYS B 494 25.04 33.04 -12.38
CA LYS B 494 24.26 31.82 -12.45
C LYS B 494 25.12 30.60 -12.15
N ASP B 495 26.35 30.83 -11.69
CA ASP B 495 27.23 29.73 -11.28
C ASP B 495 27.56 29.80 -9.79
N CYS B 496 26.92 30.74 -9.08
CA CYS B 496 27.17 30.93 -7.66
C CYS B 496 28.59 31.43 -7.39
N ARG B 497 29.28 31.84 -8.45
CA ARG B 497 30.38 32.80 -8.32
C ARG B 497 29.82 34.16 -7.93
N THR B 498 30.41 34.77 -6.91
CA THR B 498 30.13 36.16 -6.58
C THR B 498 30.59 37.06 -7.73
N PHE B 499 29.75 38.02 -8.09
CA PHE B 499 30.11 38.98 -9.12
C PHE B 499 31.33 39.79 -8.71
N ASP B 500 31.46 40.06 -7.41
CA ASP B 500 32.44 41.02 -6.93
C ASP B 500 33.76 40.33 -6.59
N HIS B 501 33.76 39.00 -6.58
CA HIS B 501 34.91 38.24 -6.11
C HIS B 501 35.05 36.94 -6.86
N PRO B 502 35.81 36.96 -7.96
CA PRO B 502 35.83 35.87 -8.92
C PRO B 502 36.29 34.56 -8.30
N ASN B 503 36.79 34.60 -7.06
CA ASN B 503 37.20 33.39 -6.38
C ASN B 503 36.40 33.10 -5.10
N LEU B 504 35.20 33.64 -5.03
CA LEU B 504 34.27 33.33 -3.95
C LEU B 504 32.95 32.77 -4.48
N PHE B 505 32.59 31.57 -4.03
CA PHE B 505 31.30 30.98 -4.34
C PHE B 505 30.44 30.85 -3.09
N ILE B 506 29.13 30.92 -3.27
CA ILE B 506 28.20 30.70 -2.17
C ILE B 506 27.38 29.42 -2.36
N SER B 507 27.68 28.41 -1.55
CA SER B 507 26.90 27.17 -1.54
C SER B 507 25.83 27.22 -0.45
N SER B 508 24.64 27.68 -0.81
CA SER B 508 23.54 27.82 0.13
C SER B 508 22.25 28.12 -0.61
N SER B 509 21.12 27.88 0.04
CA SER B 509 19.82 28.26 -0.50
C SER B 509 19.64 29.77 -0.47
N ALA B 510 20.59 30.45 0.17
CA ALA B 510 20.72 31.91 0.03
C ALA B 510 20.69 32.31 -1.45
N THR B 511 21.34 31.51 -2.28
CA THR B 511 21.52 31.85 -3.70
C THR B 511 20.22 31.79 -4.48
N MET B 512 19.26 31.01 -3.99
CA MET B 512 18.05 30.74 -4.75
C MET B 512 17.12 31.96 -4.75
N PRO B 513 16.86 32.52 -5.94
CA PRO B 513 16.03 33.70 -6.08
C PRO B 513 14.55 33.43 -5.83
N THR B 514 14.16 32.16 -5.91
CA THR B 514 12.78 31.78 -5.63
C THR B 514 12.75 30.60 -4.68
N VAL B 515 11.73 30.57 -3.82
CA VAL B 515 11.67 29.59 -2.75
C VAL B 515 10.69 28.47 -3.11
N GLY B 516 9.79 28.75 -4.04
CA GLY B 516 8.96 27.72 -4.63
C GLY B 516 8.00 27.13 -3.61
N THR B 517 7.75 25.83 -3.73
CA THR B 517 6.60 25.20 -3.10
C THR B 517 7.02 24.05 -2.19
N VAL B 518 8.33 23.80 -2.11
CA VAL B 518 8.84 22.59 -1.50
C VAL B 518 10.19 22.80 -0.81
N ASN B 519 10.53 21.88 0.09
CA ASN B 519 11.80 21.93 0.82
C ASN B 519 12.97 22.11 -0.13
N VAL B 520 13.93 22.92 0.27
CA VAL B 520 14.84 23.57 -0.68
C VAL B 520 16.17 22.85 -0.73
N THR B 521 16.33 21.81 0.10
CA THR B 521 17.66 21.29 0.39
C THR B 521 18.19 20.43 -0.74
N LEU B 522 17.31 19.75 -1.46
CA LEU B 522 17.73 18.93 -2.59
C LEU B 522 18.30 19.84 -3.68
N THR B 523 17.61 20.94 -3.94
CA THR B 523 18.09 21.97 -4.85
C THR B 523 19.46 22.49 -4.46
N ILE B 524 19.68 22.66 -3.16
CA ILE B 524 21.00 23.09 -2.66
C ILE B 524 22.04 22.03 -2.99
N ALA B 525 21.71 20.77 -2.69
CA ALA B 525 22.61 19.67 -2.95
C ALA B 525 23.00 19.68 -4.42
N ALA B 526 22.04 20.02 -5.28
CA ALA B 526 22.26 20.07 -6.72
C ALA B 526 23.25 21.19 -7.07
N LEU B 527 22.94 22.39 -6.64
CA LEU B 527 23.80 23.54 -6.92
C LEU B 527 25.20 23.27 -6.40
N ALA B 528 25.29 22.59 -5.27
CA ALA B 528 26.59 22.29 -4.67
C ALA B 528 27.43 21.46 -5.63
N LEU B 529 26.82 20.45 -6.21
CA LEU B 529 27.53 19.56 -7.13
C LEU B 529 27.92 20.33 -8.39
N ARG B 530 26.97 21.10 -8.92
CA ARG B 530 27.24 21.99 -10.03
C ARG B 530 28.48 22.84 -9.77
N MET B 531 28.46 23.60 -8.68
CA MET B 531 29.61 24.42 -8.30
C MET B 531 30.89 23.61 -8.31
N SER B 532 30.80 22.38 -7.81
CA SER B 532 32.00 21.59 -7.52
C SER B 532 32.62 21.08 -8.82
N ASP B 533 31.77 20.82 -9.81
CA ASP B 533 32.22 20.67 -11.19
C ASP B 533 32.97 21.91 -11.67
N THR B 534 32.28 23.04 -11.68
CA THR B 534 32.86 24.30 -12.15
C THR B 534 34.21 24.58 -11.50
N LEU B 535 34.32 24.33 -10.20
CA LEU B 535 35.54 24.65 -9.45
C LEU B 535 36.63 23.64 -9.75
N LYS B 536 36.24 22.38 -9.93
CA LYS B 536 37.20 21.32 -10.25
C LYS B 536 38.05 21.71 -11.45
N LYS B 537 37.58 22.68 -12.23
CA LYS B 537 38.25 23.08 -13.45
C LYS B 537 39.32 24.14 -13.18
N GLU B 538 39.10 24.96 -12.16
CA GLU B 538 40.12 25.87 -11.67
C GLU B 538 41.19 25.13 -10.88
N VAL B 539 42.18 24.59 -11.59
CA VAL B 539 43.34 23.99 -10.96
C VAL B 539 43.46 24.44 -9.51
N THR C 5 31.69 -45.58 -13.43
CA THR C 5 30.58 -44.66 -13.04
C THR C 5 29.29 -45.05 -13.75
N ALA C 6 28.16 -44.62 -13.19
CA ALA C 6 26.85 -45.00 -13.72
C ALA C 6 26.31 -43.92 -14.65
N PRO C 7 25.21 -44.21 -15.35
CA PRO C 7 24.54 -43.24 -16.21
C PRO C 7 24.13 -41.99 -15.44
N LEU C 8 23.77 -42.19 -14.17
CA LEU C 8 23.36 -41.12 -13.28
C LEU C 8 24.48 -40.09 -13.09
N ASP C 9 25.70 -40.59 -12.90
CA ASP C 9 26.88 -39.72 -12.84
C ASP C 9 26.95 -38.83 -14.07
N THR C 10 26.86 -39.44 -15.24
CA THR C 10 26.87 -38.68 -16.49
C THR C 10 25.73 -37.68 -16.52
N PHE C 11 24.55 -38.12 -16.09
CA PHE C 11 23.37 -37.28 -16.18
C PHE C 11 23.50 -36.05 -15.28
N MET C 12 24.14 -36.22 -14.13
CA MET C 12 24.24 -35.13 -13.15
C MET C 12 25.27 -34.10 -13.58
N THR C 13 26.44 -34.58 -14.00
CA THR C 13 27.45 -33.72 -14.61
C THR C 13 26.83 -32.91 -15.75
N LEU C 14 26.30 -33.62 -16.73
CA LEU C 14 25.58 -33.00 -17.83
C LEU C 14 24.66 -31.88 -17.33
N SER C 15 23.93 -32.17 -16.26
CA SER C 15 22.89 -31.27 -15.79
C SER C 15 23.48 -30.06 -15.06
N GLU C 16 24.56 -30.28 -14.30
CA GLU C 16 25.24 -29.18 -13.65
C GLU C 16 25.71 -28.15 -14.67
N SER C 17 26.16 -28.62 -15.81
CA SER C 17 26.72 -27.74 -16.84
C SER C 17 25.61 -27.06 -17.64
N LEU C 18 24.60 -27.84 -18.02
CA LEU C 18 23.41 -27.29 -18.67
C LEU C 18 22.76 -26.25 -17.77
N THR C 19 22.67 -26.58 -16.49
CA THR C 19 21.73 -25.90 -15.60
C THR C 19 22.43 -24.78 -14.86
N GLY C 20 23.75 -24.87 -14.76
CA GLY C 20 24.57 -23.79 -14.18
C GLY C 20 24.63 -23.89 -12.66
N LYS C 21 23.96 -24.89 -12.12
CA LYS C 21 23.64 -24.92 -10.69
C LYS C 21 24.40 -26.03 -10.00
N LYS C 22 24.90 -25.75 -8.81
CA LYS C 22 25.65 -26.73 -8.04
C LYS C 22 24.80 -27.24 -6.89
N GLY C 23 25.18 -28.40 -6.36
CA GLY C 23 24.44 -29.00 -5.25
C GLY C 23 23.12 -29.60 -5.68
N LEU C 24 22.98 -29.86 -6.97
CA LEU C 24 21.78 -30.50 -7.52
C LEU C 24 21.48 -31.80 -6.79
N SER C 25 20.23 -31.98 -6.38
CA SER C 25 19.82 -33.21 -5.73
C SER C 25 19.96 -34.40 -6.68
N ARG C 26 20.58 -35.47 -6.20
CA ARG C 26 20.74 -36.69 -6.98
C ARG C 26 19.55 -37.62 -6.77
N VAL C 27 18.87 -37.45 -5.65
CA VAL C 27 17.57 -38.09 -5.45
C VAL C 27 16.61 -37.63 -6.54
N ILE C 28 16.51 -36.32 -6.72
CA ILE C 28 15.66 -35.75 -7.75
C ILE C 28 16.16 -36.16 -9.14
N GLY C 29 17.45 -35.94 -9.38
CA GLY C 29 18.03 -36.15 -10.70
C GLY C 29 17.87 -37.57 -11.19
N GLU C 30 17.83 -38.51 -10.27
CA GLU C 30 17.66 -39.93 -10.60
C GLU C 30 16.19 -40.22 -10.89
N ARG C 31 15.32 -39.51 -10.17
CA ARG C 31 13.91 -39.44 -10.53
C ARG C 31 13.74 -38.93 -11.95
N LEU C 32 14.39 -37.80 -12.25
CA LEU C 32 14.26 -37.16 -13.55
C LEU C 32 14.84 -38.05 -14.63
N LEU C 33 16.03 -38.58 -14.38
CA LEU C 33 16.69 -39.47 -15.32
C LEU C 33 15.75 -40.62 -15.67
N GLN C 34 15.21 -41.26 -14.64
CA GLN C 34 14.39 -42.45 -14.82
C GLN C 34 13.16 -42.14 -15.68
N ALA C 35 12.54 -40.99 -15.43
CA ALA C 35 11.40 -40.55 -16.23
C ALA C 35 11.83 -40.34 -17.68
N LEU C 36 12.85 -39.52 -17.89
CA LEU C 36 13.37 -39.28 -19.23
C LEU C 36 13.73 -40.60 -19.92
N GLN C 37 14.14 -41.59 -19.13
CA GLN C 37 14.80 -42.76 -19.68
C GLN C 37 13.83 -43.62 -20.49
N LYS C 38 12.57 -43.60 -20.09
CA LYS C 38 11.62 -44.59 -20.59
C LYS C 38 10.99 -44.14 -21.91
N GLY C 39 10.97 -42.84 -22.16
CA GLY C 39 10.34 -42.30 -23.36
C GLY C 39 11.27 -41.46 -24.23
N SER C 40 12.23 -40.79 -23.60
CA SER C 40 12.69 -39.49 -24.06
C SER C 40 13.98 -39.59 -24.87
N PHE C 41 14.71 -40.68 -24.69
CA PHE C 41 16.06 -40.81 -25.24
C PHE C 41 16.05 -41.60 -26.54
N LYS C 42 16.76 -41.09 -27.54
CA LYS C 42 16.64 -41.59 -28.91
C LYS C 42 17.38 -42.91 -29.09
N THR C 43 18.39 -43.16 -28.25
CA THR C 43 19.47 -44.07 -28.61
C THR C 43 20.11 -44.71 -27.40
N ALA C 44 20.76 -45.85 -27.62
CA ALA C 44 21.59 -46.46 -26.58
C ALA C 44 22.23 -45.40 -25.68
N ASP C 45 23.02 -44.52 -26.28
CA ASP C 45 24.07 -43.82 -25.56
C ASP C 45 24.10 -42.35 -25.95
N SER C 46 22.92 -41.73 -26.08
CA SER C 46 22.81 -40.46 -26.76
C SER C 46 22.99 -39.29 -25.79
N LEU C 47 23.29 -39.61 -24.53
CA LEU C 47 23.34 -38.59 -23.49
C LEU C 47 24.77 -38.30 -23.01
N PRO C 48 25.66 -39.31 -23.08
CA PRO C 48 27.10 -39.03 -23.12
C PRO C 48 27.57 -38.60 -24.51
N GLN C 49 26.73 -38.84 -25.52
CA GLN C 49 26.90 -38.23 -26.83
C GLN C 49 26.69 -36.72 -26.75
N LEU C 50 25.71 -36.28 -25.97
CA LEU C 50 25.48 -34.86 -25.72
C LEU C 50 26.52 -34.31 -24.76
N ALA C 51 26.78 -35.05 -23.68
CA ALA C 51 27.84 -34.68 -22.73
C ALA C 51 29.05 -34.13 -23.48
N GLY C 52 29.62 -34.95 -24.36
CA GLY C 52 30.72 -34.51 -25.21
C GLY C 52 30.35 -33.31 -26.07
N ALA C 53 29.35 -33.49 -26.93
CA ALA C 53 29.02 -32.46 -27.92
C ALA C 53 29.07 -31.08 -27.29
N LEU C 54 29.01 -31.03 -25.96
CA LEU C 54 28.84 -29.78 -25.24
C LEU C 54 30.18 -29.11 -25.00
N ALA C 55 31.07 -29.80 -24.28
CA ALA C 55 32.15 -29.16 -23.56
C ALA C 55 33.20 -28.60 -24.53
N SER C 56 32.86 -28.57 -25.81
CA SER C 56 33.51 -27.66 -26.75
C SER C 56 32.80 -27.69 -28.10
N GLY C 57 32.17 -28.82 -28.42
CA GLY C 57 31.40 -28.93 -29.65
C GLY C 57 30.58 -27.68 -29.93
N SER C 58 30.04 -27.59 -31.14
CA SER C 58 28.68 -27.13 -31.35
C SER C 58 27.70 -28.30 -31.18
N LEU C 59 26.45 -28.06 -31.58
CA LEU C 59 25.36 -28.96 -31.24
C LEU C 59 24.36 -29.04 -32.39
N THR C 60 24.33 -30.18 -33.08
CA THR C 60 23.27 -30.45 -34.04
C THR C 60 21.92 -30.12 -33.42
N PRO C 61 20.93 -29.83 -34.27
CA PRO C 61 19.71 -29.15 -33.83
C PRO C 61 18.88 -30.03 -32.89
N GLU C 62 19.09 -31.33 -32.97
CA GLU C 62 18.11 -32.28 -32.45
C GLU C 62 18.59 -32.87 -31.12
N GLN C 63 19.89 -32.77 -30.87
CA GLN C 63 20.43 -33.02 -29.54
C GLN C 63 20.73 -31.71 -28.82
N GLU C 64 20.51 -30.59 -29.50
CA GLU C 64 20.18 -29.34 -28.83
C GLU C 64 18.82 -29.44 -28.16
N SER C 65 17.94 -30.27 -28.72
CA SER C 65 16.58 -30.38 -28.23
C SER C 65 16.52 -31.39 -27.08
N LEU C 66 17.48 -32.30 -27.05
CA LEU C 66 17.69 -33.16 -25.89
C LEU C 66 18.10 -32.33 -24.68
N ALA C 67 19.10 -31.48 -24.87
CA ALA C 67 19.54 -30.56 -23.83
C ALA C 67 18.36 -29.75 -23.30
N LEU C 68 17.60 -29.15 -24.22
CA LEU C 68 16.43 -28.38 -23.87
C LEU C 68 15.45 -29.20 -23.04
N THR C 69 15.30 -30.47 -23.40
CA THR C 69 14.40 -31.36 -22.69
C THR C 69 14.92 -31.62 -21.28
N ILE C 70 16.24 -31.75 -21.17
CA ILE C 70 16.88 -32.02 -19.89
C ILE C 70 16.82 -30.79 -18.99
N LEU C 71 17.16 -29.64 -19.55
CA LEU C 71 16.95 -28.36 -18.88
C LEU C 71 15.49 -28.21 -18.47
N GLU C 72 14.58 -28.55 -19.38
CA GLU C 72 13.15 -28.50 -19.11
C GLU C 72 12.81 -29.29 -17.86
N ALA C 73 13.31 -30.51 -17.77
CA ALA C 73 13.00 -31.40 -16.66
C ALA C 73 13.39 -30.75 -15.33
N TRP C 74 14.57 -30.14 -15.30
CA TRP C 74 15.11 -29.58 -14.07
C TRP C 74 14.38 -28.30 -13.68
N TYR C 75 14.04 -27.49 -14.67
CA TYR C 75 13.53 -26.16 -14.38
C TYR C 75 12.02 -26.19 -14.13
N LEU C 76 11.31 -27.05 -14.86
CA LEU C 76 9.87 -27.19 -14.70
C LEU C 76 9.53 -28.26 -13.66
N GLY C 77 10.42 -29.21 -13.47
CA GLY C 77 10.15 -30.36 -12.60
C GLY C 77 9.17 -31.33 -13.23
N ILE C 78 8.86 -31.12 -14.49
CA ILE C 78 7.89 -31.93 -15.21
C ILE C 78 8.59 -32.72 -16.32
N VAL C 79 8.20 -33.98 -16.50
CA VAL C 79 8.75 -34.79 -17.59
C VAL C 79 7.66 -35.56 -18.31
N ASP C 80 7.64 -35.43 -19.63
CA ASP C 80 6.47 -35.79 -20.43
C ASP C 80 5.19 -35.63 -19.65
N ASN C 81 4.96 -34.42 -19.15
CA ASN C 81 3.67 -34.05 -18.56
C ASN C 81 3.34 -34.87 -17.30
N VAL C 82 4.36 -35.44 -16.68
CA VAL C 82 4.24 -35.96 -15.32
C VAL C 82 5.06 -35.10 -14.35
N VAL C 83 4.47 -34.78 -13.20
CA VAL C 83 5.19 -34.04 -12.17
C VAL C 83 6.14 -34.95 -11.42
N ILE C 84 7.44 -34.67 -11.54
CA ILE C 84 8.47 -35.47 -10.87
C ILE C 84 8.95 -34.79 -9.60
N THR C 85 8.98 -33.45 -9.62
CA THR C 85 8.91 -32.68 -8.39
C THR C 85 8.26 -31.32 -8.62
N TYR C 86 7.60 -30.82 -7.58
CA TYR C 86 7.03 -29.49 -7.61
C TYR C 86 7.97 -28.53 -6.89
N GLU C 87 8.28 -28.86 -5.64
CA GLU C 87 8.89 -27.92 -4.72
C GLU C 87 10.34 -27.62 -5.13
N GLU C 88 11.00 -28.61 -5.73
CA GLU C 88 12.44 -28.53 -5.96
C GLU C 88 12.72 -28.17 -7.42
N ALA C 89 11.69 -27.76 -8.14
CA ALA C 89 11.87 -27.27 -9.51
C ALA C 89 12.66 -25.97 -9.51
N LEU C 90 13.57 -25.84 -10.48
CA LEU C 90 14.65 -24.84 -10.40
C LEU C 90 14.12 -23.44 -10.69
N MET C 91 13.28 -23.32 -11.72
CA MET C 91 12.31 -22.24 -11.82
C MET C 91 12.23 -21.42 -10.54
N PHE C 92 11.92 -22.08 -9.43
CA PHE C 92 11.48 -21.37 -8.24
C PHE C 92 12.68 -20.83 -7.46
N GLY C 93 13.75 -21.62 -7.38
CA GLY C 93 15.05 -21.14 -6.95
C GLY C 93 15.44 -19.80 -7.56
N VAL C 94 15.31 -19.70 -8.87
CA VAL C 94 15.85 -18.55 -9.59
C VAL C 94 15.20 -17.24 -9.15
N VAL C 95 13.93 -17.31 -8.74
CA VAL C 95 13.20 -16.12 -8.33
C VAL C 95 12.96 -16.10 -6.82
N SER C 96 13.56 -17.05 -6.10
CA SER C 96 13.04 -17.46 -4.80
C SER C 96 13.09 -16.32 -3.78
N ASP C 97 13.89 -15.30 -4.09
CA ASP C 97 14.09 -14.19 -3.17
C ASP C 97 12.92 -13.20 -3.19
N THR C 98 12.08 -13.30 -4.21
CA THR C 98 10.94 -12.40 -4.35
C THR C 98 9.61 -13.17 -4.31
N LEU C 99 9.56 -14.30 -4.98
CA LEU C 99 8.29 -14.94 -5.33
C LEU C 99 8.16 -16.30 -4.64
N VAL C 100 6.94 -16.62 -4.22
CA VAL C 100 6.70 -17.84 -3.45
C VAL C 100 6.16 -18.94 -4.35
N ILE C 101 6.41 -20.19 -3.95
CA ILE C 101 5.83 -21.33 -4.64
C ILE C 101 4.38 -21.51 -4.23
N ARG C 102 3.48 -21.48 -5.21
CA ARG C 102 2.05 -21.53 -4.94
C ARG C 102 1.72 -22.71 -4.02
N SER C 103 0.98 -22.42 -2.96
CA SER C 103 0.44 -23.44 -2.06
C SER C 103 1.32 -23.64 -0.82
N TYR C 104 2.47 -22.97 -0.80
CA TYR C 104 3.26 -22.84 0.44
C TYR C 104 3.31 -21.38 0.91
N CYS C 105 2.97 -21.16 2.18
CA CYS C 105 3.22 -19.85 2.81
C CYS C 105 4.72 -19.57 2.81
N PRO C 106 5.08 -18.28 2.81
CA PRO C 106 6.21 -17.82 3.60
C PRO C 106 5.76 -17.37 4.99
N ASN C 107 6.65 -17.51 5.97
CA ASN C 107 6.33 -17.15 7.35
C ASN C 107 5.84 -15.71 7.47
N LYS C 108 6.07 -14.92 6.43
CA LYS C 108 5.87 -13.48 6.51
C LYS C 108 4.39 -13.12 6.42
N PRO C 109 3.93 -12.21 7.29
CA PRO C 109 2.56 -11.70 7.29
C PRO C 109 2.13 -11.07 5.97
N GLY C 110 1.87 -9.77 5.97
CA GLY C 110 1.50 -9.05 4.76
C GLY C 110 2.70 -8.58 3.97
N PHE C 111 3.53 -9.52 3.55
CA PHE C 111 4.89 -9.23 3.10
C PHE C 111 4.88 -8.56 1.74
N TRP C 112 3.75 -8.63 1.05
CA TRP C 112 3.72 -8.45 -0.38
C TRP C 112 3.52 -6.99 -0.76
N ALA C 113 3.42 -6.13 0.25
CA ALA C 113 3.27 -4.70 0.01
C ALA C 113 4.59 -4.09 -0.46
N ASP C 114 5.69 -4.60 0.09
CA ASP C 114 7.03 -4.16 -0.31
C ASP C 114 7.21 -4.36 -1.81
N LYS C 115 7.88 -3.43 -2.48
CA LYS C 115 8.53 -3.72 -3.74
C LYS C 115 9.75 -4.60 -3.52
N PRO C 116 9.83 -5.73 -4.24
CA PRO C 116 10.93 -6.68 -4.10
C PRO C 116 12.29 -6.06 -4.40
N ILE C 117 13.34 -6.58 -3.77
CA ILE C 117 14.70 -6.23 -4.13
C ILE C 117 15.40 -7.42 -4.79
N GLU C 118 16.21 -7.15 -5.81
CA GLU C 118 15.86 -6.16 -6.82
C GLU C 118 16.56 -6.48 -8.14
N ASP D 10 -38.23 -33.95 6.41
CA ASP D 10 -38.77 -32.70 6.99
C ASP D 10 -38.36 -31.46 6.18
N VAL D 11 -37.06 -31.30 5.93
CA VAL D 11 -36.58 -30.50 4.81
C VAL D 11 -35.47 -31.25 4.07
N VAL D 12 -35.61 -31.35 2.75
CA VAL D 12 -34.61 -32.03 1.94
C VAL D 12 -33.87 -31.06 1.03
N VAL D 13 -32.59 -30.83 1.33
CA VAL D 13 -31.78 -29.92 0.54
C VAL D 13 -30.87 -30.72 -0.39
N VAL D 14 -30.96 -30.43 -1.67
CA VAL D 14 -30.18 -31.15 -2.68
C VAL D 14 -28.96 -30.31 -3.08
N GLY D 15 -27.82 -30.63 -2.47
CA GLY D 15 -26.54 -30.12 -2.93
C GLY D 15 -25.82 -29.35 -1.85
N SER D 16 -24.56 -29.72 -1.61
CA SER D 16 -23.88 -29.35 -0.36
C SER D 16 -22.84 -28.26 -0.62
N GLY D 17 -23.12 -27.43 -1.62
CA GLY D 17 -22.37 -26.20 -1.81
C GLY D 17 -22.84 -25.13 -0.85
N VAL D 18 -22.33 -23.91 -1.03
CA VAL D 18 -22.66 -22.84 -0.10
C VAL D 18 -24.16 -22.56 -0.13
N ALA D 19 -24.74 -22.56 -1.32
CA ALA D 19 -26.14 -22.19 -1.49
C ALA D 19 -27.05 -23.09 -0.66
N GLY D 20 -26.72 -24.38 -0.63
CA GLY D 20 -27.56 -25.37 0.02
C GLY D 20 -27.14 -25.64 1.46
N ALA D 21 -25.84 -25.47 1.73
CA ALA D 21 -25.31 -25.64 3.07
C ALA D 21 -25.88 -24.60 4.03
N ILE D 22 -25.97 -23.35 3.57
CA ILE D 22 -26.45 -22.28 4.42
C ILE D 22 -27.89 -22.59 4.85
N VAL D 23 -28.70 -23.03 3.89
CA VAL D 23 -30.08 -23.37 4.17
C VAL D 23 -30.15 -24.54 5.14
N ALA D 24 -29.39 -25.59 4.84
CA ALA D 24 -29.30 -26.73 5.74
C ALA D 24 -28.93 -26.28 7.14
N HIS D 25 -27.92 -25.41 7.23
CA HIS D 25 -27.41 -24.98 8.52
C HIS D 25 -28.45 -24.15 9.26
N GLN D 26 -29.07 -23.21 8.54
CA GLN D 26 -30.07 -22.34 9.14
C GLN D 26 -31.22 -23.16 9.71
N LEU D 27 -31.69 -24.13 8.93
CA LEU D 27 -32.89 -24.88 9.29
C LEU D 27 -32.61 -25.84 10.44
N ALA D 28 -31.45 -26.47 10.41
CA ALA D 28 -31.08 -27.45 11.43
C ALA D 28 -30.83 -26.77 12.77
N MET D 29 -30.30 -25.54 12.71
CA MET D 29 -30.19 -24.69 13.90
C MET D 29 -31.56 -24.46 14.52
N ALA D 30 -32.59 -24.48 13.68
CA ALA D 30 -33.90 -23.94 14.05
C ALA D 30 -34.79 -25.03 14.64
N GLY D 31 -34.29 -26.26 14.66
CA GLY D 31 -35.03 -27.37 15.25
C GLY D 31 -35.42 -28.40 14.22
N LYS D 32 -35.19 -28.07 12.94
CA LYS D 32 -35.73 -28.85 11.85
C LYS D 32 -34.84 -30.05 11.54
N ALA D 33 -35.47 -31.20 11.34
CA ALA D 33 -34.81 -32.33 10.69
C ALA D 33 -34.48 -31.97 9.24
N VAL D 34 -33.19 -31.84 8.95
CA VAL D 34 -32.73 -31.67 7.57
C VAL D 34 -32.05 -32.94 7.08
N ILE D 35 -32.19 -33.21 5.79
CA ILE D 35 -31.28 -34.14 5.11
C ILE D 35 -30.60 -33.44 3.94
N LEU D 36 -29.28 -33.60 3.85
CA LEU D 36 -28.47 -32.93 2.84
C LEU D 36 -27.95 -33.94 1.82
N LEU D 37 -28.59 -34.00 0.67
CA LEU D 37 -28.15 -34.89 -0.40
C LEU D 37 -27.04 -34.23 -1.20
N GLU D 38 -25.97 -34.98 -1.46
CA GLU D 38 -24.84 -34.47 -2.22
C GLU D 38 -24.33 -35.52 -3.18
N ALA D 39 -24.21 -35.15 -4.45
CA ALA D 39 -23.98 -36.11 -5.53
C ALA D 39 -22.56 -36.66 -5.48
N GLY D 40 -21.63 -35.84 -4.99
CA GLY D 40 -20.23 -36.23 -4.97
C GLY D 40 -19.78 -36.71 -3.60
N PRO D 41 -18.48 -37.02 -3.48
CA PRO D 41 -17.91 -37.61 -2.29
C PRO D 41 -17.43 -36.57 -1.28
N ARG D 42 -17.34 -36.95 -0.01
CA ARG D 42 -16.49 -36.25 0.94
C ARG D 42 -15.05 -36.21 0.46
N MET D 43 -14.42 -35.05 0.63
CA MET D 43 -13.09 -34.80 0.08
C MET D 43 -12.38 -33.77 0.98
N PRO D 44 -11.31 -34.19 1.65
CA PRO D 44 -10.62 -33.33 2.61
C PRO D 44 -9.70 -32.29 1.96
N ARG D 45 -9.65 -31.10 2.55
CA ARG D 45 -8.68 -30.08 2.16
C ARG D 45 -7.35 -30.66 1.71
N TRP D 46 -6.72 -31.46 2.56
CA TRP D 46 -5.33 -31.85 2.33
C TRP D 46 -5.20 -32.71 1.07
N GLU D 47 -6.24 -33.46 0.75
CA GLU D 47 -6.27 -34.26 -0.48
C GLU D 47 -6.20 -33.35 -1.70
N ILE D 48 -7.05 -32.33 -1.73
CA ILE D 48 -7.12 -31.44 -2.87
C ILE D 48 -5.75 -30.78 -3.09
N VAL D 49 -5.17 -30.30 -1.99
CA VAL D 49 -3.85 -29.69 -2.01
C VAL D 49 -2.84 -30.61 -2.66
N GLU D 50 -2.80 -31.87 -2.21
CA GLU D 50 -1.83 -32.83 -2.71
C GLU D 50 -2.10 -33.20 -4.17
N ARG D 51 -3.38 -33.29 -4.53
CA ARG D 51 -3.74 -33.51 -5.94
C ARG D 51 -3.27 -32.35 -6.79
N PHE D 52 -3.45 -31.13 -6.28
CA PHE D 52 -2.96 -29.95 -6.96
C PHE D 52 -1.44 -30.04 -7.16
N ARG D 53 -0.75 -30.40 -6.09
CA ARG D 53 0.71 -30.36 -6.09
C ARG D 53 1.26 -31.35 -7.11
N ASN D 54 0.55 -32.46 -7.30
CA ASN D 54 1.02 -33.51 -8.20
C ASN D 54 0.48 -33.37 -9.62
N GLN D 55 -0.11 -32.21 -9.90
CA GLN D 55 -0.84 -32.01 -11.15
C GLN D 55 -0.01 -31.18 -12.13
N PRO D 56 0.09 -31.65 -13.39
CA PRO D 56 1.05 -31.13 -14.37
C PRO D 56 0.74 -29.72 -14.84
N ASP D 57 -0.53 -29.36 -14.85
CA ASP D 57 -0.96 -28.06 -15.35
C ASP D 57 -1.68 -27.29 -14.27
N LYS D 58 -0.96 -26.39 -13.59
CA LYS D 58 -1.45 -25.77 -12.37
C LYS D 58 -2.23 -24.50 -12.70
N MET D 59 -2.47 -24.27 -13.98
CA MET D 59 -3.41 -23.25 -14.41
C MET D 59 -4.79 -23.84 -14.69
N ASP D 60 -4.93 -25.13 -14.45
CA ASP D 60 -6.21 -25.83 -14.67
C ASP D 60 -6.91 -26.12 -13.34
N PHE D 61 -8.01 -25.40 -13.10
CA PHE D 61 -8.55 -25.30 -11.75
C PHE D 61 -9.59 -26.37 -11.46
N MET D 62 -9.74 -27.34 -12.36
CA MET D 62 -10.56 -28.52 -12.11
C MET D 62 -9.72 -29.77 -11.88
N ALA D 63 -8.48 -29.74 -12.35
CA ALA D 63 -7.67 -30.95 -12.44
C ALA D 63 -7.46 -31.66 -11.09
N PRO D 64 -7.36 -30.87 -10.01
CA PRO D 64 -7.23 -31.45 -8.68
C PRO D 64 -8.56 -31.91 -8.09
N TYR D 65 -9.61 -31.89 -8.91
CA TYR D 65 -10.91 -32.38 -8.49
C TYR D 65 -11.38 -33.50 -9.42
N PRO D 66 -11.33 -34.75 -8.93
CA PRO D 66 -11.63 -35.90 -9.79
C PRO D 66 -13.11 -35.91 -10.16
N SER D 67 -13.39 -36.00 -11.44
CA SER D 67 -14.75 -36.30 -11.90
C SER D 67 -15.12 -37.73 -11.52
N SER D 68 -15.95 -37.87 -10.49
CA SER D 68 -16.56 -39.16 -10.17
C SER D 68 -17.48 -39.61 -11.30
N PRO D 69 -17.40 -40.89 -11.69
CA PRO D 69 -18.19 -41.40 -12.81
C PRO D 69 -19.69 -41.36 -12.53
N TRP D 70 -20.07 -41.39 -11.26
CA TRP D 70 -21.48 -41.36 -10.87
C TRP D 70 -21.99 -39.92 -10.71
N ALA D 71 -21.07 -38.98 -10.61
CA ALA D 71 -21.44 -37.56 -10.51
C ALA D 71 -20.38 -36.71 -11.17
N PRO D 72 -20.19 -36.89 -12.48
CA PRO D 72 -19.11 -36.22 -13.19
C PRO D 72 -19.33 -34.72 -13.28
N HIS D 73 -18.23 -33.99 -13.42
CA HIS D 73 -18.30 -32.55 -13.65
C HIS D 73 -17.33 -32.17 -14.76
N PRO D 74 -17.47 -30.96 -15.30
CA PRO D 74 -16.64 -30.54 -16.42
C PRO D 74 -15.15 -30.74 -16.13
N GLU D 75 -14.46 -31.46 -17.01
CA GLU D 75 -13.01 -31.39 -17.09
C GLU D 75 -12.57 -31.02 -18.51
N TYR D 76 -11.46 -30.30 -18.62
CA TYR D 76 -11.08 -29.71 -19.90
C TYR D 76 -9.61 -29.94 -20.20
N GLY D 77 -8.92 -30.67 -19.31
CA GLY D 77 -7.48 -30.85 -19.43
C GLY D 77 -7.03 -32.23 -19.00
N PRO D 78 -7.30 -33.25 -19.83
CA PRO D 78 -7.97 -33.09 -21.11
C PRO D 78 -9.49 -33.21 -20.99
N PRO D 79 -10.22 -32.82 -22.05
CA PRO D 79 -11.67 -32.93 -22.09
C PRO D 79 -12.17 -34.30 -21.63
N ASN D 80 -13.08 -34.32 -20.68
CA ASN D 80 -13.90 -35.50 -20.43
C ASN D 80 -15.25 -35.39 -21.14
N ASP D 81 -15.48 -34.26 -21.79
CA ASP D 81 -16.58 -34.12 -22.73
C ASP D 81 -17.93 -34.33 -22.04
N TYR D 82 -17.96 -34.09 -20.72
CA TYR D 82 -19.18 -34.29 -19.95
C TYR D 82 -20.32 -33.42 -20.48
N LEU D 83 -20.07 -32.12 -20.57
CA LEU D 83 -21.05 -31.20 -21.16
C LEU D 83 -21.01 -31.31 -22.66
N ILE D 84 -22.19 -31.42 -23.29
CA ILE D 84 -22.29 -31.25 -24.72
C ILE D 84 -22.58 -29.79 -25.04
N LEU D 85 -21.70 -29.18 -25.81
CA LEU D 85 -21.74 -27.75 -26.05
C LEU D 85 -22.11 -27.49 -27.50
N LYS D 86 -23.26 -26.85 -27.70
CA LYS D 86 -23.73 -26.52 -29.03
C LYS D 86 -24.22 -25.08 -29.06
N GLY D 87 -24.48 -24.58 -30.26
CA GLY D 87 -24.72 -23.17 -30.47
C GLY D 87 -23.48 -22.46 -30.97
N GLU D 88 -23.52 -21.14 -30.96
CA GLU D 88 -22.55 -20.32 -31.66
C GLU D 88 -21.38 -19.98 -30.73
N HIS D 89 -21.57 -20.24 -29.45
CA HIS D 89 -20.49 -20.15 -28.47
C HIS D 89 -20.52 -21.30 -27.46
N LYS D 90 -19.34 -21.80 -27.10
CA LYS D 90 -19.24 -22.90 -26.16
C LYS D 90 -19.36 -22.38 -24.73
N PHE D 91 -20.38 -22.85 -24.02
CA PHE D 91 -20.60 -22.49 -22.63
C PHE D 91 -19.80 -23.41 -21.71
N ASN D 92 -18.47 -23.27 -21.75
CA ASN D 92 -17.58 -24.23 -21.11
C ASN D 92 -17.15 -23.76 -19.74
N SER D 93 -18.12 -23.63 -18.84
CA SER D 93 -17.85 -23.20 -17.48
C SER D 93 -17.53 -24.39 -16.59
N GLN D 94 -17.08 -24.11 -15.38
CA GLN D 94 -16.61 -25.15 -14.47
C GLN D 94 -17.51 -25.21 -13.24
N TYR D 95 -17.81 -26.43 -12.80
CA TYR D 95 -18.20 -26.62 -11.41
C TYR D 95 -17.68 -27.94 -10.87
N ILE D 96 -17.87 -28.12 -9.56
CA ILE D 96 -17.29 -29.26 -8.86
C ILE D 96 -18.41 -30.02 -8.15
N ARG D 97 -18.45 -31.33 -8.35
CA ARG D 97 -19.41 -32.16 -7.65
C ARG D 97 -18.70 -32.95 -6.56
N ALA D 98 -18.55 -32.32 -5.41
CA ALA D 98 -18.17 -33.00 -4.19
C ALA D 98 -18.81 -32.25 -3.02
N VAL D 99 -18.75 -32.84 -1.82
CA VAL D 99 -19.21 -32.13 -0.63
C VAL D 99 -18.51 -30.78 -0.53
N GLY D 100 -19.27 -29.71 -0.57
CA GLY D 100 -18.72 -28.36 -0.48
C GLY D 100 -18.87 -27.58 -1.78
N GLY D 101 -18.95 -28.30 -2.89
CA GLY D 101 -19.23 -27.67 -4.17
C GLY D 101 -18.10 -26.79 -4.65
N THR D 102 -18.44 -25.82 -5.49
CA THR D 102 -17.46 -25.23 -6.40
C THR D 102 -16.63 -24.15 -5.69
N THR D 103 -17.12 -23.67 -4.55
CA THR D 103 -16.37 -22.70 -3.76
C THR D 103 -15.24 -23.37 -3.00
N TRP D 104 -14.95 -24.62 -3.36
CA TRP D 104 -13.66 -25.21 -3.06
C TRP D 104 -12.58 -24.49 -3.85
N HIS D 105 -12.92 -24.08 -5.07
CA HIS D 105 -11.89 -23.73 -6.05
C HIS D 105 -11.99 -22.30 -6.54
N TRP D 106 -12.93 -21.54 -5.99
CA TRP D 106 -13.17 -20.16 -6.44
C TRP D 106 -12.10 -19.22 -5.92
N ALA D 107 -12.28 -17.93 -6.18
CA ALA D 107 -11.32 -16.90 -5.75
C ALA D 107 -11.92 -16.06 -4.62
N ALA D 108 -13.15 -16.36 -4.23
CA ALA D 108 -13.73 -15.78 -3.03
C ALA D 108 -14.03 -14.29 -3.21
N SER D 109 -14.03 -13.83 -4.45
CA SER D 109 -14.54 -12.50 -4.77
C SER D 109 -15.98 -12.37 -4.35
N ALA D 110 -16.29 -11.31 -3.60
CA ALA D 110 -17.56 -11.23 -2.87
C ALA D 110 -18.24 -9.88 -3.08
N TRP D 111 -18.96 -9.76 -4.19
CA TRP D 111 -19.48 -8.47 -4.64
C TRP D 111 -20.98 -8.39 -4.43
N ARG D 112 -21.46 -7.21 -4.05
CA ARG D 112 -22.87 -6.88 -4.15
C ARG D 112 -23.21 -6.41 -5.57
N PHE D 113 -24.41 -6.71 -6.02
CA PHE D 113 -24.99 -6.00 -7.16
C PHE D 113 -25.34 -4.57 -6.76
N ILE D 114 -25.50 -3.70 -7.75
CA ILE D 114 -25.90 -2.32 -7.51
C ILE D 114 -27.40 -2.13 -7.76
N PRO D 115 -27.98 -1.04 -7.21
CA PRO D 115 -29.43 -0.86 -7.22
C PRO D 115 -30.03 -1.04 -8.61
N ASN D 116 -29.30 -0.59 -9.64
CA ASN D 116 -29.80 -0.59 -11.00
C ASN D 116 -29.82 -1.99 -11.62
N ASP D 117 -28.89 -2.84 -11.20
CA ASP D 117 -28.84 -4.22 -11.68
C ASP D 117 -30.20 -4.91 -11.47
N PHE D 118 -31.03 -4.32 -10.60
CA PHE D 118 -32.23 -4.98 -10.12
C PHE D 118 -33.48 -4.49 -10.84
N LYS D 119 -33.35 -3.35 -11.54
CA LYS D 119 -34.47 -2.76 -12.25
C LYS D 119 -34.03 -2.37 -13.66
N MET D 120 -33.70 -3.38 -14.46
CA MET D 120 -32.83 -3.23 -15.60
C MET D 120 -33.66 -2.98 -16.86
N LYS D 121 -34.86 -3.55 -16.87
CA LYS D 121 -35.88 -3.19 -17.87
C LYS D 121 -36.34 -1.76 -17.64
N SER D 122 -36.86 -1.50 -16.45
CA SER D 122 -37.45 -0.20 -16.13
C SER D 122 -36.48 0.93 -16.44
N VAL D 123 -35.21 0.74 -16.10
CA VAL D 123 -34.25 1.84 -16.10
C VAL D 123 -33.57 1.95 -17.46
N TYR D 124 -33.08 0.82 -17.98
CA TYR D 124 -32.26 0.83 -19.18
C TYR D 124 -33.01 0.20 -20.35
N GLY D 125 -34.19 -0.33 -20.06
CA GLY D 125 -35.11 -0.77 -21.12
C GLY D 125 -34.75 -2.14 -21.67
N VAL D 126 -33.70 -2.74 -21.11
CA VAL D 126 -33.22 -4.02 -21.62
C VAL D 126 -33.41 -5.12 -20.57
N GLY D 127 -33.27 -6.37 -20.99
CA GLY D 127 -33.40 -7.51 -20.09
C GLY D 127 -34.67 -7.47 -19.26
N ARG D 128 -34.59 -7.99 -18.04
CA ARG D 128 -35.75 -8.07 -17.16
C ARG D 128 -35.49 -7.38 -15.83
N ASP D 129 -36.55 -7.10 -15.09
CA ASP D 129 -36.44 -6.64 -13.71
C ASP D 129 -36.49 -7.82 -12.75
N TRP D 130 -35.68 -7.77 -11.71
CA TRP D 130 -35.99 -8.47 -10.47
C TRP D 130 -37.33 -7.97 -9.95
N PRO D 131 -38.13 -8.88 -9.37
CA PRO D 131 -39.31 -8.51 -8.61
C PRO D 131 -38.97 -8.10 -7.18
N ILE D 132 -37.69 -7.84 -6.95
CA ILE D 132 -37.26 -7.13 -5.76
C ILE D 132 -36.23 -6.06 -6.15
N GLN D 133 -35.87 -5.23 -5.18
CA GLN D 133 -34.87 -4.19 -5.42
C GLN D 133 -33.71 -4.32 -4.43
N TYR D 134 -32.63 -3.58 -4.70
CA TYR D 134 -31.42 -3.69 -3.89
C TYR D 134 -31.75 -3.63 -2.40
N ASP D 135 -32.58 -2.66 -2.02
CA ASP D 135 -32.82 -2.37 -0.61
C ASP D 135 -33.55 -3.53 0.06
N ASP D 136 -34.13 -4.40 -0.76
CA ASP D 136 -34.73 -5.63 -0.24
C ASP D 136 -33.64 -6.60 0.18
N LEU D 137 -32.50 -6.55 -0.50
CA LEU D 137 -31.50 -7.61 -0.38
C LEU D 137 -30.42 -7.24 0.63
N GLU D 138 -30.36 -5.95 0.97
CA GLU D 138 -29.15 -5.36 1.54
C GLU D 138 -28.80 -6.02 2.87
N PRO D 139 -29.80 -6.12 3.77
CA PRO D 139 -29.53 -6.70 5.08
C PRO D 139 -28.94 -8.09 4.97
N TYR D 140 -29.34 -8.82 3.93
CA TYR D 140 -28.92 -10.20 3.74
C TYR D 140 -27.54 -10.26 3.11
N TYR D 141 -27.19 -9.24 2.34
CA TYR D 141 -25.80 -9.05 1.91
C TYR D 141 -24.89 -8.91 3.13
N GLN D 142 -25.30 -8.08 4.09
CA GLN D 142 -24.49 -7.85 5.27
C GLN D 142 -24.32 -9.15 6.05
N ARG D 143 -25.42 -9.88 6.24
CA ARG D 143 -25.36 -11.11 7.02
C ARG D 143 -24.49 -12.14 6.30
N ALA D 144 -24.54 -12.13 4.97
CA ALA D 144 -23.79 -13.08 4.17
C ALA D 144 -22.30 -12.77 4.24
N GLU D 145 -21.97 -11.49 4.26
CA GLU D 145 -20.59 -11.06 4.41
C GLU D 145 -20.05 -11.48 5.78
N GLU D 146 -20.94 -11.58 6.75
CA GLU D 146 -20.56 -11.90 8.13
C GLU D 146 -20.43 -13.42 8.32
N GLU D 147 -21.26 -14.18 7.60
CA GLU D 147 -21.16 -15.63 7.59
C GLU D 147 -19.91 -16.10 6.84
N LEU D 148 -19.58 -15.43 5.74
CA LEU D 148 -18.53 -15.90 4.84
C LEU D 148 -17.17 -15.39 5.31
N GLY D 149 -17.17 -14.30 6.06
CA GLY D 149 -15.94 -13.65 6.46
C GLY D 149 -15.35 -12.82 5.34
N VAL D 150 -15.97 -11.68 5.07
CA VAL D 150 -15.64 -10.88 3.91
C VAL D 150 -14.90 -9.62 4.33
N TRP D 151 -13.78 -9.36 3.68
CA TRP D 151 -13.04 -8.12 3.92
C TRP D 151 -13.24 -7.18 2.74
N GLY D 152 -13.05 -5.89 2.99
CA GLY D 152 -13.60 -4.85 2.15
C GLY D 152 -13.09 -3.49 2.57
N PRO D 153 -13.00 -2.56 1.61
CA PRO D 153 -12.42 -1.24 1.87
C PRO D 153 -13.39 -0.37 2.64
N GLY D 154 -12.86 0.71 3.23
CA GLY D 154 -13.70 1.68 3.93
C GLY D 154 -14.24 2.74 2.99
N PRO D 155 -14.75 3.84 3.56
CA PRO D 155 -15.43 4.89 2.80
C PRO D 155 -14.44 5.73 1.98
N GLU D 156 -13.15 5.44 2.12
CA GLU D 156 -12.17 5.97 1.18
C GLU D 156 -12.54 5.59 -0.25
N GLU D 157 -13.42 4.60 -0.39
CA GLU D 157 -13.77 4.04 -1.69
C GLU D 157 -15.25 3.70 -1.73
N ASP D 158 -15.96 4.22 -2.72
CA ASP D 158 -17.34 3.82 -2.98
C ASP D 158 -17.35 2.62 -3.92
N LEU D 159 -18.05 1.56 -3.51
CA LEU D 159 -18.27 0.41 -4.39
C LEU D 159 -19.69 0.46 -4.97
N TYR D 160 -20.42 1.51 -4.63
CA TYR D 160 -21.63 1.89 -5.35
C TYR D 160 -22.79 0.96 -5.02
N SER D 161 -22.63 0.20 -3.95
CA SER D 161 -23.76 -0.45 -3.30
C SER D 161 -23.92 0.11 -1.89
N PRO D 162 -24.94 0.94 -1.68
CA PRO D 162 -25.08 1.64 -0.41
C PRO D 162 -25.03 0.68 0.75
N ARG D 163 -24.05 0.84 1.64
CA ARG D 163 -23.92 -0.01 2.81
C ARG D 163 -24.52 0.67 4.03
N LYS D 164 -25.13 -0.13 4.90
CA LYS D 164 -25.51 0.32 6.24
C LYS D 164 -24.35 0.13 7.23
N GLN D 165 -23.51 -0.87 6.97
CA GLN D 165 -22.50 -1.30 7.92
C GLN D 165 -21.13 -1.35 7.24
N PRO D 166 -20.05 -1.22 8.02
CA PRO D 166 -18.73 -1.54 7.51
C PRO D 166 -18.59 -3.01 7.15
N TYR D 167 -17.63 -3.34 6.31
CA TYR D 167 -17.19 -4.71 6.14
C TYR D 167 -16.73 -5.31 7.48
N PRO D 168 -17.06 -6.58 7.70
CA PRO D 168 -16.58 -7.30 8.89
C PRO D 168 -15.07 -7.14 9.09
N MET D 169 -14.31 -7.18 8.00
CA MET D 169 -12.86 -7.04 8.06
C MET D 169 -12.36 -5.99 7.07
N PRO D 170 -11.22 -5.37 7.38
CA PRO D 170 -10.47 -4.54 6.44
C PRO D 170 -9.54 -5.36 5.57
N PRO D 171 -9.23 -4.86 4.37
CA PRO D 171 -8.24 -5.48 3.49
C PRO D 171 -6.90 -5.64 4.18
N LEU D 172 -6.18 -6.70 3.86
CA LEU D 172 -4.73 -6.69 3.96
C LEU D 172 -4.17 -5.71 2.93
N PRO D 173 -2.93 -5.26 3.14
CA PRO D 173 -2.24 -4.42 2.18
C PRO D 173 -2.25 -5.03 0.78
N LEU D 174 -2.35 -4.18 -0.23
CA LEU D 174 -2.22 -4.63 -1.61
C LEU D 174 -0.77 -4.98 -1.93
N SER D 175 -0.57 -5.99 -2.76
CA SER D 175 0.73 -6.22 -3.40
C SER D 175 1.23 -4.95 -4.08
N PHE D 176 2.55 -4.83 -4.16
CA PHE D 176 3.15 -3.77 -4.97
C PHE D 176 2.55 -3.74 -6.37
N ASN D 177 2.52 -4.90 -7.02
CA ASN D 177 1.93 -5.02 -8.34
C ASN D 177 0.62 -4.26 -8.43
N GLU D 178 -0.29 -4.51 -7.49
CA GLU D 178 -1.68 -4.12 -7.62
C GLU D 178 -1.90 -2.68 -7.16
N GLN D 179 -1.16 -2.26 -6.15
CA GLN D 179 -1.29 -0.89 -5.66
C GLN D 179 -0.71 0.06 -6.70
N THR D 180 0.42 -0.33 -7.27
CA THR D 180 1.13 0.51 -8.22
C THR D 180 0.22 0.78 -9.40
N ILE D 181 -0.33 -0.29 -9.97
CA ILE D 181 -1.17 -0.18 -11.14
C ILE D 181 -2.48 0.53 -10.80
N LYS D 182 -2.95 0.35 -9.57
CA LYS D 182 -4.16 1.05 -9.13
C LYS D 182 -3.92 2.55 -9.04
N THR D 183 -2.78 2.93 -8.47
CA THR D 183 -2.37 4.32 -8.46
C THR D 183 -2.21 4.84 -9.89
N ALA D 184 -1.56 4.06 -10.75
CA ALA D 184 -1.29 4.49 -12.12
C ALA D 184 -2.59 4.75 -12.87
N LEU D 185 -3.46 3.74 -12.89
CA LEU D 185 -4.66 3.79 -13.72
C LEU D 185 -5.56 4.93 -13.31
N ASN D 186 -5.78 5.08 -12.02
CA ASN D 186 -6.70 6.10 -11.52
C ASN D 186 -6.12 7.50 -11.68
N ASN D 187 -4.80 7.60 -11.72
CA ASN D 187 -4.13 8.84 -12.08
C ASN D 187 -4.36 9.22 -13.55
N TYR D 188 -4.25 8.24 -14.44
CA TYR D 188 -4.56 8.46 -15.85
C TYR D 188 -6.01 8.86 -16.03
N ASP D 189 -6.92 8.11 -15.43
CA ASP D 189 -8.35 8.32 -15.64
C ASP D 189 -9.12 7.90 -14.39
N PRO D 190 -9.63 8.89 -13.65
CA PRO D 190 -10.35 8.64 -12.41
C PRO D 190 -11.73 8.00 -12.64
N LYS D 191 -12.13 7.89 -13.90
CA LYS D 191 -13.38 7.25 -14.23
C LYS D 191 -13.24 5.72 -14.20
N PHE D 192 -12.03 5.25 -14.48
CA PHE D 192 -11.71 3.83 -14.31
C PHE D 192 -12.10 3.37 -12.91
N HIS D 193 -11.82 4.21 -11.92
CA HIS D 193 -12.10 3.90 -10.54
C HIS D 193 -11.75 2.46 -10.18
N VAL D 194 -10.46 2.14 -10.27
CA VAL D 194 -9.93 0.94 -9.62
C VAL D 194 -10.14 1.03 -8.12
N VAL D 195 -10.77 0.00 -7.55
CA VAL D 195 -10.94 -0.11 -6.11
C VAL D 195 -10.34 -1.42 -5.60
N THR D 196 -10.24 -1.53 -4.28
CA THR D 196 -9.82 -2.79 -3.65
C THR D 196 -11.02 -3.74 -3.57
N GLU D 197 -10.79 -5.00 -3.93
CA GLU D 197 -11.88 -5.95 -4.14
C GLU D 197 -12.31 -6.60 -2.83
N PRO D 198 -13.62 -6.64 -2.56
CA PRO D 198 -14.15 -7.35 -1.41
C PRO D 198 -14.13 -8.86 -1.60
N VAL D 199 -13.61 -9.58 -0.60
CA VAL D 199 -13.30 -10.99 -0.75
C VAL D 199 -13.63 -11.73 0.54
N ALA D 200 -14.09 -12.97 0.41
CA ALA D 200 -14.29 -13.83 1.57
C ALA D 200 -12.95 -14.38 2.00
N ARG D 201 -12.19 -13.56 2.70
CA ARG D 201 -10.79 -13.85 2.96
C ARG D 201 -10.34 -13.11 4.21
N ASN D 202 -9.45 -13.72 4.98
CA ASN D 202 -9.19 -13.29 6.37
C ASN D 202 -7.98 -12.37 6.49
N SER D 203 -8.21 -11.14 6.91
CA SER D 203 -7.12 -10.23 7.27
C SER D 203 -6.79 -10.34 8.76
N ARG D 204 -7.74 -10.87 9.52
CA ARG D 204 -7.44 -11.36 10.86
C ARG D 204 -8.05 -12.75 11.02
N PRO D 205 -7.59 -13.49 12.04
CA PRO D 205 -8.27 -14.74 12.37
C PRO D 205 -9.76 -14.49 12.61
N TYR D 206 -10.60 -15.36 12.05
CA TYR D 206 -12.02 -15.07 11.94
C TYR D 206 -12.82 -16.36 11.88
N ASP D 207 -13.84 -16.46 12.72
CA ASP D 207 -14.73 -17.63 12.76
C ASP D 207 -13.93 -18.93 12.72
N GLY D 208 -12.87 -19.00 13.51
CA GLY D 208 -12.12 -20.26 13.67
C GLY D 208 -11.09 -20.49 12.58
N ARG D 209 -10.95 -19.53 11.67
CA ARG D 209 -10.07 -19.70 10.52
C ARG D 209 -8.93 -18.69 10.54
N PRO D 210 -7.79 -19.04 9.92
CA PRO D 210 -6.57 -18.27 10.02
C PRO D 210 -6.46 -17.10 9.05
N THR D 211 -5.45 -16.26 9.27
CA THR D 211 -5.17 -15.12 8.40
C THR D 211 -4.54 -15.57 7.09
N CYS D 212 -4.96 -14.93 6.00
CA CYS D 212 -4.34 -15.17 4.70
C CYS D 212 -2.82 -14.99 4.78
N CYS D 213 -2.08 -15.95 4.23
CA CYS D 213 -0.63 -15.99 4.39
C CYS D 213 0.10 -15.70 3.07
N GLY D 214 -0.65 -15.66 1.97
CA GLY D 214 -0.09 -15.32 0.66
C GLY D 214 0.34 -16.53 -0.16
N ASN D 215 -0.41 -17.63 -0.05
CA ASN D 215 -0.20 -18.84 -0.86
C ASN D 215 -0.35 -18.60 -2.36
N ASN D 216 -1.02 -17.51 -2.72
CA ASN D 216 -1.30 -17.20 -4.12
C ASN D 216 -1.91 -18.38 -4.86
N ASN D 217 -2.74 -19.17 -4.17
CA ASN D 217 -3.31 -20.37 -4.77
C ASN D 217 -4.82 -20.47 -4.56
N CYS D 218 -5.46 -19.31 -4.44
CA CYS D 218 -6.87 -19.26 -4.07
C CYS D 218 -7.70 -20.15 -5.01
N MET D 219 -7.54 -19.93 -6.30
CA MET D 219 -7.80 -20.97 -7.30
C MET D 219 -6.53 -21.80 -7.49
N PRO D 220 -6.67 -23.14 -7.48
CA PRO D 220 -7.87 -23.91 -7.25
C PRO D 220 -8.10 -24.39 -5.81
N ILE D 221 -7.20 -24.05 -4.88
CA ILE D 221 -7.30 -24.58 -3.53
C ILE D 221 -6.37 -23.87 -2.54
N CYS D 222 -6.98 -23.20 -1.57
CA CYS D 222 -6.26 -22.63 -0.44
C CYS D 222 -5.93 -23.71 0.59
N PRO D 223 -4.64 -23.84 0.94
CA PRO D 223 -4.14 -24.91 1.80
C PRO D 223 -4.54 -24.80 3.26
N ILE D 224 -4.92 -23.60 3.71
CA ILE D 224 -5.13 -23.36 5.16
C ILE D 224 -6.52 -22.82 5.50
N GLY D 225 -7.33 -22.54 4.49
CA GLY D 225 -8.70 -22.08 4.72
C GLY D 225 -8.77 -20.65 5.24
N ALA D 226 -7.79 -19.84 4.85
CA ALA D 226 -7.80 -18.42 5.16
C ALA D 226 -8.91 -17.71 4.39
N MET D 227 -9.34 -18.32 3.29
CA MET D 227 -10.51 -17.85 2.57
C MET D 227 -11.66 -18.83 2.74
N TYR D 228 -12.88 -18.32 2.65
CA TYR D 228 -14.08 -19.15 2.81
C TYR D 228 -14.13 -20.25 1.76
N ASN D 229 -14.57 -21.44 2.17
CA ASN D 229 -15.13 -22.42 1.25
C ASN D 229 -16.43 -23.03 1.76
N GLY D 230 -17.29 -23.45 0.84
CA GLY D 230 -18.62 -23.94 1.19
C GLY D 230 -18.60 -25.05 2.22
N ILE D 231 -17.49 -25.80 2.26
CA ILE D 231 -17.33 -26.85 3.26
C ILE D 231 -17.59 -26.32 4.68
N VAL D 232 -17.32 -25.04 4.89
CA VAL D 232 -17.40 -24.45 6.22
C VAL D 232 -18.82 -24.55 6.79
N HIS D 233 -19.81 -24.50 5.90
CA HIS D 233 -21.20 -24.47 6.32
C HIS D 233 -21.81 -25.87 6.29
N VAL D 234 -21.37 -26.70 5.36
CA VAL D 234 -21.62 -28.13 5.46
C VAL D 234 -21.30 -28.57 6.88
N GLU D 235 -20.08 -28.26 7.32
CA GLU D 235 -19.60 -28.66 8.64
C GLU D 235 -20.50 -28.09 9.73
N LYS D 236 -20.86 -26.82 9.58
CA LYS D 236 -21.74 -26.16 10.54
C LYS D 236 -23.10 -26.84 10.59
N ALA D 237 -23.70 -27.04 9.41
CA ALA D 237 -25.00 -27.69 9.32
C ALA D 237 -24.97 -29.02 10.04
N GLU D 238 -23.94 -29.82 9.77
CA GLU D 238 -23.82 -31.14 10.37
C GLU D 238 -23.78 -31.04 11.88
N ARG D 239 -23.03 -30.07 12.40
CA ARG D 239 -22.83 -29.94 13.83
C ARG D 239 -24.10 -29.45 14.51
N ALA D 240 -25.06 -28.98 13.71
CA ALA D 240 -26.31 -28.47 14.23
C ALA D 240 -27.48 -29.41 13.93
N GLY D 241 -27.19 -30.55 13.31
CA GLY D 241 -28.11 -31.70 13.33
C GLY D 241 -28.33 -32.34 11.97
N ALA D 242 -28.03 -31.60 10.91
CA ALA D 242 -28.36 -32.06 9.56
C ALA D 242 -27.65 -33.37 9.24
N LYS D 243 -28.35 -34.27 8.56
CA LYS D 243 -27.72 -35.48 8.02
C LYS D 243 -27.21 -35.23 6.61
N LEU D 244 -25.89 -35.30 6.44
CA LEU D 244 -25.29 -35.31 5.12
C LEU D 244 -25.28 -36.73 4.57
N ILE D 245 -25.78 -36.90 3.35
CA ILE D 245 -25.59 -38.13 2.60
C ILE D 245 -24.89 -37.85 1.28
N GLU D 246 -23.71 -38.43 1.10
CA GLU D 246 -22.88 -38.13 -0.05
C GLU D 246 -23.05 -39.21 -1.13
N ASN D 247 -22.41 -39.00 -2.27
CA ASN D 247 -22.75 -39.73 -3.48
C ASN D 247 -24.22 -40.12 -3.50
N ALA D 248 -25.08 -39.15 -3.25
CA ALA D 248 -26.49 -39.26 -3.57
C ALA D 248 -26.81 -38.39 -4.78
N VAL D 249 -26.80 -38.99 -5.97
CA VAL D 249 -27.10 -38.27 -7.19
C VAL D 249 -28.59 -38.25 -7.46
N VAL D 250 -29.23 -37.13 -7.18
CA VAL D 250 -30.65 -36.95 -7.45
C VAL D 250 -30.92 -36.79 -8.95
N TYR D 251 -31.86 -37.57 -9.47
CA TYR D 251 -32.16 -37.55 -10.90
C TYR D 251 -33.62 -37.19 -11.19
N LYS D 252 -34.42 -37.08 -10.13
CA LYS D 252 -35.84 -36.85 -10.29
C LYS D 252 -36.47 -36.30 -9.02
N LEU D 253 -37.38 -35.35 -9.19
CA LEU D 253 -38.32 -35.00 -8.13
C LEU D 253 -39.69 -35.60 -8.42
N GLU D 254 -40.18 -36.45 -7.51
CA GLU D 254 -41.50 -37.05 -7.64
C GLU D 254 -42.58 -36.04 -7.29
N THR D 255 -43.46 -35.77 -8.25
CA THR D 255 -44.57 -34.85 -8.04
C THR D 255 -45.78 -35.59 -7.47
N GLY D 256 -46.46 -34.95 -6.53
CA GLY D 256 -47.52 -35.61 -5.78
C GLY D 256 -48.90 -35.20 -6.27
N PRO D 257 -49.94 -35.51 -5.47
CA PRO D 257 -51.33 -35.43 -5.91
C PRO D 257 -51.85 -34.00 -5.90
N ASP D 258 -51.52 -33.25 -4.84
CA ASP D 258 -51.88 -31.85 -4.75
C ASP D 258 -50.77 -30.97 -5.31
N LYS D 259 -49.96 -31.53 -6.21
CA LYS D 259 -49.00 -30.75 -6.98
C LYS D 259 -47.79 -30.35 -6.14
N ARG D 260 -47.76 -30.78 -4.89
CA ARG D 260 -46.56 -30.66 -4.07
C ARG D 260 -45.55 -31.75 -4.42
N ILE D 261 -44.27 -31.46 -4.21
CA ILE D 261 -43.22 -32.47 -4.33
C ILE D 261 -43.26 -33.43 -3.15
N VAL D 262 -43.26 -34.73 -3.45
CA VAL D 262 -43.56 -35.74 -2.44
C VAL D 262 -42.27 -36.43 -2.00
N ALA D 263 -41.32 -36.58 -2.93
CA ALA D 263 -40.05 -37.23 -2.62
C ALA D 263 -38.99 -36.85 -3.65
N ALA D 264 -37.74 -37.23 -3.37
CA ALA D 264 -36.65 -37.06 -4.32
C ALA D 264 -36.00 -38.41 -4.61
N LEU D 265 -35.74 -38.67 -5.89
CA LEU D 265 -35.09 -39.91 -6.31
C LEU D 265 -33.62 -39.67 -6.59
N TYR D 266 -32.77 -40.53 -6.04
CA TYR D 266 -31.33 -40.45 -6.30
C TYR D 266 -30.70 -41.82 -6.44
N LYS D 267 -29.68 -41.89 -7.29
CA LYS D 267 -28.82 -43.06 -7.38
C LYS D 267 -27.57 -42.87 -6.52
N ASP D 268 -27.16 -43.92 -5.82
CA ASP D 268 -25.80 -43.98 -5.28
C ASP D 268 -24.81 -44.36 -6.37
N LYS D 269 -23.56 -44.63 -5.98
CA LYS D 269 -22.47 -44.73 -6.94
C LYS D 269 -22.48 -46.04 -7.71
N THR D 270 -23.26 -47.01 -7.22
CA THR D 270 -23.43 -48.28 -7.92
C THR D 270 -24.45 -48.15 -9.05
N GLY D 271 -25.32 -47.15 -8.94
CA GLY D 271 -26.39 -46.97 -9.92
C GLY D 271 -27.75 -47.29 -9.32
N ALA D 272 -27.74 -47.93 -8.16
CA ALA D 272 -28.97 -48.34 -7.50
C ALA D 272 -29.76 -47.12 -7.04
N GLU D 273 -31.06 -47.29 -6.90
CA GLU D 273 -31.95 -46.15 -6.73
C GLU D 273 -32.45 -46.07 -5.28
N HIS D 274 -32.71 -44.85 -4.83
CA HIS D 274 -33.25 -44.62 -3.48
C HIS D 274 -34.26 -43.48 -3.54
N ARG D 275 -35.12 -43.43 -2.52
CA ARG D 275 -36.16 -42.43 -2.45
C ARG D 275 -36.10 -41.72 -1.11
N VAL D 276 -36.20 -40.40 -1.13
CA VAL D 276 -36.21 -39.62 0.10
C VAL D 276 -37.42 -38.68 0.13
N GLU D 277 -38.27 -38.86 1.14
CA GLU D 277 -39.44 -38.01 1.32
C GLU D 277 -39.09 -36.81 2.21
N GLY D 278 -39.81 -35.71 2.02
CA GLY D 278 -39.83 -34.64 3.00
C GLY D 278 -40.99 -33.67 2.80
N LYS D 279 -41.25 -32.87 3.82
CA LYS D 279 -42.26 -31.81 3.73
C LYS D 279 -41.83 -30.75 2.72
N TYR D 280 -40.57 -30.35 2.76
CA TYR D 280 -40.09 -29.25 1.95
C TYR D 280 -38.81 -29.62 1.23
N PHE D 281 -38.64 -29.07 0.02
CA PHE D 281 -37.50 -29.41 -0.82
C PHE D 281 -36.80 -28.16 -1.33
N VAL D 282 -35.48 -28.13 -1.24
CA VAL D 282 -34.69 -27.06 -1.82
C VAL D 282 -33.72 -27.63 -2.84
N LEU D 283 -33.91 -27.28 -4.11
CA LEU D 283 -32.93 -27.55 -5.14
C LEU D 283 -31.77 -26.57 -5.01
N ALA D 284 -30.57 -27.09 -4.78
CA ALA D 284 -29.38 -26.25 -4.66
C ALA D 284 -28.16 -26.94 -5.25
N ALA D 285 -28.37 -27.84 -6.20
CA ALA D 285 -27.39 -28.07 -7.25
C ALA D 285 -26.99 -26.73 -7.82
N ASN D 286 -26.13 -26.74 -8.83
CA ASN D 286 -25.71 -25.49 -9.45
C ASN D 286 -26.72 -25.08 -10.52
N GLY D 287 -26.34 -24.10 -11.34
CA GLY D 287 -27.27 -23.53 -12.32
C GLY D 287 -27.45 -24.40 -13.55
N ILE D 288 -26.73 -25.52 -13.60
CA ILE D 288 -26.87 -26.46 -14.70
C ILE D 288 -27.56 -27.74 -14.25
N GLU D 289 -27.10 -28.29 -13.13
CA GLU D 289 -27.62 -29.56 -12.64
C GLU D 289 -28.98 -29.37 -12.00
N THR D 290 -29.30 -28.14 -11.64
CA THR D 290 -30.61 -27.81 -11.07
C THR D 290 -31.72 -27.92 -12.11
N PRO D 291 -31.60 -27.16 -13.21
CA PRO D 291 -32.58 -27.27 -14.29
C PRO D 291 -32.65 -28.68 -14.87
N LYS D 292 -31.50 -29.36 -14.96
CA LYS D 292 -31.47 -30.71 -15.52
C LYS D 292 -32.35 -31.65 -14.71
N ILE D 293 -32.27 -31.56 -13.39
CA ILE D 293 -33.09 -32.38 -12.51
C ILE D 293 -34.57 -32.18 -12.81
N LEU D 294 -34.99 -30.92 -12.89
CA LEU D 294 -36.39 -30.58 -13.11
C LEU D 294 -36.88 -31.13 -14.45
N LEU D 295 -36.10 -30.91 -15.49
CA LEU D 295 -36.47 -31.31 -16.84
C LEU D 295 -36.57 -32.83 -16.96
N MET D 296 -35.75 -33.54 -16.20
CA MET D 296 -35.77 -35.01 -16.22
C MET D 296 -36.90 -35.54 -15.35
N SER D 297 -37.59 -34.64 -14.66
CA SER D 297 -38.65 -35.02 -13.74
C SER D 297 -40.02 -35.01 -14.41
N ALA D 298 -40.04 -34.65 -15.69
CA ALA D 298 -41.28 -34.55 -16.46
C ALA D 298 -42.13 -35.81 -16.31
N ASN D 299 -43.28 -35.67 -15.66
CA ASN D 299 -44.36 -36.65 -15.75
C ASN D 299 -45.54 -36.10 -16.55
N ARG D 300 -46.64 -36.86 -16.58
CA ARG D 300 -47.73 -36.58 -17.49
C ARG D 300 -48.44 -35.28 -17.11
N ASP D 301 -48.47 -34.97 -15.81
CA ASP D 301 -49.00 -33.69 -15.35
C ASP D 301 -48.09 -32.54 -15.77
N PHE D 302 -46.83 -32.85 -16.07
CA PHE D 302 -45.83 -31.81 -16.31
C PHE D 302 -44.91 -32.19 -17.45
N PRO D 303 -45.48 -32.37 -18.65
CA PRO D 303 -44.93 -33.23 -19.68
C PRO D 303 -43.74 -32.61 -20.40
N ASN D 304 -43.42 -31.36 -20.07
CA ASN D 304 -42.14 -30.78 -20.44
C ASN D 304 -41.36 -30.31 -19.22
N GLY D 305 -41.71 -30.86 -18.06
CA GLY D 305 -40.78 -30.97 -16.95
C GLY D 305 -41.33 -30.32 -15.70
N VAL D 306 -40.84 -30.77 -14.55
CA VAL D 306 -41.28 -30.23 -13.26
C VAL D 306 -40.96 -28.74 -13.15
N ALA D 307 -41.94 -27.98 -12.67
CA ALA D 307 -41.77 -26.55 -12.43
C ALA D 307 -41.57 -25.78 -13.72
N ASN D 308 -41.85 -26.42 -14.85
CA ASN D 308 -41.58 -25.82 -16.17
C ASN D 308 -42.87 -25.41 -16.90
N SER D 309 -43.94 -25.21 -16.14
CA SER D 309 -45.19 -24.72 -16.72
C SER D 309 -44.95 -23.44 -17.51
N SER D 310 -43.81 -22.80 -17.27
CA SER D 310 -43.45 -21.57 -17.96
C SER D 310 -42.59 -21.87 -19.19
N ASP D 311 -42.08 -23.10 -19.25
CA ASP D 311 -41.06 -23.47 -20.25
C ASP D 311 -39.77 -22.64 -20.13
N MET D 312 -39.54 -22.06 -18.97
CA MET D 312 -38.40 -21.18 -18.77
C MET D 312 -37.25 -21.91 -18.06
N VAL D 313 -37.55 -23.07 -17.49
CA VAL D 313 -36.53 -23.92 -16.90
C VAL D 313 -35.40 -24.20 -17.88
N GLY D 314 -34.16 -23.98 -17.44
CA GLY D 314 -33.00 -24.22 -18.27
C GLY D 314 -32.73 -23.07 -19.24
N ARG D 315 -33.62 -22.09 -19.24
CA ARG D 315 -33.60 -21.03 -20.24
C ARG D 315 -33.05 -19.75 -19.64
N ASN D 316 -32.62 -18.83 -20.49
CA ASN D 316 -32.04 -17.57 -20.03
C ASN D 316 -30.67 -17.80 -19.39
N LEU D 317 -30.03 -18.91 -19.76
CA LEU D 317 -28.71 -19.22 -19.27
C LEU D 317 -27.80 -18.01 -19.40
N MET D 318 -27.23 -17.58 -18.27
CA MET D 318 -26.29 -16.47 -18.28
C MET D 318 -24.95 -16.88 -17.67
N ASP D 319 -23.88 -16.36 -18.24
CA ASP D 319 -22.58 -16.31 -17.58
C ASP D 319 -21.98 -14.93 -17.84
N HIS D 320 -20.71 -14.73 -17.49
CA HIS D 320 -20.01 -13.52 -17.84
C HIS D 320 -19.03 -13.76 -18.99
N PRO D 321 -19.47 -13.45 -20.22
CA PRO D 321 -18.53 -13.47 -21.35
C PRO D 321 -17.30 -12.63 -21.06
N GLY D 322 -16.14 -13.28 -20.96
CA GLY D 322 -14.93 -12.63 -20.51
C GLY D 322 -13.96 -12.35 -21.64
N THR D 323 -13.34 -11.18 -21.59
CA THR D 323 -12.26 -10.85 -22.51
C THR D 323 -11.09 -10.23 -21.76
N GLY D 324 -9.93 -10.20 -22.40
CA GLY D 324 -8.66 -10.17 -21.68
C GLY D 324 -7.56 -9.49 -22.46
N VAL D 325 -6.50 -9.12 -21.75
CA VAL D 325 -5.28 -8.63 -22.40
C VAL D 325 -4.07 -8.98 -21.55
N SER D 326 -2.96 -9.30 -22.21
CA SER D 326 -1.68 -9.49 -21.53
C SER D 326 -0.64 -8.56 -22.13
N PHE D 327 0.46 -8.40 -21.42
CA PHE D 327 1.65 -7.77 -21.98
C PHE D 327 2.78 -7.75 -20.96
N TYR D 328 3.90 -7.15 -21.35
CA TYR D 328 4.97 -6.86 -20.40
C TYR D 328 5.12 -5.35 -20.23
N ALA D 329 4.93 -4.88 -19.00
CA ALA D 329 5.16 -3.48 -18.67
C ALA D 329 6.66 -3.19 -18.68
N SER D 330 7.01 -1.91 -18.76
CA SER D 330 8.41 -1.51 -18.59
C SER D 330 8.86 -1.71 -17.16
N GLU D 331 7.96 -1.44 -16.20
CA GLU D 331 8.24 -1.60 -14.78
C GLU D 331 8.17 -3.06 -14.35
N LYS D 332 9.11 -3.48 -13.51
CA LYS D 332 8.92 -4.69 -12.72
C LYS D 332 7.75 -4.53 -11.74
N LEU D 333 6.95 -5.57 -11.62
CA LEU D 333 5.75 -5.52 -10.78
C LEU D 333 5.65 -6.76 -9.90
N TRP D 334 6.17 -7.88 -10.42
CA TRP D 334 6.28 -9.11 -9.64
C TRP D 334 4.91 -9.61 -9.17
N PRO D 335 4.02 -9.90 -10.13
CA PRO D 335 2.76 -10.54 -9.77
C PRO D 335 3.02 -11.89 -9.10
N GLY D 336 2.09 -12.32 -8.25
CA GLY D 336 2.19 -13.63 -7.61
C GLY D 336 2.45 -13.55 -6.12
N ARG D 337 2.21 -12.37 -5.55
CA ARG D 337 2.54 -12.12 -4.15
C ARG D 337 1.31 -11.64 -3.41
N GLY D 338 0.89 -12.43 -2.42
CA GLY D 338 -0.45 -12.30 -1.86
C GLY D 338 -1.49 -13.10 -2.61
N PRO D 339 -2.77 -12.78 -2.39
CA PRO D 339 -3.89 -13.39 -3.10
C PRO D 339 -3.87 -13.12 -4.60
N GLN D 340 -4.63 -13.91 -5.35
CA GLN D 340 -4.54 -13.91 -6.81
C GLN D 340 -5.28 -12.72 -7.40
N GLU D 341 -6.07 -12.04 -6.57
CA GLU D 341 -6.84 -10.89 -7.05
C GLU D 341 -7.30 -10.04 -5.87
N MET D 342 -6.87 -8.79 -5.85
CA MET D 342 -7.12 -7.91 -4.70
C MET D 342 -7.85 -6.65 -5.15
N THR D 343 -7.78 -6.33 -6.44
CA THR D 343 -8.40 -5.13 -6.97
C THR D 343 -9.38 -5.43 -8.10
N SER D 344 -10.19 -4.44 -8.45
CA SER D 344 -10.97 -4.48 -9.67
C SER D 344 -11.24 -3.08 -10.19
N LEU D 345 -11.42 -2.97 -11.50
CA LEU D 345 -11.76 -1.70 -12.14
C LEU D 345 -13.26 -1.64 -12.38
N ILE D 346 -13.97 -0.83 -11.60
CA ILE D 346 -15.42 -0.94 -11.54
C ILE D 346 -16.10 0.29 -12.13
N GLY D 347 -15.31 1.10 -12.85
CA GLY D 347 -15.82 2.34 -13.42
C GLY D 347 -16.97 2.13 -14.38
N PHE D 348 -16.98 1.00 -15.07
CA PHE D 348 -17.92 0.77 -16.15
C PHE D 348 -19.02 -0.24 -15.77
N ARG D 349 -19.31 -0.32 -14.48
CA ARG D 349 -20.32 -1.25 -14.00
C ARG D 349 -21.70 -0.68 -14.28
N ASP D 350 -21.77 0.63 -14.44
CA ASP D 350 -23.06 1.33 -14.55
C ASP D 350 -22.95 2.58 -15.41
N GLY D 351 -24.10 3.09 -15.84
CA GLY D 351 -24.13 4.27 -16.69
C GLY D 351 -25.12 4.12 -17.84
N PRO D 352 -25.51 5.24 -18.45
CA PRO D 352 -26.63 5.26 -19.37
C PRO D 352 -26.38 4.39 -20.61
N PHE D 353 -25.12 4.18 -20.94
CA PHE D 353 -24.73 3.35 -22.07
C PHE D 353 -25.27 1.92 -21.98
N ARG D 354 -25.74 1.55 -20.79
CA ARG D 354 -26.13 0.16 -20.54
C ARG D 354 -27.44 -0.16 -21.25
N ALA D 355 -28.00 0.83 -21.94
CA ALA D 355 -29.22 0.62 -22.71
C ALA D 355 -28.90 0.12 -24.12
N THR D 356 -27.63 0.17 -24.49
CA THR D 356 -27.22 -0.09 -25.87
C THR D 356 -26.09 -1.11 -25.97
N GLU D 357 -25.27 -1.20 -24.92
CA GLU D 357 -24.17 -2.15 -24.89
C GLU D 357 -23.91 -2.66 -23.47
N ALA D 358 -22.96 -3.59 -23.34
CA ALA D 358 -22.83 -4.38 -22.13
C ALA D 358 -21.91 -3.69 -21.12
N ALA D 359 -22.38 -3.58 -19.88
CA ALA D 359 -21.53 -3.16 -18.78
C ALA D 359 -20.54 -4.25 -18.38
N LYS D 360 -19.47 -3.85 -17.71
CA LYS D 360 -18.35 -4.73 -17.43
C LYS D 360 -17.78 -4.39 -16.06
N LYS D 361 -17.15 -5.37 -15.43
CA LYS D 361 -16.03 -5.10 -14.54
C LYS D 361 -14.74 -5.66 -15.13
N ILE D 362 -13.66 -4.89 -14.98
CA ILE D 362 -12.33 -5.36 -15.35
C ILE D 362 -11.46 -5.55 -14.11
N HIS D 363 -10.58 -6.54 -14.16
CA HIS D 363 -9.79 -6.91 -12.98
C HIS D 363 -8.40 -7.39 -13.35
N LEU D 364 -7.40 -6.84 -12.67
CA LEU D 364 -6.01 -7.18 -12.88
C LEU D 364 -5.64 -8.41 -12.07
N SER D 365 -4.83 -9.28 -12.67
CA SER D 365 -4.47 -10.55 -12.03
C SER D 365 -3.19 -10.37 -11.22
N ASN D 366 -3.14 -11.02 -10.06
CA ASN D 366 -1.92 -11.09 -9.27
C ASN D 366 -1.36 -12.51 -9.21
N LEU D 367 -1.79 -13.34 -10.15
CA LEU D 367 -1.36 -14.74 -10.19
C LEU D 367 0.11 -14.85 -10.58
N SER D 368 0.87 -15.63 -9.83
CA SER D 368 2.26 -15.90 -10.15
C SER D 368 2.35 -16.48 -11.56
N ARG D 369 3.44 -16.15 -12.27
CA ARG D 369 3.54 -16.49 -13.67
C ARG D 369 4.90 -17.14 -13.94
N ILE D 370 5.52 -17.66 -12.90
CA ILE D 370 6.84 -18.26 -13.04
C ILE D 370 6.80 -19.37 -14.07
N ASP D 371 5.86 -20.30 -13.91
CA ASP D 371 5.75 -21.45 -14.81
C ASP D 371 5.49 -20.99 -16.23
N GLN D 372 4.51 -20.09 -16.38
CA GLN D 372 4.01 -19.72 -17.69
C GLN D 372 5.11 -19.07 -18.51
N GLU D 373 5.94 -18.26 -17.86
CA GLU D 373 6.99 -17.51 -18.53
C GLU D 373 8.22 -18.39 -18.75
N THR D 374 8.46 -19.31 -17.83
CA THR D 374 9.53 -20.28 -17.99
C THR D 374 9.20 -21.24 -19.14
N GLN D 375 7.95 -21.70 -19.20
CA GLN D 375 7.50 -22.56 -20.28
C GLN D 375 7.65 -21.86 -21.62
N LYS D 376 7.25 -20.58 -21.67
CA LYS D 376 7.23 -19.84 -22.93
C LYS D 376 8.63 -19.75 -23.52
N ILE D 377 9.61 -19.44 -22.68
CA ILE D 377 10.99 -19.39 -23.12
C ILE D 377 11.41 -20.73 -23.72
N PHE D 378 11.17 -21.81 -22.97
CA PHE D 378 11.59 -23.15 -23.39
C PHE D 378 10.87 -23.55 -24.69
N LYS D 379 9.68 -23.00 -24.90
CA LYS D 379 8.87 -23.34 -26.06
C LYS D 379 9.49 -22.79 -27.34
N ALA D 380 10.38 -21.81 -27.18
CA ALA D 380 10.91 -21.08 -28.32
C ALA D 380 12.05 -21.87 -28.99
N GLY D 381 12.52 -22.92 -28.32
CA GLY D 381 13.28 -23.97 -28.98
C GLY D 381 14.78 -23.71 -28.96
N LYS D 382 15.18 -22.63 -28.28
CA LYS D 382 16.57 -22.18 -28.32
C LYS D 382 17.24 -22.32 -26.95
N LEU D 383 18.35 -23.05 -26.93
CA LEU D 383 19.12 -23.26 -25.70
C LEU D 383 19.94 -22.01 -25.36
N MET D 384 19.85 -21.57 -24.11
CA MET D 384 20.63 -20.42 -23.66
C MET D 384 21.62 -20.83 -22.57
N LYS D 385 22.50 -19.90 -22.20
CA LYS D 385 23.39 -20.10 -21.07
C LYS D 385 22.61 -19.99 -19.76
N PRO D 386 22.98 -20.82 -18.77
CA PRO D 386 22.38 -20.77 -17.44
C PRO D 386 22.05 -19.35 -16.99
N ASP D 387 22.94 -18.41 -17.26
CA ASP D 387 22.82 -17.05 -16.72
C ASP D 387 21.77 -16.24 -17.46
N GLU D 388 21.69 -16.42 -18.78
CA GLU D 388 20.74 -15.67 -19.61
C GLU D 388 19.33 -16.22 -19.44
N LEU D 389 19.25 -17.51 -19.11
CA LEU D 389 17.98 -18.17 -18.85
C LEU D 389 17.32 -17.61 -17.59
N ASP D 390 18.06 -17.60 -16.49
CA ASP D 390 17.56 -17.06 -15.24
C ASP D 390 17.29 -15.56 -15.37
N ALA D 391 18.21 -14.85 -16.03
CA ALA D 391 17.98 -13.46 -16.41
C ALA D 391 16.55 -13.29 -16.93
N GLN D 392 16.19 -14.11 -17.91
CA GLN D 392 14.96 -13.88 -18.66
C GLN D 392 13.73 -14.31 -17.86
N ILE D 393 13.88 -15.40 -17.12
CA ILE D 393 12.82 -15.84 -16.20
C ILE D 393 12.47 -14.74 -15.23
N ARG D 394 13.49 -14.16 -14.61
CA ARG D 394 13.30 -13.04 -13.67
C ARG D 394 12.52 -11.91 -14.34
N ASP D 395 13.01 -11.44 -15.48
CA ASP D 395 12.50 -10.24 -16.09
C ASP D 395 11.06 -10.45 -16.59
N ARG D 396 10.80 -11.62 -17.15
CA ARG D 396 9.49 -11.93 -17.70
C ARG D 396 8.45 -12.10 -16.59
N SER D 397 8.80 -12.91 -15.60
CA SER D 397 7.93 -13.12 -14.44
C SER D 397 7.59 -11.79 -13.76
N ALA D 398 8.54 -10.87 -13.77
CA ALA D 398 8.42 -9.61 -13.03
C ALA D 398 7.50 -8.65 -13.75
N ARG D 399 7.46 -8.74 -15.08
CA ARG D 399 6.95 -7.65 -15.88
C ARG D 399 5.63 -8.02 -16.53
N TYR D 400 5.31 -9.31 -16.54
CA TYR D 400 4.02 -9.76 -17.04
C TYR D 400 2.91 -8.99 -16.35
N VAL D 401 1.98 -8.48 -17.14
CA VAL D 401 0.73 -7.93 -16.64
C VAL D 401 -0.43 -8.56 -17.42
N GLN D 402 -1.56 -8.79 -16.75
CA GLN D 402 -2.74 -9.33 -17.43
C GLN D 402 -4.04 -8.89 -16.78
N PHE D 403 -4.89 -8.23 -17.57
CA PHE D 403 -6.24 -7.90 -17.14
C PHE D 403 -7.23 -8.88 -17.77
N ASP D 404 -8.30 -9.19 -17.04
CA ASP D 404 -9.47 -9.81 -17.62
C ASP D 404 -10.71 -9.06 -17.13
N CYS D 405 -11.88 -9.55 -17.49
CA CYS D 405 -13.10 -8.79 -17.21
C CYS D 405 -14.35 -9.65 -17.31
N PHE D 406 -15.41 -9.20 -16.65
CA PHE D 406 -16.73 -9.80 -16.76
C PHE D 406 -17.67 -8.87 -17.54
N HIS D 407 -18.14 -9.33 -18.69
CA HIS D 407 -19.23 -8.66 -19.38
C HIS D 407 -20.57 -9.21 -18.91
N GLU D 408 -21.56 -8.33 -18.78
CA GLU D 408 -22.93 -8.78 -18.60
C GLU D 408 -23.53 -9.29 -19.91
N ILE D 409 -24.27 -10.38 -19.82
CA ILE D 409 -25.13 -10.81 -20.91
C ILE D 409 -26.55 -10.96 -20.39
N LEU D 410 -27.53 -10.61 -21.22
CA LEU D 410 -28.90 -10.47 -20.75
C LEU D 410 -29.61 -11.80 -20.87
N PRO D 411 -30.65 -12.00 -20.05
CA PRO D 411 -31.43 -13.24 -20.07
C PRO D 411 -32.13 -13.46 -21.42
N GLN D 412 -31.90 -14.63 -22.01
CA GLN D 412 -32.24 -14.87 -23.41
C GLN D 412 -32.69 -16.32 -23.60
N PRO D 413 -34.01 -16.53 -23.80
CA PRO D 413 -34.61 -17.87 -23.68
C PRO D 413 -33.93 -18.93 -24.55
N GLU D 414 -33.24 -18.50 -25.60
CA GLU D 414 -32.63 -19.44 -26.54
C GLU D 414 -31.33 -20.03 -25.99
N ASN D 415 -30.51 -19.20 -25.37
CA ASN D 415 -29.50 -19.66 -24.42
C ASN D 415 -30.13 -20.50 -23.31
N ARG D 416 -29.74 -21.78 -23.25
CA ARG D 416 -30.48 -22.75 -22.47
C ARG D 416 -29.72 -24.07 -22.31
N ILE D 417 -30.07 -24.79 -21.24
CA ILE D 417 -29.53 -26.12 -20.99
C ILE D 417 -30.68 -27.11 -20.93
N VAL D 418 -30.50 -28.25 -21.58
CA VAL D 418 -31.42 -29.38 -21.40
C VAL D 418 -30.61 -30.66 -21.22
N PRO D 419 -31.26 -31.70 -20.67
CA PRO D 419 -30.72 -33.06 -20.72
C PRO D 419 -30.76 -33.62 -22.14
N SER D 420 -29.59 -34.02 -22.64
CA SER D 420 -29.49 -34.59 -23.99
C SER D 420 -30.30 -35.86 -24.08
N LYS D 421 -31.16 -35.93 -25.10
CA LYS D 421 -32.03 -37.08 -25.28
C LYS D 421 -31.24 -38.26 -25.83
N THR D 422 -30.09 -37.96 -26.43
CA THR D 422 -29.16 -39.01 -26.84
C THR D 422 -28.28 -39.45 -25.66
N ALA D 423 -27.52 -38.51 -25.11
CA ALA D 423 -26.25 -38.83 -24.46
C ALA D 423 -26.43 -38.98 -22.96
N THR D 424 -25.68 -39.89 -22.37
CA THR D 424 -25.88 -40.30 -20.99
C THR D 424 -24.53 -40.40 -20.29
N ASP D 425 -24.55 -40.45 -18.96
CA ASP D 425 -23.32 -40.65 -18.19
C ASP D 425 -23.25 -42.05 -17.62
N ALA D 426 -22.23 -42.31 -16.81
CA ALA D 426 -21.82 -43.68 -16.53
C ALA D 426 -22.80 -44.39 -15.57
N ILE D 427 -23.81 -43.67 -15.11
CA ILE D 427 -24.97 -44.32 -14.49
C ILE D 427 -26.27 -43.94 -15.18
N GLY D 428 -26.18 -43.62 -16.47
CA GLY D 428 -27.35 -43.59 -17.34
C GLY D 428 -28.08 -42.26 -17.28
N ILE D 429 -27.67 -41.38 -16.37
CA ILE D 429 -28.27 -40.07 -16.25
C ILE D 429 -27.90 -39.22 -17.46
N PRO D 430 -28.89 -38.59 -18.09
CA PRO D 430 -28.67 -37.74 -19.25
C PRO D 430 -27.68 -36.61 -18.99
N ARG D 431 -26.76 -36.39 -19.91
CA ARG D 431 -25.74 -35.37 -19.77
C ARG D 431 -26.29 -34.00 -20.18
N PRO D 432 -25.73 -32.93 -19.59
CA PRO D 432 -26.16 -31.57 -19.89
C PRO D 432 -25.82 -31.14 -21.32
N GLU D 433 -26.82 -30.64 -22.03
CA GLU D 433 -26.62 -30.13 -23.38
C GLU D 433 -26.97 -28.64 -23.43
N ILE D 434 -25.98 -27.81 -23.75
CA ILE D 434 -26.13 -26.37 -23.61
C ILE D 434 -26.05 -25.68 -24.97
N THR D 435 -27.05 -24.87 -25.26
CA THR D 435 -26.99 -24.01 -26.44
C THR D 435 -26.82 -22.55 -26.04
N TYR D 436 -25.79 -21.91 -26.60
CA TYR D 436 -25.30 -20.65 -26.08
C TYR D 436 -24.85 -19.74 -27.21
N ALA D 437 -25.33 -18.50 -27.19
CA ALA D 437 -24.93 -17.52 -28.19
C ALA D 437 -24.76 -16.15 -27.54
N ILE D 438 -23.70 -15.45 -27.93
CA ILE D 438 -23.42 -14.13 -27.38
C ILE D 438 -23.69 -13.04 -28.42
N ASP D 439 -24.98 -12.75 -28.61
CA ASP D 439 -25.51 -11.37 -28.56
C ASP D 439 -24.53 -10.27 -28.94
N ASP D 440 -25.00 -9.33 -29.76
CA ASP D 440 -24.23 -8.16 -30.17
C ASP D 440 -24.16 -7.12 -29.06
N TYR D 441 -25.18 -7.11 -28.20
CA TYR D 441 -25.19 -6.27 -27.02
C TYR D 441 -23.88 -6.41 -26.25
N VAL D 442 -23.50 -7.67 -26.02
CA VAL D 442 -22.21 -7.98 -25.42
C VAL D 442 -21.06 -7.59 -26.34
N LYS D 443 -21.21 -7.88 -27.63
CA LYS D 443 -20.13 -7.70 -28.59
C LYS D 443 -19.67 -6.24 -28.64
N ARG D 444 -20.61 -5.33 -28.49
CA ARG D 444 -20.34 -3.90 -28.57
C ARG D 444 -19.59 -3.43 -27.32
N GLY D 445 -20.11 -3.82 -26.15
CA GLY D 445 -19.35 -3.69 -24.91
C GLY D 445 -17.90 -4.11 -25.09
N ALA D 446 -17.69 -5.30 -25.60
CA ALA D 446 -16.35 -5.88 -25.67
C ALA D 446 -15.41 -4.98 -26.46
N ALA D 447 -15.95 -4.33 -27.48
CA ALA D 447 -15.14 -3.49 -28.36
C ALA D 447 -14.64 -2.27 -27.61
N HIS D 448 -15.50 -1.70 -26.77
CA HIS D 448 -15.08 -0.65 -25.85
C HIS D 448 -14.02 -1.18 -24.89
N THR D 449 -14.32 -2.28 -24.22
CA THR D 449 -13.38 -2.89 -23.29
C THR D 449 -12.00 -3.03 -23.92
N ARG D 450 -11.98 -3.37 -25.21
CA ARG D 450 -10.73 -3.57 -25.93
C ARG D 450 -9.93 -2.27 -25.99
N GLU D 451 -10.62 -1.14 -26.06
CA GLU D 451 -9.97 0.16 -26.04
C GLU D 451 -9.34 0.43 -24.68
N VAL D 452 -10.13 0.28 -23.62
CA VAL D 452 -9.62 0.41 -22.26
C VAL D 452 -8.36 -0.43 -22.09
N TYR D 453 -8.39 -1.67 -22.58
CA TYR D 453 -7.23 -2.55 -22.51
C TYR D 453 -6.02 -1.89 -23.19
N ALA D 454 -6.28 -1.25 -24.33
CA ALA D 454 -5.21 -0.60 -25.08
C ALA D 454 -4.65 0.58 -24.31
N THR D 455 -5.54 1.40 -23.77
CA THR D 455 -5.15 2.47 -22.87
C THR D 455 -4.29 1.92 -21.74
N ALA D 456 -4.77 0.88 -21.07
CA ALA D 456 -4.07 0.30 -19.93
C ALA D 456 -2.64 -0.09 -20.34
N ALA D 457 -2.54 -0.86 -21.42
CA ALA D 457 -1.25 -1.32 -21.91
C ALA D 457 -0.33 -0.12 -22.17
N LYS D 458 -0.91 0.94 -22.72
CA LYS D 458 -0.15 2.12 -23.12
C LYS D 458 0.32 2.90 -21.90
N VAL D 459 -0.55 3.03 -20.90
CA VAL D 459 -0.18 3.68 -19.65
C VAL D 459 1.04 3.01 -19.02
N LEU D 460 1.11 1.68 -19.13
CA LEU D 460 2.03 0.88 -18.33
C LEU D 460 3.28 0.57 -19.14
N GLY D 461 3.34 1.09 -20.36
CA GLY D 461 4.50 0.88 -21.23
C GLY D 461 4.58 -0.54 -21.76
N GLY D 462 3.42 -1.10 -22.12
CA GLY D 462 3.36 -2.49 -22.53
C GLY D 462 4.10 -2.75 -23.82
N THR D 463 5.04 -3.70 -23.79
CA THR D 463 5.44 -4.41 -24.99
C THR D 463 4.69 -5.74 -25.14
N ASP D 464 4.76 -6.31 -26.34
CA ASP D 464 4.35 -7.70 -26.55
C ASP D 464 2.85 -7.86 -26.31
N VAL D 465 2.10 -6.79 -26.54
CA VAL D 465 0.68 -6.78 -26.22
C VAL D 465 -0.04 -7.91 -26.95
N VAL D 466 -0.96 -8.55 -26.26
CA VAL D 466 -1.85 -9.53 -26.88
C VAL D 466 -3.25 -9.37 -26.33
N PHE D 467 -4.22 -9.23 -27.22
CA PHE D 467 -5.62 -9.27 -26.84
C PHE D 467 -6.16 -10.69 -27.00
N ASN D 468 -6.82 -11.19 -25.96
CA ASN D 468 -7.68 -12.36 -26.10
C ASN D 468 -9.12 -11.92 -26.25
N ASP D 469 -9.67 -12.11 -27.45
CA ASP D 469 -10.98 -11.53 -27.78
C ASP D 469 -12.04 -12.62 -27.83
N GLU D 470 -11.61 -13.88 -27.90
CA GLU D 470 -12.53 -14.99 -27.78
C GLU D 470 -13.12 -15.05 -26.37
N PHE D 471 -14.44 -15.09 -26.29
CA PHE D 471 -15.12 -14.99 -25.01
C PHE D 471 -14.83 -16.21 -24.16
N ALA D 472 -14.13 -15.98 -23.04
CA ALA D 472 -13.91 -17.02 -22.05
C ALA D 472 -15.11 -17.14 -21.12
N PRO D 473 -15.34 -18.34 -20.58
CA PRO D 473 -16.35 -18.53 -19.54
C PRO D 473 -15.85 -18.03 -18.19
N ASN D 474 -16.75 -17.96 -17.21
CA ASN D 474 -16.43 -17.41 -15.91
C ASN D 474 -17.31 -17.99 -14.82
N ASN D 475 -17.88 -19.16 -15.10
CA ASN D 475 -18.38 -20.05 -14.05
C ASN D 475 -19.53 -19.47 -13.23
N HIS D 476 -20.06 -18.33 -13.66
CA HIS D 476 -21.13 -17.67 -12.90
C HIS D 476 -22.51 -17.97 -13.48
N ILE D 477 -23.03 -19.15 -13.17
CA ILE D 477 -23.97 -19.84 -14.04
C ILE D 477 -25.39 -19.55 -13.59
N THR D 478 -26.12 -18.78 -14.38
CA THR D 478 -27.17 -17.92 -13.84
C THR D 478 -28.40 -17.92 -14.75
N GLY D 479 -29.58 -17.85 -14.15
CA GLY D 479 -30.79 -17.46 -14.86
C GLY D 479 -31.72 -18.61 -15.19
N SER D 480 -31.29 -19.83 -14.88
CA SER D 480 -31.82 -21.02 -15.52
C SER D 480 -33.10 -21.52 -14.84
N THR D 481 -33.43 -20.92 -13.69
CA THR D 481 -34.75 -21.11 -13.10
C THR D 481 -35.31 -19.78 -12.63
N ILE D 482 -35.63 -18.93 -13.61
CA ILE D 482 -35.50 -17.50 -13.43
C ILE D 482 -36.55 -16.98 -12.45
N MET D 483 -36.22 -15.91 -11.75
CA MET D 483 -37.13 -15.28 -10.81
C MET D 483 -37.91 -14.17 -11.52
N GLY D 484 -39.18 -13.99 -11.14
CA GLY D 484 -40.08 -13.14 -11.91
C GLY D 484 -41.36 -12.81 -11.17
N ALA D 485 -42.30 -12.19 -11.89
CA ALA D 485 -43.48 -11.60 -11.25
C ALA D 485 -44.69 -12.51 -11.38
N ASP D 486 -44.76 -13.27 -12.47
CA ASP D 486 -45.87 -14.20 -12.68
C ASP D 486 -45.43 -15.46 -13.41
N ALA D 487 -46.29 -16.47 -13.40
CA ALA D 487 -45.87 -17.85 -13.61
C ALA D 487 -45.66 -18.14 -15.09
N ARG D 488 -45.97 -17.15 -15.94
CA ARG D 488 -46.09 -17.39 -17.37
C ARG D 488 -44.73 -17.36 -18.03
N ASP D 489 -43.83 -16.56 -17.48
CA ASP D 489 -42.49 -16.39 -18.05
C ASP D 489 -41.41 -16.50 -16.98
N SER D 490 -41.76 -17.15 -15.87
CA SER D 490 -40.87 -17.23 -14.72
C SER D 490 -41.06 -18.54 -13.96
N VAL D 491 -39.96 -19.08 -13.46
CA VAL D 491 -39.98 -20.36 -12.75
C VAL D 491 -40.29 -20.16 -11.27
N VAL D 492 -39.60 -19.21 -10.64
CA VAL D 492 -39.80 -18.95 -9.21
C VAL D 492 -40.35 -17.55 -8.95
N ASP D 493 -41.12 -17.43 -7.87
CA ASP D 493 -41.57 -16.13 -7.40
C ASP D 493 -40.42 -15.41 -6.70
N LYS D 494 -40.73 -14.34 -5.98
CA LYS D 494 -39.71 -13.44 -5.49
C LYS D 494 -39.14 -13.94 -4.16
N ASP D 495 -39.78 -14.96 -3.60
CA ASP D 495 -39.26 -15.62 -2.40
C ASP D 495 -38.44 -16.85 -2.78
N CYS D 496 -38.14 -16.99 -4.06
CA CYS D 496 -37.37 -18.13 -4.55
C CYS D 496 -38.14 -19.44 -4.38
N ARG D 497 -39.43 -19.33 -4.07
CA ARG D 497 -40.33 -20.48 -4.15
C ARG D 497 -40.82 -20.69 -5.57
N THR D 498 -41.05 -21.95 -5.93
CA THR D 498 -41.42 -22.28 -7.30
C THR D 498 -42.92 -22.08 -7.49
N PHE D 499 -43.30 -21.62 -8.67
CA PHE D 499 -44.71 -21.29 -8.95
C PHE D 499 -45.58 -22.54 -8.94
N ASP D 500 -45.12 -23.57 -9.66
CA ASP D 500 -45.95 -24.72 -9.96
C ASP D 500 -46.17 -25.60 -8.74
N HIS D 501 -45.21 -25.60 -7.83
CA HIS D 501 -45.36 -26.30 -6.56
C HIS D 501 -44.88 -25.43 -5.40
N PRO D 502 -45.76 -25.19 -4.42
CA PRO D 502 -45.44 -24.37 -3.25
C PRO D 502 -44.51 -25.09 -2.29
N ASN D 503 -43.99 -26.25 -2.71
CA ASN D 503 -43.21 -27.11 -1.83
C ASN D 503 -41.71 -26.90 -2.02
N LEU D 504 -41.36 -26.08 -3.00
CA LEU D 504 -40.13 -26.24 -3.74
C LEU D 504 -39.44 -24.88 -3.88
N PHE D 505 -38.27 -24.76 -3.27
CA PHE D 505 -37.44 -23.56 -3.44
C PHE D 505 -36.17 -23.89 -4.22
N ILE D 506 -35.71 -22.93 -5.02
CA ILE D 506 -34.36 -22.95 -5.55
C ILE D 506 -33.46 -22.02 -4.75
N SER D 507 -32.33 -22.54 -4.28
CA SER D 507 -31.19 -21.72 -3.90
C SER D 507 -30.05 -21.91 -4.88
N SER D 508 -29.85 -20.92 -5.75
CA SER D 508 -28.83 -20.97 -6.79
C SER D 508 -28.86 -19.70 -7.61
N SER D 509 -27.75 -19.38 -8.26
CA SER D 509 -27.72 -18.29 -9.21
C SER D 509 -28.78 -18.51 -10.28
N ALA D 510 -29.28 -19.74 -10.38
CA ALA D 510 -30.33 -20.08 -11.33
C ALA D 510 -31.44 -19.04 -11.30
N THR D 511 -31.78 -18.57 -10.10
CA THR D 511 -32.99 -17.80 -9.89
C THR D 511 -32.80 -16.35 -10.31
N MET D 512 -31.57 -15.95 -10.52
CA MET D 512 -31.24 -14.55 -10.72
C MET D 512 -31.60 -14.12 -12.14
N PRO D 513 -32.55 -13.17 -12.26
CA PRO D 513 -32.94 -12.55 -13.53
C PRO D 513 -31.78 -11.89 -14.26
N THR D 514 -30.83 -11.33 -13.51
CA THR D 514 -29.72 -10.60 -14.10
C THR D 514 -28.41 -11.19 -13.59
N VAL D 515 -27.38 -11.18 -14.42
CA VAL D 515 -26.07 -11.70 -14.03
C VAL D 515 -25.07 -10.56 -13.79
N GLY D 516 -25.52 -9.33 -14.02
CA GLY D 516 -24.78 -8.16 -13.57
C GLY D 516 -23.32 -8.20 -13.96
N THR D 517 -22.49 -7.49 -13.20
CA THR D 517 -21.14 -7.18 -13.65
C THR D 517 -20.09 -7.84 -12.77
N VAL D 518 -20.53 -8.61 -11.79
CA VAL D 518 -19.64 -9.16 -10.76
C VAL D 518 -19.96 -10.62 -10.45
N ASN D 519 -18.98 -11.35 -9.93
CA ASN D 519 -19.22 -12.69 -9.40
C ASN D 519 -20.52 -12.75 -8.60
N VAL D 520 -21.25 -13.86 -8.72
CA VAL D 520 -22.66 -13.91 -8.36
C VAL D 520 -22.87 -14.51 -6.98
N THR D 521 -21.82 -15.10 -6.41
CA THR D 521 -21.99 -16.06 -5.33
C THR D 521 -22.39 -15.39 -4.02
N LEU D 522 -21.89 -14.18 -3.77
CA LEU D 522 -22.30 -13.43 -2.60
C LEU D 522 -23.82 -13.24 -2.62
N THR D 523 -24.33 -12.77 -3.75
CA THR D 523 -25.76 -12.61 -3.92
C THR D 523 -26.49 -13.93 -3.68
N ILE D 524 -25.93 -15.03 -4.18
CA ILE D 524 -26.46 -16.35 -3.89
C ILE D 524 -26.58 -16.57 -2.39
N ALA D 525 -25.54 -16.17 -1.66
CA ALA D 525 -25.52 -16.38 -0.21
C ALA D 525 -26.59 -15.54 0.46
N ALA D 526 -26.77 -14.31 -0.02
CA ALA D 526 -27.85 -13.45 0.45
C ALA D 526 -29.21 -14.13 0.25
N LEU D 527 -29.47 -14.57 -0.97
CA LEU D 527 -30.77 -15.14 -1.31
C LEU D 527 -31.02 -16.38 -0.46
N ALA D 528 -29.96 -17.16 -0.25
CA ALA D 528 -30.06 -18.38 0.53
C ALA D 528 -30.41 -18.07 1.98
N LEU D 529 -29.88 -16.97 2.50
CA LEU D 529 -30.18 -16.54 3.86
C LEU D 529 -31.60 -15.96 3.95
N ARG D 530 -31.98 -15.21 2.91
CA ARG D 530 -33.32 -14.65 2.84
C ARG D 530 -34.39 -15.73 2.94
N MET D 531 -34.25 -16.77 2.13
CA MET D 531 -35.31 -17.77 2.01
C MET D 531 -35.24 -18.79 3.14
N SER D 532 -34.08 -18.90 3.77
CA SER D 532 -33.96 -19.61 5.04
C SER D 532 -34.85 -19.01 6.12
N ASP D 533 -34.85 -17.69 6.22
CA ASP D 533 -35.79 -16.96 7.08
C ASP D 533 -37.23 -17.33 6.72
N THR D 534 -37.57 -17.23 5.45
CA THR D 534 -38.93 -17.43 4.99
C THR D 534 -39.38 -18.87 5.25
N LEU D 535 -38.42 -19.79 5.19
CA LEU D 535 -38.72 -21.22 5.32
C LEU D 535 -38.86 -21.63 6.78
N LYS D 536 -38.09 -20.97 7.64
CA LYS D 536 -38.24 -21.13 9.09
C LYS D 536 -39.69 -20.94 9.52
N LYS D 537 -40.39 -20.04 8.84
CA LYS D 537 -41.77 -19.71 9.19
C LYS D 537 -42.70 -20.90 8.97
N GLU D 538 -42.64 -21.50 7.78
CA GLU D 538 -43.48 -22.65 7.46
C GLU D 538 -42.78 -23.98 7.76
N VAL D 539 -43.53 -24.90 8.34
CA VAL D 539 -44.36 -24.59 9.51
C VAL D 539 -43.55 -24.88 10.77
PA FAD E . 23.03 23.95 7.29
O1A FAD E . 22.69 22.48 7.14
O2A FAD E . 22.37 24.78 8.36
O5B FAD E . 24.62 24.03 7.48
C5B FAD E . 25.26 25.28 7.73
C4B FAD E . 26.55 25.02 8.49
O4B FAD E . 27.39 26.18 8.45
C3B FAD E . 26.27 24.70 9.95
O3B FAD E . 26.95 23.49 10.32
C2B FAD E . 26.87 25.87 10.72
O2B FAD E . 27.48 25.41 11.94
C1B FAD E . 27.90 26.43 9.76
N9A FAD E . 28.11 27.88 9.97
C8A FAD E . 27.17 28.85 9.95
N7A FAD E . 27.74 30.07 10.19
C5A FAD E . 29.06 29.87 10.36
C6A FAD E . 30.26 30.70 10.64
N6A FAD E . 30.15 32.05 10.79
N1A FAD E . 31.46 30.10 10.74
C2A FAD E . 31.60 28.76 10.59
N3A FAD E . 30.56 27.95 10.34
C4A FAD E . 29.30 28.43 10.21
N1 FAD E . 15.00 20.86 4.16
C2 FAD E . 14.53 20.09 3.14
O2 FAD E . 14.97 20.28 1.99
N3 FAD E . 13.61 19.12 3.32
C4 FAD E . 13.09 18.85 4.52
O4 FAD E . 12.24 17.96 4.68
C4X FAD E . 13.56 19.65 5.69
N5 FAD E . 13.07 19.43 6.93
C5X FAD E . 13.51 20.16 7.97
C6 FAD E . 12.99 19.91 9.24
C7 FAD E . 13.43 20.66 10.33
C7M FAD E . 12.88 20.39 11.70
C8 FAD E . 14.46 21.72 10.13
C8M FAD E . 14.92 22.52 11.32
C9 FAD E . 14.97 21.98 8.87
C9A FAD E . 14.53 21.23 7.78
N10 FAD E . 15.04 21.47 6.49
C10 FAD E . 14.57 20.69 5.43
C1' FAD E . 16.04 22.52 6.29
C2' FAD E . 17.42 21.94 6.01
O2' FAD E . 17.98 21.42 7.23
C3' FAD E . 18.31 23.03 5.44
O3' FAD E . 17.72 23.53 4.24
C4' FAD E . 19.72 22.52 5.15
O4' FAD E . 20.37 22.14 6.37
C5' FAD E . 20.54 23.61 4.46
O5' FAD E . 21.86 23.12 4.22
P FAD E . 23.12 24.06 4.48
O1P FAD E . 24.34 23.18 4.61
O2P FAD E . 23.08 25.16 3.44
O3P FAD E . 22.77 24.71 5.91
FE1 F3S F . 12.87 5.57 9.56
FE3 F3S F . 14.98 6.82 11.22
FE4 F3S F . 12.51 8.32 10.60
S1 F3S F . 14.60 4.72 10.61
S2 F3S F . 11.09 6.82 9.85
S3 F3S F . 14.04 7.40 9.34
S4 F3S F . 14.04 8.56 12.15
PA FAD G . -22.05 -25.28 -6.10
O1A FAD G . -20.99 -24.76 -5.17
O2A FAD G . -21.66 -25.86 -7.45
O5B FAD G . -22.89 -26.38 -5.30
C5B FAD G . -23.71 -27.32 -5.98
C4B FAD G . -23.61 -28.68 -5.29
O4B FAD G . -24.75 -29.49 -5.62
C3B FAD G . -22.37 -29.43 -5.73
O3B FAD G . -21.61 -29.85 -4.59
C2B FAD G . -22.89 -30.64 -6.48
O2B FAD G . -22.09 -31.80 -6.24
C1B FAD G . -24.31 -30.80 -5.94
N9A FAD G . -25.15 -31.46 -6.96
C8A FAD G . -25.21 -31.14 -8.27
N7A FAD G . -26.08 -31.94 -8.93
C5A FAD G . -26.61 -32.79 -8.02
C6A FAD G . -27.60 -33.89 -8.05
N6A FAD G . -28.21 -34.24 -9.21
N1A FAD G . -27.87 -34.52 -6.89
C2A FAD G . -27.27 -34.18 -5.73
N3A FAD G . -26.36 -33.19 -5.64
C4A FAD G . -25.99 -32.47 -6.73
N1 FAD G . -17.92 -16.99 -7.55
C2 FAD G . -17.81 -15.78 -6.93
O2 FAD G . -18.85 -15.22 -6.48
N3 FAD G . -16.63 -15.13 -6.80
C4 FAD G . -15.49 -15.65 -7.25
O4 FAD G . -14.41 -15.04 -7.11
C4X FAD G . -15.52 -16.95 -7.94
N5 FAD G . -14.40 -17.52 -8.43
C5X FAD G . -14.45 -18.73 -9.04
C6 FAD G . -13.28 -19.29 -9.53
C7 FAD G . -13.31 -20.51 -10.18
C7M FAD G . -12.05 -21.14 -10.71
C8 FAD G . -14.60 -21.24 -10.34
C8M FAD G . -14.61 -22.58 -11.03
C9 FAD G . -15.78 -20.68 -9.85
C9A FAD G . -15.75 -19.44 -9.21
N10 FAD G . -16.93 -18.87 -8.70
C10 FAD G . -16.84 -17.61 -8.07
C1' FAD G . -18.22 -19.53 -8.85
C2' FAD G . -18.68 -20.18 -7.56
O2' FAD G . -17.84 -21.31 -7.27
C3' FAD G . -20.12 -20.65 -7.70
O3' FAD G . -20.99 -19.57 -8.11
C4' FAD G . -20.60 -21.23 -6.38
O4' FAD G . -19.91 -22.46 -6.14
C5' FAD G . -22.11 -21.46 -6.42
O5' FAD G . -22.53 -22.05 -5.20
P FAD G . -23.70 -23.16 -5.23
O1P FAD G . -23.70 -23.90 -3.91
O2P FAD G . -24.96 -22.47 -5.70
O3P FAD G . -23.14 -24.11 -6.39
FE1 F3S H . -4.15 -16.38 1.09
FE3 F3S H . -5.02 -19.22 0.84
FE4 F3S H . -5.03 -17.44 -1.55
S1 F3S H . -3.87 -18.13 2.39
S2 F3S H . -3.76 -15.73 -0.98
S3 F3S H . -6.00 -17.32 0.40
S4 F3S H . -5.03 -19.63 -1.32
#